data_9LHO
#
_entry.id   9LHO
#
_cell.length_a   1.00
_cell.length_b   1.00
_cell.length_c   1.00
_cell.angle_alpha   90.00
_cell.angle_beta   90.00
_cell.angle_gamma   90.00
#
_symmetry.space_group_name_H-M   'P 1'
#
loop_
_entity.id
_entity.type
_entity.pdbx_description
1 polymer Hemagglutinin
2 polymer 'scFv of 6Y13 chimera'
3 non-polymer 2-acetamido-2-deoxy-beta-D-glucopyranose
#
loop_
_entity_poly.entity_id
_entity_poly.type
_entity_poly.pdbx_seq_one_letter_code
_entity_poly.pdbx_strand_id
1 'polypeptide(L)'
;DKICLGHHAVSNGTKVNTLTERGVEVVNATETVERTNVPRICSKGKRTVDLGQCGLLGTITGPPQCDQFLEFSADLIIER
REGSDVCYPGKFVNEEALRQILRESGGIDKETMGFTYSGIRTNGATSACRRSGSSFYAEMKWLLSNTDNAAFPQMTKSYK
NTRRDPALIVWGIHHSGSTTEQTKLYGSGSKLITVGSSNYQQSFVPSPGARPQVNGQSGRIDFHWLILNPNDTVTFSFNG
AFIAPDRASFLRGKSMGIQSGVQVDANCEGDCYHSGGTIISNLPFQNINSRAVGKCPRYVKQESLMLATGMKNVPELPKG
RGLFGAIAGFIENGWEGLIDGWYGFRHQNAQGEGTAADYKSTQSAIDQITGKLNRLIEKTNQQFELIDNEFTEVEKQIGN
VINWTRDSMTEVWSYNAELLVAMENQHTIDLADSEMNKLYERVRRQLRENAEEDGTGCFEIFHKCDDDCMASIRNNTYDH
SKYREEAMQNRIQIDPVKEFRLVPR
;
A,B,C,D,E,F
2 'polypeptide(L)'
;DIVMTQSPDSLAVSLGERATINCKSSQSVLSGSINMNYLAWYQQKPGQPPKLLIYWASTRESGVPDRFTGSGSGTDFTLT
VSSLQAEDVAVYYCQQYYSTPLTFGGGTKVEIKGGGGSGGGGSGGGGSQVQLVESGGGVVQPGRSLRLSCAASGFSFSNY
GLHWVRQAPGKGLDWVAVISYDGTNKYYADSVKGRFTISRDNSKNTLHLQMNSLRAEDTAVYYCAKGRGPYCSSSICYHG
MDVWGQGTTVTVSSHHHHHHHHHH
;
H,N,S,I,O,T
#
# COMPACT_ATOMS: atom_id res chain seq x y z
N ILE A 3 39.05 -52.84 12.18
CA ILE A 3 39.35 -51.45 11.85
C ILE A 3 38.52 -50.51 12.71
N CYS A 4 38.88 -49.24 12.72
CA CYS A 4 38.11 -48.21 13.41
C CYS A 4 37.66 -47.17 12.38
N LEU A 5 36.37 -46.91 12.35
CA LEU A 5 35.77 -46.06 11.33
C LEU A 5 35.24 -44.80 12.01
N GLY A 6 35.57 -43.64 11.44
CA GLY A 6 35.24 -42.38 12.07
C GLY A 6 35.20 -41.25 11.08
N HIS A 7 34.96 -40.05 11.61
CA HIS A 7 34.87 -38.83 10.82
C HIS A 7 35.91 -37.83 11.29
N HIS A 8 35.85 -36.62 10.74
CA HIS A 8 36.81 -35.56 11.03
C HIS A 8 36.17 -34.50 11.91
N ALA A 9 37.03 -33.78 12.63
CA ALA A 9 36.59 -32.71 13.52
C ALA A 9 37.72 -31.72 13.71
N VAL A 10 37.38 -30.54 14.22
CA VAL A 10 38.35 -29.49 14.51
C VAL A 10 38.15 -29.04 15.95
N SER A 11 39.20 -28.40 16.50
CA SER A 11 39.12 -27.89 17.86
C SER A 11 38.18 -26.69 17.96
N ASN A 12 38.21 -25.80 16.97
CA ASN A 12 37.38 -24.61 16.94
C ASN A 12 36.52 -24.63 15.69
N GLY A 13 35.24 -24.86 15.85
CA GLY A 13 34.26 -24.85 14.77
C GLY A 13 33.42 -23.60 14.79
N THR A 14 32.13 -23.77 14.49
CA THR A 14 31.19 -22.66 14.42
C THR A 14 29.88 -23.06 15.08
N LYS A 15 29.24 -22.12 15.76
CA LYS A 15 27.93 -22.35 16.37
C LYS A 15 26.84 -21.95 15.38
N VAL A 16 25.98 -22.90 15.02
CA VAL A 16 24.93 -22.67 14.05
C VAL A 16 23.58 -22.99 14.68
N ASN A 17 22.52 -22.44 14.08
CA ASN A 17 21.16 -22.67 14.54
C ASN A 17 20.55 -23.85 13.79
N THR A 18 19.74 -24.63 14.51
CA THR A 18 19.17 -25.86 13.99
C THR A 18 17.76 -25.98 14.53
N LEU A 19 16.93 -26.80 13.85
CA LEU A 19 15.54 -26.97 14.23
C LEU A 19 15.42 -27.54 15.65
N THR A 20 16.23 -28.53 15.98
CA THR A 20 16.09 -29.20 17.27
C THR A 20 16.79 -28.42 18.38
N GLU A 21 18.05 -28.05 18.18
CA GLU A 21 18.82 -27.34 19.19
C GLU A 21 19.41 -26.07 18.59
N ARG A 22 19.61 -25.07 19.44
CA ARG A 22 20.14 -23.78 19.04
C ARG A 22 21.58 -23.64 19.53
N GLY A 23 22.48 -23.26 18.63
CA GLY A 23 23.87 -23.12 18.98
C GLY A 23 24.66 -24.41 18.96
N VAL A 24 24.44 -25.25 17.96
CA VAL A 24 25.15 -26.52 17.87
C VAL A 24 26.49 -26.30 17.19
N GLU A 25 27.47 -27.14 17.54
CA GLU A 25 28.85 -26.95 17.15
C GLU A 25 29.13 -27.75 15.87
N VAL A 26 29.62 -27.08 14.83
CA VAL A 26 29.90 -27.74 13.56
C VAL A 26 31.36 -27.51 13.19
N VAL A 27 31.88 -28.40 12.34
CA VAL A 27 33.27 -28.33 11.93
C VAL A 27 33.52 -27.11 11.03
N ASN A 28 32.55 -26.75 10.20
CA ASN A 28 32.69 -25.60 9.33
C ASN A 28 31.30 -25.11 8.93
N ALA A 29 31.17 -23.80 8.77
CA ALA A 29 29.90 -23.20 8.40
C ALA A 29 30.17 -21.96 7.57
N THR A 30 29.16 -21.56 6.81
CA THR A 30 29.27 -20.45 5.88
C THR A 30 28.33 -19.32 6.27
N GLU A 31 28.65 -18.14 5.77
CA GLU A 31 27.85 -16.95 5.99
C GLU A 31 26.51 -17.10 5.25
N THR A 32 25.48 -16.48 5.79
CA THR A 32 24.19 -16.40 5.10
C THR A 32 23.72 -14.96 4.93
N VAL A 33 23.67 -14.20 6.02
CA VAL A 33 23.28 -12.79 5.97
C VAL A 33 24.51 -11.94 5.68
N GLU A 34 24.43 -11.12 4.64
CA GLU A 34 25.56 -10.30 4.26
C GLU A 34 25.62 -9.05 5.12
N ARG A 35 26.67 -8.92 5.92
CA ARG A 35 26.88 -7.74 6.75
C ARG A 35 27.89 -6.76 6.17
N THR A 36 28.81 -7.22 5.33
CA THR A 36 29.86 -6.37 4.79
C THR A 36 29.27 -5.42 3.76
N ASN A 37 29.35 -4.12 4.05
CA ASN A 37 28.80 -3.09 3.18
C ASN A 37 29.93 -2.30 2.53
N VAL A 38 29.81 -2.07 1.22
CA VAL A 38 30.75 -1.25 0.49
C VAL A 38 30.27 0.20 0.58
N PRO A 39 31.03 1.10 1.23
CA PRO A 39 30.56 2.49 1.37
C PRO A 39 30.88 3.34 0.15
N ARG A 40 30.66 2.79 -1.04
CA ARG A 40 30.88 3.49 -2.29
C ARG A 40 29.86 2.98 -3.30
N ILE A 41 29.41 3.87 -4.18
CA ILE A 41 28.54 3.47 -5.30
C ILE A 41 29.47 3.08 -6.43
N CYS A 42 29.96 1.85 -6.38
CA CYS A 42 30.81 1.29 -7.41
C CYS A 42 29.95 0.48 -8.37
N SER A 43 29.72 1.04 -9.56
CA SER A 43 28.69 0.55 -10.49
C SER A 43 29.23 0.53 -11.93
N LYS A 44 30.40 -0.08 -12.13
CA LYS A 44 30.97 -0.14 -13.47
C LYS A 44 30.11 -0.98 -14.40
N GLY A 45 30.17 -0.66 -15.69
CA GLY A 45 29.34 -1.30 -16.68
C GLY A 45 27.96 -0.68 -16.86
N LYS A 46 27.63 0.34 -16.07
CA LYS A 46 26.33 1.00 -16.15
C LYS A 46 26.53 2.51 -16.22
N ARG A 47 25.67 3.17 -16.99
CA ARG A 47 25.70 4.63 -17.04
C ARG A 47 25.22 5.20 -15.71
N THR A 48 25.89 6.25 -15.25
CA THR A 48 25.67 6.78 -13.91
C THR A 48 25.80 8.30 -13.92
N VAL A 49 24.83 8.99 -13.33
CA VAL A 49 24.91 10.42 -13.07
C VAL A 49 24.84 10.63 -11.56
N ASP A 50 25.68 11.53 -11.06
CA ASP A 50 25.72 11.90 -9.64
C ASP A 50 25.16 13.31 -9.53
N LEU A 51 23.91 13.41 -9.07
CA LEU A 51 23.19 14.68 -9.11
C LEU A 51 23.80 15.71 -8.16
N GLY A 52 24.30 15.29 -7.00
CA GLY A 52 24.97 16.20 -6.10
C GLY A 52 24.06 17.25 -5.50
N GLN A 53 24.38 18.52 -5.72
CA GLN A 53 23.55 19.63 -5.27
C GLN A 53 22.25 19.76 -6.05
N CYS A 54 22.11 19.03 -7.14
CA CYS A 54 20.89 19.03 -7.94
C CYS A 54 19.91 17.97 -7.45
N GLY A 55 18.62 18.30 -7.52
CA GLY A 55 17.57 17.37 -7.16
C GLY A 55 17.00 16.69 -8.40
N LEU A 56 16.30 15.58 -8.17
CA LEU A 56 15.75 14.81 -9.29
C LEU A 56 14.69 15.60 -10.04
N LEU A 57 13.77 16.24 -9.31
CA LEU A 57 12.75 17.06 -9.96
C LEU A 57 13.34 18.31 -10.61
N GLY A 58 14.46 18.80 -10.08
CA GLY A 58 15.08 19.99 -10.66
C GLY A 58 15.54 19.80 -12.08
N THR A 59 15.99 18.58 -12.43
CA THR A 59 16.32 18.26 -13.81
C THR A 59 15.13 18.46 -14.74
N ILE A 60 13.91 18.30 -14.23
CA ILE A 60 12.72 18.59 -15.01
C ILE A 60 12.59 20.10 -15.22
N THR A 61 12.84 20.88 -14.17
CA THR A 61 12.48 22.29 -14.19
C THR A 61 13.68 23.21 -14.42
N GLY A 62 14.85 22.87 -13.88
CA GLY A 62 16.07 23.61 -14.14
C GLY A 62 16.44 24.77 -13.23
N PRO A 63 16.70 24.50 -11.94
CA PRO A 63 17.39 25.49 -11.11
C PRO A 63 18.86 25.58 -11.49
N PRO A 64 19.59 26.59 -10.99
CA PRO A 64 21.03 26.68 -11.35
C PRO A 64 21.85 25.47 -10.94
N GLN A 65 21.53 24.83 -9.82
CA GLN A 65 22.25 23.64 -9.41
C GLN A 65 21.99 22.45 -10.33
N CYS A 66 20.86 22.48 -11.06
CA CYS A 66 20.52 21.41 -11.99
C CYS A 66 20.83 21.78 -13.43
N ASP A 67 21.79 22.68 -13.64
CA ASP A 67 22.20 23.02 -15.00
C ASP A 67 22.93 21.87 -15.67
N GLN A 68 23.79 21.17 -14.91
CA GLN A 68 24.64 20.13 -15.51
C GLN A 68 23.82 18.93 -15.94
N PHE A 69 22.77 18.61 -15.20
CA PHE A 69 21.99 17.38 -15.41
C PHE A 69 20.59 17.68 -15.93
N LEU A 70 20.47 18.70 -16.79
CA LEU A 70 19.15 19.13 -17.24
C LEU A 70 18.51 18.13 -18.19
N GLU A 71 19.28 17.60 -19.14
CA GLU A 71 18.79 16.58 -20.06
C GLU A 71 19.85 15.47 -20.11
N PHE A 72 20.04 14.85 -18.95
CA PHE A 72 20.99 13.75 -18.81
C PHE A 72 20.41 12.46 -19.40
N SER A 73 21.22 11.41 -19.34
CA SER A 73 20.78 10.06 -19.71
C SER A 73 21.67 9.05 -19.02
N ALA A 74 21.10 8.24 -18.13
CA ALA A 74 21.88 7.22 -17.44
C ALA A 74 20.95 6.10 -17.01
N ASP A 75 21.54 4.94 -16.75
CA ASP A 75 20.83 3.79 -16.21
C ASP A 75 20.89 3.73 -14.69
N LEU A 76 21.52 4.72 -14.06
CA LEU A 76 21.59 4.79 -12.60
C LEU A 76 21.55 6.26 -12.20
N ILE A 77 20.47 6.68 -11.56
CA ILE A 77 20.28 8.06 -11.13
C ILE A 77 20.49 8.11 -9.62
N ILE A 78 21.40 8.97 -9.17
CA ILE A 78 21.81 9.04 -7.77
C ILE A 78 21.41 10.39 -7.22
N GLU A 79 20.53 10.38 -6.22
CA GLU A 79 20.08 11.60 -5.55
C GLU A 79 20.81 11.78 -4.24
N ARG A 80 20.92 13.04 -3.81
CA ARG A 80 21.61 13.39 -2.58
C ARG A 80 20.70 14.23 -1.69
N ARG A 81 20.97 14.21 -0.39
CA ARG A 81 20.20 15.02 0.54
C ARG A 81 20.46 16.51 0.35
N GLU A 82 21.69 16.88 -0.04
CA GLU A 82 21.99 18.27 -0.34
C GLU A 82 21.37 18.73 -1.65
N GLY A 83 20.83 17.81 -2.46
CA GLY A 83 20.21 18.18 -3.71
C GLY A 83 18.87 18.87 -3.53
N SER A 84 18.77 20.11 -4.00
CA SER A 84 17.53 20.87 -3.96
C SER A 84 16.87 20.86 -5.33
N ASP A 85 15.55 20.83 -5.33
CA ASP A 85 14.78 20.72 -6.57
C ASP A 85 14.44 22.07 -7.17
N VAL A 86 14.36 23.13 -6.38
CA VAL A 86 13.91 24.44 -6.85
C VAL A 86 14.90 25.51 -6.40
N CYS A 87 14.97 26.59 -7.18
CA CYS A 87 15.68 27.80 -6.76
C CYS A 87 14.70 28.80 -6.15
N TYR A 88 13.71 29.22 -6.93
CA TYR A 88 12.58 29.95 -6.35
C TYR A 88 11.77 29.00 -5.46
N PRO A 89 11.36 29.44 -4.27
CA PRO A 89 10.68 28.53 -3.34
C PRO A 89 9.37 28.01 -3.90
N GLY A 90 9.08 26.75 -3.60
CA GLY A 90 7.89 26.11 -4.11
C GLY A 90 7.90 24.63 -3.76
N LYS A 91 6.90 23.93 -4.31
CA LYS A 91 6.75 22.51 -4.02
C LYS A 91 6.01 21.84 -5.18
N PHE A 92 6.45 20.63 -5.52
CA PHE A 92 5.78 19.84 -6.54
C PHE A 92 4.58 19.12 -5.94
N VAL A 93 3.42 19.25 -6.57
CA VAL A 93 2.27 18.45 -6.17
C VAL A 93 2.41 17.05 -6.75
N ASN A 94 1.94 16.06 -5.99
CA ASN A 94 2.14 14.64 -6.29
C ASN A 94 3.63 14.35 -6.52
N GLU A 95 4.42 14.69 -5.51
CA GLU A 95 5.88 14.74 -5.65
C GLU A 95 6.46 13.36 -5.87
N GLU A 96 6.04 12.38 -5.07
CA GLU A 96 6.66 11.05 -5.15
C GLU A 96 6.28 10.33 -6.42
N ALA A 97 5.10 10.60 -6.99
CA ALA A 97 4.75 10.02 -8.28
C ALA A 97 5.69 10.49 -9.37
N LEU A 98 6.00 11.80 -9.40
CA LEU A 98 6.94 12.33 -10.37
C LEU A 98 8.35 11.81 -10.11
N ARG A 99 8.74 11.66 -8.85
CA ARG A 99 10.05 11.12 -8.52
C ARG A 99 10.18 9.68 -9.00
N GLN A 100 9.15 8.87 -8.82
CA GLN A 100 9.19 7.48 -9.26
C GLN A 100 9.11 7.36 -10.78
N ILE A 101 8.44 8.32 -11.43
CA ILE A 101 8.48 8.37 -12.89
C ILE A 101 9.88 8.69 -13.38
N LEU A 102 10.55 9.65 -12.72
CA LEU A 102 11.89 10.06 -13.14
C LEU A 102 12.92 8.98 -12.86
N ARG A 103 12.77 8.22 -11.79
CA ARG A 103 13.73 7.17 -11.45
C ARG A 103 13.72 6.03 -12.46
N GLU A 104 12.63 5.84 -13.18
CA GLU A 104 12.52 4.81 -14.22
C GLU A 104 12.48 5.41 -15.62
N SER A 105 13.21 6.50 -15.83
CA SER A 105 13.17 7.22 -17.10
C SER A 105 14.36 6.93 -18.00
N GLY A 106 15.50 6.50 -17.45
CA GLY A 106 16.71 6.36 -18.23
C GLY A 106 17.23 7.69 -18.73
N GLY A 107 17.07 8.75 -17.95
CA GLY A 107 17.35 10.10 -18.39
C GLY A 107 16.15 10.73 -19.07
N ILE A 108 16.25 12.02 -19.31
CA ILE A 108 15.16 12.81 -19.88
C ILE A 108 15.68 13.61 -21.06
N ASP A 109 14.78 13.91 -21.99
CA ASP A 109 15.04 14.81 -23.10
C ASP A 109 14.11 15.99 -23.02
N LYS A 110 14.53 17.11 -23.60
CA LYS A 110 13.72 18.32 -23.66
C LYS A 110 13.41 18.63 -25.12
N GLU A 111 12.13 18.70 -25.45
CA GLU A 111 11.68 19.00 -26.81
C GLU A 111 10.83 20.27 -26.77
N THR A 112 11.19 21.24 -27.61
CA THR A 112 10.61 22.57 -27.52
C THR A 112 9.12 22.56 -27.85
N MET A 113 8.37 23.41 -27.14
CA MET A 113 6.93 23.50 -27.30
C MET A 113 6.52 24.45 -28.42
N GLY A 114 7.37 25.39 -28.79
CA GLY A 114 6.99 26.40 -29.77
C GLY A 114 5.92 27.35 -29.27
N PHE A 115 5.96 27.71 -28.00
CA PHE A 115 4.97 28.59 -27.39
C PHE A 115 5.42 30.03 -27.56
N THR A 116 5.04 30.65 -28.68
CA THR A 116 5.31 32.06 -28.90
C THR A 116 4.32 32.90 -28.10
N TYR A 117 4.78 34.06 -27.63
CA TYR A 117 3.98 34.91 -26.75
C TYR A 117 4.02 36.34 -27.26
N SER A 118 2.85 36.96 -27.36
CA SER A 118 2.73 38.35 -27.80
C SER A 118 1.91 39.12 -26.78
N GLY A 119 2.35 40.34 -26.48
CA GLY A 119 1.66 41.21 -25.55
C GLY A 119 2.02 41.03 -24.09
N ILE A 120 2.94 40.13 -23.78
CA ILE A 120 3.41 39.93 -22.41
C ILE A 120 4.92 39.85 -22.40
N ARG A 121 5.48 40.03 -21.20
CA ARG A 121 6.92 39.94 -20.98
C ARG A 121 7.21 38.59 -20.32
N THR A 122 8.07 37.80 -20.95
CA THR A 122 8.24 36.39 -20.57
C THR A 122 9.53 36.10 -19.85
N ASN A 123 10.50 37.02 -19.82
CA ASN A 123 11.77 36.78 -19.15
C ASN A 123 11.62 37.04 -17.65
N GLY A 124 11.14 36.00 -16.95
CA GLY A 124 10.99 36.11 -15.52
C GLY A 124 12.32 36.26 -14.81
N ALA A 125 12.29 36.99 -13.70
CA ALA A 125 13.53 37.32 -13.00
C ALA A 125 13.28 37.32 -11.49
N THR A 126 14.01 36.48 -10.78
CA THR A 126 13.95 36.42 -9.32
C THR A 126 15.36 36.58 -8.76
N SER A 127 15.45 37.21 -7.59
CA SER A 127 16.74 37.35 -6.92
C SER A 127 17.19 36.05 -6.28
N ALA A 128 16.26 35.12 -6.01
CA ALA A 128 16.63 33.85 -5.38
C ALA A 128 17.30 32.91 -6.37
N CYS A 129 16.88 32.94 -7.64
CA CYS A 129 17.34 32.00 -8.65
C CYS A 129 18.40 32.73 -9.48
N ARG A 130 19.63 32.73 -8.98
CA ARG A 130 20.66 33.69 -9.36
C ARG A 130 21.83 33.01 -10.03
N ARG A 131 22.20 33.49 -11.21
CA ARG A 131 23.49 33.16 -11.83
C ARG A 131 24.34 34.41 -12.00
N SER A 132 23.84 35.41 -12.74
CA SER A 132 24.50 36.68 -12.93
C SER A 132 23.62 37.86 -12.56
N GLY A 133 22.39 37.62 -12.13
CA GLY A 133 21.47 38.67 -11.73
C GLY A 133 20.10 38.09 -11.42
N SER A 134 19.07 38.92 -11.50
CA SER A 134 17.70 38.44 -11.31
C SER A 134 17.31 37.58 -12.51
N SER A 135 17.01 36.32 -12.27
CA SER A 135 16.80 35.36 -13.34
C SER A 135 15.75 34.34 -12.90
N PHE A 136 15.63 33.25 -13.65
CA PHE A 136 14.59 32.26 -13.42
C PHE A 136 15.12 30.87 -13.82
N TYR A 137 14.21 29.93 -14.01
CA TYR A 137 14.55 28.54 -14.28
C TYR A 137 15.06 28.36 -15.70
N ALA A 138 15.38 27.11 -16.03
CA ALA A 138 15.93 26.80 -17.35
C ALA A 138 14.83 26.79 -18.42
N GLU A 139 13.79 25.99 -18.20
CA GLU A 139 12.75 25.78 -19.20
C GLU A 139 11.42 26.40 -18.82
N MET A 140 11.41 27.32 -17.87
CA MET A 140 10.20 27.97 -17.39
C MET A 140 10.26 29.46 -17.70
N LYS A 141 9.20 29.98 -18.33
CA LYS A 141 8.99 31.41 -18.45
C LYS A 141 7.92 31.85 -17.47
N TRP A 142 8.34 32.60 -16.46
CA TRP A 142 7.41 33.30 -15.58
C TRP A 142 6.77 34.43 -16.37
N LEU A 143 5.49 34.27 -16.71
CA LEU A 143 4.83 35.23 -17.60
C LEU A 143 4.32 36.41 -16.77
N LEU A 144 5.01 37.53 -16.88
CA LEU A 144 4.66 38.76 -16.18
C LEU A 144 3.71 39.58 -17.06
N SER A 145 3.41 40.79 -16.59
CA SER A 145 2.63 41.75 -17.37
C SER A 145 3.55 42.44 -18.37
N ASN A 146 3.07 43.51 -19.00
CA ASN A 146 3.86 44.19 -20.03
C ASN A 146 5.05 44.92 -19.41
N THR A 147 4.78 45.94 -18.59
CA THR A 147 5.83 46.68 -17.90
C THR A 147 5.53 46.87 -16.41
N ASP A 148 4.26 46.93 -16.03
CA ASP A 148 3.84 47.26 -14.68
C ASP A 148 2.43 46.69 -14.50
N ASN A 149 1.71 47.19 -13.50
CA ASN A 149 0.32 46.80 -13.25
C ASN A 149 -0.52 46.96 -14.51
N ALA A 150 -0.94 45.85 -15.09
CA ALA A 150 -1.69 45.84 -16.33
C ALA A 150 -2.37 44.48 -16.48
N ALA A 151 -3.48 44.46 -17.21
CA ALA A 151 -4.28 43.26 -17.35
C ALA A 151 -3.54 42.22 -18.17
N PHE A 152 -3.31 41.05 -17.58
CA PHE A 152 -2.71 39.94 -18.30
C PHE A 152 -3.75 39.37 -19.26
N PRO A 153 -3.47 39.32 -20.56
CA PRO A 153 -4.47 38.79 -21.51
C PRO A 153 -4.72 37.30 -21.31
N GLN A 154 -5.98 36.91 -21.48
CA GLN A 154 -6.37 35.51 -21.39
C GLN A 154 -5.80 34.76 -22.59
N MET A 155 -4.91 33.82 -22.34
CA MET A 155 -4.19 33.14 -23.40
C MET A 155 -4.43 31.64 -23.34
N THR A 156 -4.74 31.05 -24.50
CA THR A 156 -4.92 29.60 -24.65
C THR A 156 -3.79 29.10 -25.54
N LYS A 157 -2.91 28.27 -24.98
CA LYS A 157 -1.78 27.70 -25.69
C LYS A 157 -1.90 26.18 -25.70
N SER A 158 -1.82 25.59 -26.88
CA SER A 158 -1.99 24.15 -27.05
C SER A 158 -0.68 23.54 -27.54
N TYR A 159 -0.28 22.42 -26.92
CA TYR A 159 0.88 21.67 -27.35
C TYR A 159 0.46 20.22 -27.59
N LYS A 160 0.76 19.71 -28.78
CA LYS A 160 0.40 18.35 -29.17
C LYS A 160 1.66 17.48 -29.19
N ASN A 161 1.64 16.42 -28.39
CA ASN A 161 2.75 15.48 -28.34
C ASN A 161 2.71 14.60 -29.59
N THR A 162 3.51 14.97 -30.60
CA THR A 162 3.57 14.22 -31.84
C THR A 162 4.54 13.04 -31.78
N ARG A 163 5.27 12.89 -30.68
CA ARG A 163 6.22 11.80 -30.56
C ARG A 163 5.49 10.48 -30.28
N ARG A 164 6.25 9.39 -30.36
CA ARG A 164 5.71 8.05 -30.14
C ARG A 164 5.83 7.58 -28.70
N ASP A 165 6.27 8.45 -27.80
CA ASP A 165 6.42 8.16 -26.38
C ASP A 165 5.68 9.19 -25.54
N PRO A 166 5.23 8.82 -24.33
CA PRO A 166 4.44 9.77 -23.53
C PRO A 166 5.30 10.90 -22.98
N ALA A 167 4.92 12.13 -23.32
CA ALA A 167 5.62 13.31 -22.84
C ALA A 167 5.32 13.57 -21.37
N LEU A 168 6.25 14.23 -20.70
CA LEU A 168 6.09 14.63 -19.30
C LEU A 168 5.94 16.15 -19.28
N ILE A 169 4.71 16.62 -19.18
CA ILE A 169 4.42 18.06 -19.20
C ILE A 169 4.49 18.58 -17.78
N VAL A 170 5.10 19.74 -17.61
CA VAL A 170 5.28 20.35 -16.29
C VAL A 170 5.02 21.85 -16.41
N TRP A 171 4.42 22.43 -15.38
CA TRP A 171 4.24 23.88 -15.33
C TRP A 171 4.16 24.30 -13.88
N GLY A 172 4.14 25.61 -13.67
CA GLY A 172 4.17 26.16 -12.33
C GLY A 172 3.09 27.21 -12.13
N ILE A 173 2.74 27.41 -10.86
CA ILE A 173 1.73 28.36 -10.44
C ILE A 173 2.35 29.27 -9.39
N HIS A 174 2.31 30.57 -9.62
CA HIS A 174 2.95 31.54 -8.73
C HIS A 174 1.92 32.14 -7.80
N HIS A 175 2.04 31.84 -6.51
CA HIS A 175 1.27 32.51 -5.45
C HIS A 175 2.18 33.58 -4.87
N SER A 176 1.85 34.84 -5.12
CA SER A 176 2.72 35.94 -4.73
C SER A 176 2.71 36.13 -3.22
N GLY A 177 3.69 36.89 -2.72
CA GLY A 177 3.77 37.18 -1.30
C GLY A 177 2.68 38.10 -0.81
N SER A 178 1.99 38.79 -1.72
CA SER A 178 0.88 39.66 -1.35
C SER A 178 -0.01 39.82 -2.58
N THR A 179 -1.23 40.31 -2.34
CA THR A 179 -2.12 40.64 -3.45
C THR A 179 -1.57 41.82 -4.26
N THR A 180 -0.94 42.77 -3.58
CA THR A 180 -0.32 43.90 -4.28
C THR A 180 0.79 43.44 -5.21
N GLU A 181 1.61 42.48 -4.76
CA GLU A 181 2.64 41.94 -5.63
C GLU A 181 2.04 41.18 -6.82
N GLN A 182 0.94 40.46 -6.58
CA GLN A 182 0.27 39.76 -7.68
C GLN A 182 -0.27 40.74 -8.71
N THR A 183 -0.83 41.86 -8.26
CA THR A 183 -1.28 42.89 -9.19
C THR A 183 -0.10 43.57 -9.89
N LYS A 184 1.04 43.69 -9.21
CA LYS A 184 2.22 44.25 -9.84
C LYS A 184 2.72 43.36 -10.96
N LEU A 185 2.71 42.05 -10.74
CA LEU A 185 3.28 41.12 -11.71
C LEU A 185 2.31 40.74 -12.83
N TYR A 186 1.01 40.66 -12.54
CA TYR A 186 0.03 40.19 -13.52
C TYR A 186 -1.20 41.07 -13.68
N GLY A 187 -1.44 42.03 -12.78
CA GLY A 187 -2.59 42.89 -12.86
C GLY A 187 -3.70 42.47 -11.89
N SER A 188 -4.74 43.29 -11.86
CA SER A 188 -5.88 43.06 -10.99
C SER A 188 -6.77 41.97 -11.59
N GLY A 189 -7.80 41.58 -10.83
CA GLY A 189 -8.73 40.57 -11.28
C GLY A 189 -8.38 39.20 -10.73
N SER A 190 -9.39 38.33 -10.68
CA SER A 190 -9.22 36.97 -10.17
C SER A 190 -8.69 36.10 -11.30
N LYS A 191 -7.38 35.81 -11.25
CA LYS A 191 -6.78 34.94 -12.25
C LYS A 191 -7.27 33.51 -12.08
N LEU A 192 -7.56 32.86 -13.21
CA LEU A 192 -7.99 31.47 -13.19
C LEU A 192 -7.33 30.76 -14.37
N ILE A 193 -6.75 29.60 -14.11
CA ILE A 193 -6.01 28.83 -15.11
C ILE A 193 -6.60 27.44 -15.19
N THR A 194 -6.88 26.99 -16.41
CA THR A 194 -7.33 25.63 -16.66
C THR A 194 -6.29 24.89 -17.50
N VAL A 195 -6.09 23.62 -17.20
CA VAL A 195 -5.19 22.75 -17.95
C VAL A 195 -6.00 21.55 -18.41
N GLY A 196 -6.16 21.41 -19.72
CA GLY A 196 -7.04 20.40 -20.28
C GLY A 196 -6.28 19.37 -21.09
N SER A 197 -6.64 18.11 -20.91
CA SER A 197 -6.11 17.01 -21.68
C SER A 197 -7.18 15.94 -21.78
N SER A 198 -6.85 14.81 -22.42
CA SER A 198 -7.79 13.72 -22.52
C SER A 198 -8.01 13.05 -21.17
N ASN A 199 -6.95 12.93 -20.36
CA ASN A 199 -7.03 12.33 -19.04
C ASN A 199 -6.77 13.32 -17.92
N TYR A 200 -6.53 14.59 -18.23
CA TYR A 200 -6.25 15.61 -17.23
C TYR A 200 -7.24 16.77 -17.43
N GLN A 201 -8.01 17.06 -16.37
CA GLN A 201 -8.98 18.15 -16.40
C GLN A 201 -8.86 19.07 -15.19
N GLN A 202 -7.81 18.92 -14.39
CA GLN A 202 -7.69 19.69 -13.17
C GLN A 202 -7.44 21.16 -13.46
N SER A 203 -8.13 22.03 -12.72
CA SER A 203 -7.94 23.46 -12.80
C SER A 203 -7.80 24.01 -11.39
N PHE A 204 -7.50 25.31 -11.29
CA PHE A 204 -7.03 25.91 -10.06
C PHE A 204 -7.06 27.42 -10.19
N VAL A 205 -6.89 28.09 -9.04
CA VAL A 205 -6.83 29.55 -8.96
C VAL A 205 -5.63 29.93 -8.12
N PRO A 206 -4.76 30.82 -8.60
CA PRO A 206 -3.65 31.30 -7.76
C PRO A 206 -4.16 32.08 -6.56
N SER A 207 -3.44 31.93 -5.45
CA SER A 207 -3.87 32.47 -4.16
C SER A 207 -2.74 33.27 -3.53
N PRO A 208 -2.72 34.59 -3.75
CA PRO A 208 -1.69 35.42 -3.12
C PRO A 208 -1.88 35.48 -1.60
N GLY A 209 -0.75 35.62 -0.91
CA GLY A 209 -0.76 35.70 0.54
C GLY A 209 0.64 35.73 1.12
N ALA A 210 0.76 36.15 2.38
CA ALA A 210 2.07 36.21 3.01
C ALA A 210 2.58 34.82 3.36
N ARG A 211 3.86 34.62 3.17
CA ARG A 211 4.53 33.35 3.43
C ARG A 211 5.87 33.63 4.08
N PRO A 212 6.42 32.67 4.83
CA PRO A 212 7.78 32.84 5.36
C PRO A 212 8.80 32.94 4.24
N GLN A 213 9.85 33.73 4.49
CA GLN A 213 10.87 33.99 3.48
C GLN A 213 11.77 32.78 3.30
N VAL A 214 11.46 31.93 2.33
CA VAL A 214 12.27 30.76 2.00
C VAL A 214 13.15 31.11 0.81
N ASN A 215 14.47 30.92 0.97
CA ASN A 215 15.48 31.28 -0.03
C ASN A 215 15.41 32.74 -0.43
N GLY A 216 15.04 33.61 0.52
CA GLY A 216 14.97 35.04 0.24
C GLY A 216 13.81 35.46 -0.62
N GLN A 217 12.75 34.67 -0.70
CA GLN A 217 11.57 35.03 -1.46
C GLN A 217 10.32 34.60 -0.69
N SER A 218 9.21 35.28 -0.98
CA SER A 218 7.95 35.05 -0.28
C SER A 218 6.97 34.19 -1.08
N GLY A 219 6.78 34.48 -2.36
CA GLY A 219 5.84 33.71 -3.16
C GLY A 219 6.32 32.30 -3.40
N ARG A 220 5.36 31.41 -3.64
CA ARG A 220 5.63 29.99 -3.82
C ARG A 220 5.09 29.52 -5.16
N ILE A 221 5.79 28.59 -5.79
CA ILE A 221 5.38 28.04 -7.07
C ILE A 221 4.94 26.60 -6.84
N ASP A 222 3.64 26.35 -7.03
CA ASP A 222 3.12 24.99 -7.08
C ASP A 222 3.46 24.41 -8.44
N PHE A 223 4.31 23.39 -8.46
CA PHE A 223 4.80 22.80 -9.70
C PHE A 223 3.94 21.60 -10.05
N HIS A 224 2.96 21.82 -10.93
CA HIS A 224 2.08 20.76 -11.39
C HIS A 224 2.66 20.05 -12.60
N TRP A 225 2.18 18.84 -12.85
CA TRP A 225 2.68 18.04 -13.95
C TRP A 225 1.62 17.05 -14.40
N LEU A 226 1.79 16.55 -15.63
CA LEU A 226 0.95 15.49 -16.17
C LEU A 226 1.78 14.70 -17.18
N ILE A 227 1.19 13.62 -17.68
CA ILE A 227 1.79 12.78 -18.70
C ILE A 227 0.88 12.77 -19.91
N LEU A 228 1.40 13.19 -21.06
CA LEU A 228 0.65 13.18 -22.31
C LEU A 228 0.92 11.89 -23.08
N ASN A 229 -0.14 11.23 -23.51
CA ASN A 229 -0.01 10.07 -24.38
C ASN A 229 0.43 10.52 -25.77
N PRO A 230 0.99 9.60 -26.57
CA PRO A 230 1.26 9.94 -27.97
C PRO A 230 -0.03 10.25 -28.71
N ASN A 231 0.06 11.23 -29.62
CA ASN A 231 -1.09 11.81 -30.32
C ASN A 231 -2.14 12.30 -29.32
N ASP A 232 -1.73 13.28 -28.52
CA ASP A 232 -2.60 13.91 -27.54
C ASP A 232 -2.10 15.33 -27.31
N THR A 233 -3.02 16.26 -27.11
CA THR A 233 -2.67 17.66 -26.94
C THR A 233 -3.15 18.17 -25.58
N VAL A 234 -2.32 19.00 -24.96
CA VAL A 234 -2.64 19.66 -23.70
C VAL A 234 -2.89 21.14 -24.00
N THR A 235 -3.82 21.73 -23.26
CA THR A 235 -4.20 23.12 -23.47
C THR A 235 -4.09 23.86 -22.15
N PHE A 236 -3.28 24.91 -22.12
CA PHE A 236 -3.16 25.81 -20.97
C PHE A 236 -3.94 27.07 -21.29
N SER A 237 -5.03 27.31 -20.56
CA SER A 237 -5.84 28.50 -20.71
C SER A 237 -5.66 29.31 -19.42
N PHE A 238 -4.79 30.32 -19.48
CA PHE A 238 -4.42 31.09 -18.30
C PHE A 238 -4.80 32.55 -18.48
N ASN A 239 -5.47 33.10 -17.47
CA ASN A 239 -5.76 34.53 -17.43
C ASN A 239 -4.60 35.32 -16.83
N GLY A 240 -3.77 34.68 -16.02
CA GLY A 240 -2.62 35.34 -15.44
C GLY A 240 -1.96 34.46 -14.40
N ALA A 241 -0.82 34.93 -13.90
CA ALA A 241 -0.04 34.28 -12.86
C ALA A 241 0.36 32.85 -13.26
N PHE A 242 1.17 32.78 -14.32
CA PHE A 242 1.51 31.50 -14.91
C PHE A 242 3.03 31.35 -15.06
N ILE A 243 3.50 30.12 -14.87
CA ILE A 243 4.87 29.73 -15.15
C ILE A 243 4.83 28.74 -16.31
N ALA A 244 4.94 29.25 -17.52
CA ALA A 244 4.71 28.40 -18.70
C ALA A 244 5.95 27.56 -19.00
N PRO A 245 5.77 26.32 -19.42
CA PRO A 245 6.91 25.52 -19.87
C PRO A 245 7.44 26.02 -21.20
N ASP A 246 8.74 25.76 -21.42
CA ASP A 246 9.36 25.95 -22.71
C ASP A 246 9.60 24.63 -23.44
N ARG A 247 10.16 23.66 -22.74
CA ARG A 247 10.53 22.37 -23.32
C ARG A 247 9.80 21.27 -22.56
N ALA A 248 8.99 20.50 -23.27
CA ALA A 248 8.36 19.33 -22.69
C ALA A 248 9.40 18.26 -22.43
N SER A 249 9.25 17.57 -21.30
CA SER A 249 10.16 16.51 -20.91
C SER A 249 9.70 15.18 -21.48
N PHE A 250 10.65 14.37 -21.91
CA PHE A 250 10.37 13.11 -22.57
C PHE A 250 11.23 12.01 -21.96
N LEU A 251 10.61 10.87 -21.69
CA LEU A 251 11.32 9.73 -21.14
C LEU A 251 12.22 9.10 -22.20
N ARG A 252 13.23 8.36 -21.74
CA ARG A 252 14.17 7.69 -22.63
C ARG A 252 14.07 6.17 -22.57
N GLY A 253 14.11 5.60 -21.38
CA GLY A 253 14.07 4.15 -21.26
C GLY A 253 13.89 3.68 -19.83
N LYS A 254 14.62 2.65 -19.45
CA LYS A 254 14.51 2.06 -18.12
C LYS A 254 15.80 2.31 -17.34
N SER A 255 15.66 2.91 -16.16
CA SER A 255 16.78 3.09 -15.24
C SER A 255 16.43 2.54 -13.87
N MET A 256 17.26 2.82 -12.88
CA MET A 256 16.97 2.46 -11.50
C MET A 256 17.60 3.52 -10.61
N GLY A 257 16.78 4.33 -9.97
CA GLY A 257 17.23 5.49 -9.23
C GLY A 257 17.45 5.17 -7.76
N ILE A 258 18.56 5.67 -7.21
CA ILE A 258 18.91 5.48 -5.82
C ILE A 258 18.96 6.84 -5.14
N GLN A 259 19.04 6.80 -3.80
CA GLN A 259 19.21 7.98 -2.96
C GLN A 259 20.32 7.66 -1.97
N SER A 260 21.55 7.96 -2.35
CA SER A 260 22.73 7.60 -1.57
C SER A 260 23.39 8.86 -1.01
N GLY A 261 24.50 8.64 -0.30
CA GLY A 261 25.25 9.72 0.30
C GLY A 261 26.75 9.53 0.22
N VAL A 262 27.19 8.52 -0.53
CA VAL A 262 28.61 8.23 -0.69
C VAL A 262 29.01 8.50 -2.13
N GLN A 263 30.31 8.68 -2.34
CA GLN A 263 30.84 9.04 -3.65
C GLN A 263 30.79 7.84 -4.60
N VAL A 264 30.80 8.15 -5.89
CA VAL A 264 30.61 7.17 -6.95
C VAL A 264 31.96 6.76 -7.52
N ASP A 265 32.09 5.47 -7.85
CA ASP A 265 33.25 4.96 -8.56
C ASP A 265 32.78 3.88 -9.53
N ALA A 266 33.74 3.27 -10.22
CA ALA A 266 33.47 2.25 -11.24
C ALA A 266 34.35 1.04 -11.01
N ASN A 267 34.37 0.54 -9.78
CA ASN A 267 35.24 -0.57 -9.40
C ASN A 267 34.50 -1.86 -9.10
N CYS A 268 33.17 -1.89 -9.24
CA CYS A 268 32.40 -3.09 -8.94
C CYS A 268 31.36 -3.33 -10.02
N GLU A 269 30.98 -4.59 -10.18
CA GLU A 269 29.79 -4.95 -10.93
C GLU A 269 28.57 -4.97 -10.00
N GLY A 270 28.34 -3.82 -9.38
CA GLY A 270 27.33 -3.72 -8.34
C GLY A 270 25.91 -3.89 -8.88
N ASP A 271 25.04 -4.37 -7.99
CA ASP A 271 23.66 -4.71 -8.34
C ASP A 271 22.62 -3.88 -7.61
N CYS A 272 22.74 -3.69 -6.29
CA CYS A 272 21.82 -2.80 -5.59
C CYS A 272 22.57 -1.83 -4.70
N TYR A 273 21.94 -0.66 -4.51
CA TYR A 273 22.55 0.47 -3.86
C TYR A 273 21.56 1.06 -2.86
N HIS A 274 22.09 1.75 -1.86
CA HIS A 274 21.27 2.42 -0.86
C HIS A 274 22.08 3.57 -0.27
N SER A 275 21.52 4.22 0.76
CA SER A 275 22.16 5.39 1.36
C SER A 275 23.51 5.05 1.98
N GLY A 276 23.68 3.81 2.44
CA GLY A 276 24.96 3.37 2.97
C GLY A 276 25.97 2.94 1.95
N GLY A 277 25.58 2.84 0.67
CA GLY A 277 26.52 2.45 -0.36
C GLY A 277 26.02 1.40 -1.31
N THR A 278 26.79 0.32 -1.49
CA THR A 278 26.48 -0.73 -2.45
C THR A 278 26.53 -2.07 -1.75
N ILE A 279 25.57 -2.94 -2.03
CA ILE A 279 25.57 -4.30 -1.48
C ILE A 279 25.99 -5.23 -2.61
N ILE A 280 27.29 -5.54 -2.66
CA ILE A 280 27.82 -6.56 -3.56
C ILE A 280 27.95 -7.87 -2.79
N SER A 281 27.21 -8.87 -3.24
CA SER A 281 27.12 -10.16 -2.57
C SER A 281 26.32 -11.12 -3.45
N ASN A 282 26.70 -12.39 -3.39
CA ASN A 282 25.88 -13.47 -3.93
C ASN A 282 25.05 -14.14 -2.85
N LEU A 283 25.13 -13.66 -1.61
CA LEU A 283 24.39 -14.25 -0.50
C LEU A 283 22.90 -14.00 -0.68
N PRO A 284 22.04 -14.86 -0.11
CA PRO A 284 20.59 -14.66 -0.28
C PRO A 284 20.01 -13.54 0.57
N PHE A 285 20.60 -13.28 1.74
CA PHE A 285 20.03 -12.33 2.69
C PHE A 285 21.07 -11.31 3.12
N GLN A 286 20.59 -10.16 3.60
CA GLN A 286 21.46 -9.09 4.07
C GLN A 286 20.79 -8.37 5.24
N ASN A 287 21.62 -7.78 6.10
CA ASN A 287 21.15 -6.95 7.21
C ASN A 287 21.88 -5.61 7.21
N ILE A 288 21.97 -4.99 6.04
CA ILE A 288 22.63 -3.69 5.93
C ILE A 288 21.57 -2.60 5.91
N ASN A 289 20.69 -2.64 4.91
CA ASN A 289 19.61 -1.68 4.78
C ASN A 289 18.37 -2.37 4.28
N SER A 290 17.21 -1.98 4.81
CA SER A 290 15.94 -2.55 4.40
C SER A 290 15.39 -1.94 3.12
N ARG A 291 16.03 -0.88 2.61
CA ARG A 291 15.51 -0.14 1.46
C ARG A 291 16.45 -0.21 0.26
N ALA A 292 17.30 -1.22 0.20
CA ALA A 292 18.16 -1.40 -0.97
C ALA A 292 17.32 -1.82 -2.17
N VAL A 293 17.50 -1.13 -3.29
CA VAL A 293 16.69 -1.35 -4.48
C VAL A 293 17.57 -1.88 -5.60
N GLY A 294 17.09 -2.91 -6.29
CA GLY A 294 17.86 -3.63 -7.27
C GLY A 294 17.75 -5.12 -7.08
N LYS A 295 18.47 -5.89 -7.90
CA LYS A 295 18.46 -7.35 -7.83
C LYS A 295 19.64 -7.81 -6.97
N CYS A 296 19.37 -8.01 -5.67
CA CYS A 296 20.45 -8.32 -4.74
C CYS A 296 19.91 -9.09 -3.55
N PRO A 297 20.76 -9.49 -2.57
CA PRO A 297 20.25 -10.01 -1.30
C PRO A 297 19.16 -9.14 -0.68
N ARG A 298 18.29 -9.80 0.08
CA ARG A 298 17.08 -9.22 0.63
C ARG A 298 17.19 -9.08 2.14
N TYR A 299 16.43 -8.14 2.69
CA TYR A 299 16.60 -7.76 4.09
C TYR A 299 16.03 -8.79 5.05
N VAL A 300 16.69 -8.93 6.21
CA VAL A 300 16.23 -9.78 7.30
C VAL A 300 16.44 -9.03 8.61
N LYS A 301 15.92 -9.61 9.68
CA LYS A 301 16.07 -9.01 11.02
C LYS A 301 17.25 -9.58 11.78
N GLN A 302 17.66 -10.81 11.48
CA GLN A 302 18.77 -11.42 12.20
C GLN A 302 20.09 -10.72 11.89
N GLU A 303 20.90 -10.53 12.92
CA GLU A 303 22.21 -9.93 12.73
C GLU A 303 23.12 -10.83 11.90
N SER A 304 23.09 -12.13 12.16
CA SER A 304 24.04 -13.03 11.51
C SER A 304 23.50 -14.45 11.55
N LEU A 305 23.35 -15.06 10.37
CA LEU A 305 22.88 -16.43 10.25
C LEU A 305 24.01 -17.33 9.76
N MET A 306 24.14 -18.50 10.37
CA MET A 306 25.20 -19.47 10.08
C MET A 306 24.57 -20.67 9.36
N LEU A 307 24.89 -20.83 8.08
CA LEU A 307 24.46 -22.03 7.37
C LEU A 307 25.51 -23.11 7.55
N ALA A 308 25.10 -24.26 8.08
CA ALA A 308 26.06 -25.33 8.35
C ALA A 308 26.52 -25.96 7.04
N THR A 309 27.83 -25.97 6.84
CA THR A 309 28.44 -26.60 5.67
C THR A 309 29.07 -27.94 6.02
N GLY A 310 29.71 -28.06 7.16
CA GLY A 310 30.28 -29.30 7.63
C GLY A 310 29.32 -30.11 8.47
N MET A 311 29.88 -31.06 9.22
CA MET A 311 29.11 -31.97 10.04
C MET A 311 29.00 -31.48 11.47
N LYS A 312 28.22 -32.20 12.28
CA LYS A 312 28.26 -32.03 13.72
C LYS A 312 29.58 -32.57 14.28
N ASN A 313 30.56 -31.71 14.45
CA ASN A 313 31.85 -32.14 14.98
C ASN A 313 31.78 -32.23 16.50
N VAL A 314 32.54 -33.18 17.05
CA VAL A 314 32.75 -33.30 18.48
C VAL A 314 34.25 -33.39 18.72
N PRO A 315 34.79 -32.66 19.68
CA PRO A 315 36.24 -32.68 19.90
C PRO A 315 36.72 -34.03 20.43
N GLU A 316 37.96 -34.36 20.09
CA GLU A 316 38.54 -35.62 20.51
C GLU A 316 39.03 -35.54 21.96
N ALA B 328 26.90 -40.68 13.71
CA ALA B 328 27.74 -39.81 14.54
C ALA B 328 27.22 -39.78 15.97
N GLY B 329 26.31 -40.70 16.30
CA GLY B 329 25.74 -40.75 17.62
C GLY B 329 26.38 -41.78 18.52
N PHE B 330 26.72 -42.94 17.97
CA PHE B 330 27.34 -44.01 18.73
C PHE B 330 28.85 -43.87 18.83
N ILE B 331 29.43 -42.85 18.22
CA ILE B 331 30.88 -42.63 18.25
C ILE B 331 31.21 -41.74 19.44
N GLU B 332 32.29 -42.09 20.15
CA GLU B 332 32.69 -41.32 21.32
C GLU B 332 33.14 -39.91 20.93
N ASN B 333 33.97 -39.80 19.90
CA ASN B 333 34.46 -38.50 19.45
C ASN B 333 34.91 -38.60 18.00
N GLY B 334 35.01 -37.45 17.36
CA GLY B 334 35.51 -37.37 16.01
C GLY B 334 37.02 -37.15 15.98
N TRP B 335 37.66 -37.67 14.94
CA TRP B 335 39.10 -37.58 14.83
C TRP B 335 39.53 -36.16 14.47
N GLU B 336 40.66 -35.74 15.05
CA GLU B 336 41.24 -34.44 14.75
C GLU B 336 42.34 -34.51 13.71
N GLY B 337 43.01 -35.64 13.57
CA GLY B 337 44.06 -35.80 12.58
C GLY B 337 43.58 -36.04 11.17
N LEU B 338 42.28 -36.22 10.97
CA LEU B 338 41.71 -36.42 9.64
C LEU B 338 41.52 -35.06 9.00
N ILE B 339 42.33 -34.76 7.99
CA ILE B 339 42.39 -33.44 7.38
C ILE B 339 41.84 -33.45 5.96
N ASP B 340 42.34 -34.36 5.13
CA ASP B 340 41.99 -34.34 3.70
C ASP B 340 40.56 -34.83 3.47
N GLY B 341 40.13 -35.87 4.18
CA GLY B 341 38.82 -36.47 3.98
C GLY B 341 37.91 -36.22 5.15
N TRP B 342 36.61 -36.15 4.87
CA TRP B 342 35.63 -36.00 5.95
C TRP B 342 35.45 -37.29 6.73
N TYR B 343 35.39 -38.42 6.02
CA TYR B 343 35.24 -39.73 6.62
C TYR B 343 36.50 -40.54 6.38
N GLY B 344 37.01 -41.19 7.42
CA GLY B 344 38.27 -41.90 7.31
C GLY B 344 38.27 -43.30 7.87
N PHE B 345 39.46 -43.83 8.10
CA PHE B 345 39.64 -45.20 8.57
C PHE B 345 40.90 -45.29 9.42
N ARG B 346 40.82 -46.07 10.50
CA ARG B 346 41.97 -46.43 11.30
C ARG B 346 42.06 -47.94 11.40
N HIS B 347 43.28 -48.45 11.54
CA HIS B 347 43.55 -49.89 11.45
C HIS B 347 43.94 -50.50 12.79
N GLN B 348 44.95 -49.94 13.46
CA GLN B 348 45.62 -50.49 14.64
C GLN B 348 45.76 -52.02 14.58
N ASN B 349 46.40 -52.47 13.51
CA ASN B 349 46.65 -53.89 13.29
C ASN B 349 48.07 -54.23 13.74
N ALA B 350 48.49 -55.47 13.48
CA ALA B 350 49.83 -55.91 13.86
C ALA B 350 50.92 -55.26 13.02
N GLN B 351 50.58 -54.78 11.82
CA GLN B 351 51.56 -54.10 10.99
C GLN B 351 51.94 -52.75 11.58
N GLY B 352 51.01 -52.06 12.22
CA GLY B 352 51.29 -50.78 12.83
C GLY B 352 50.00 -50.00 13.03
N GLU B 353 50.13 -48.67 12.96
CA GLU B 353 49.02 -47.76 13.11
C GLU B 353 48.95 -46.84 11.90
N GLY B 354 47.77 -46.73 11.30
CA GLY B 354 47.59 -45.86 10.15
C GLY B 354 46.21 -45.21 10.12
N THR B 355 46.16 -43.96 9.70
CA THR B 355 44.91 -43.20 9.60
C THR B 355 44.78 -42.71 8.17
N ALA B 356 43.90 -43.35 7.40
CA ALA B 356 43.64 -42.98 6.02
C ALA B 356 42.28 -42.33 5.90
N ALA B 357 41.98 -41.83 4.70
CA ALA B 357 40.73 -41.13 4.44
C ALA B 357 39.98 -41.81 3.31
N ASP B 358 38.70 -42.07 3.52
CA ASP B 358 37.82 -42.51 2.45
C ASP B 358 37.62 -41.36 1.46
N TYR B 359 37.30 -41.71 0.21
CA TYR B 359 37.12 -40.72 -0.83
C TYR B 359 35.69 -40.62 -1.34
N LYS B 360 35.00 -41.75 -1.49
CA LYS B 360 33.68 -41.73 -2.13
C LYS B 360 32.64 -41.04 -1.25
N SER B 361 32.61 -41.40 0.04
CA SER B 361 31.59 -40.85 0.94
C SER B 361 31.75 -39.35 1.13
N THR B 362 32.99 -38.90 1.35
CA THR B 362 33.21 -37.46 1.52
C THR B 362 32.98 -36.70 0.23
N GLN B 363 33.29 -37.30 -0.93
CA GLN B 363 33.01 -36.63 -2.19
C GLN B 363 31.51 -36.47 -2.39
N SER B 364 30.73 -37.52 -2.09
CA SER B 364 29.29 -37.43 -2.22
C SER B 364 28.70 -36.41 -1.24
N ALA B 365 29.20 -36.38 -0.01
CA ALA B 365 28.70 -35.43 0.98
C ALA B 365 29.02 -33.99 0.59
N ILE B 366 30.25 -33.73 0.16
CA ILE B 366 30.63 -32.38 -0.26
C ILE B 366 29.87 -31.98 -1.52
N ASP B 367 29.64 -32.93 -2.44
CA ASP B 367 28.85 -32.61 -3.63
C ASP B 367 27.43 -32.23 -3.27
N GLN B 368 26.80 -32.98 -2.36
CA GLN B 368 25.43 -32.66 -1.95
C GLN B 368 25.35 -31.31 -1.24
N ILE B 369 26.29 -31.06 -0.32
CA ILE B 369 26.24 -29.83 0.46
C ILE B 369 26.58 -28.62 -0.41
N THR B 370 27.55 -28.75 -1.32
CA THR B 370 27.87 -27.67 -2.24
C THR B 370 26.73 -27.42 -3.22
N GLY B 371 26.02 -28.46 -3.66
CA GLY B 371 24.84 -28.24 -4.47
C GLY B 371 23.74 -27.51 -3.71
N LYS B 372 23.57 -27.85 -2.43
CA LYS B 372 22.61 -27.13 -1.60
C LYS B 372 23.00 -25.66 -1.43
N LEU B 373 24.30 -25.41 -1.26
CA LEU B 373 24.79 -24.04 -1.17
C LEU B 373 24.56 -23.28 -2.47
N ASN B 374 24.88 -23.91 -3.61
CA ASN B 374 24.72 -23.26 -4.91
C ASN B 374 23.25 -22.98 -5.20
N ARG B 375 22.36 -23.85 -4.71
CA ARG B 375 20.93 -23.54 -4.75
C ARG B 375 20.63 -22.33 -3.87
N LEU B 376 21.22 -22.28 -2.68
CA LEU B 376 20.97 -21.15 -1.78
C LEU B 376 21.71 -19.89 -2.23
N ILE B 377 22.96 -20.01 -2.65
CA ILE B 377 23.75 -18.83 -2.99
C ILE B 377 23.33 -18.40 -4.39
N GLU B 378 22.29 -17.59 -4.46
CA GLU B 378 21.71 -17.16 -5.73
C GLU B 378 21.12 -15.77 -5.51
N LYS B 379 21.68 -14.76 -6.17
CA LYS B 379 21.12 -13.43 -6.11
C LYS B 379 19.78 -13.37 -6.82
N THR B 380 18.89 -12.52 -6.34
CA THR B 380 17.53 -12.45 -6.84
C THR B 380 17.50 -11.91 -8.27
N ASN B 381 16.48 -12.34 -9.02
CA ASN B 381 16.26 -11.88 -10.38
C ASN B 381 15.29 -10.69 -10.38
N GLN B 382 14.31 -10.71 -9.48
CA GLN B 382 13.30 -9.66 -9.42
C GLN B 382 13.92 -8.33 -9.06
N GLN B 383 13.51 -7.28 -9.78
CA GLN B 383 14.07 -5.94 -9.63
C GLN B 383 13.11 -5.08 -8.83
N PHE B 384 13.59 -4.53 -7.72
CA PHE B 384 12.81 -3.63 -6.87
C PHE B 384 13.27 -2.19 -7.08
N GLU B 385 12.31 -1.28 -7.13
CA GLU B 385 12.58 0.14 -7.29
C GLU B 385 12.39 0.86 -5.96
N LEU B 386 12.77 2.14 -5.93
CA LEU B 386 12.58 2.95 -4.74
C LEU B 386 11.12 3.33 -4.61
N ILE B 387 10.52 3.03 -3.46
CA ILE B 387 9.10 3.28 -3.24
C ILE B 387 8.94 4.36 -2.18
N ASP B 388 9.96 4.55 -1.36
CA ASP B 388 9.94 5.54 -0.29
C ASP B 388 11.14 6.47 -0.43
N ASN B 389 10.95 7.73 -0.05
CA ASN B 389 11.97 8.75 -0.16
C ASN B 389 12.58 9.01 1.21
N GLU B 390 13.91 8.89 1.30
CA GLU B 390 14.59 9.11 2.57
C GLU B 390 14.68 10.59 2.92
N PHE B 391 14.90 11.45 1.93
CA PHE B 391 15.19 12.85 2.21
C PHE B 391 13.91 13.63 2.46
N THR B 392 13.04 13.72 1.45
CA THR B 392 11.75 14.41 1.58
C THR B 392 10.69 13.37 1.88
N GLU B 393 10.16 13.40 3.10
CA GLU B 393 9.22 12.38 3.52
C GLU B 393 7.92 12.46 2.74
N VAL B 394 7.42 11.29 2.32
CA VAL B 394 6.18 11.16 1.56
C VAL B 394 4.99 11.42 2.47
N GLU B 395 3.79 11.48 1.86
CA GLU B 395 2.56 11.67 2.62
C GLU B 395 2.42 10.61 3.70
N LYS B 396 1.92 11.04 4.87
CA LYS B 396 2.08 10.26 6.08
C LYS B 396 1.24 8.98 6.05
N GLN B 397 0.04 9.02 5.47
CA GLN B 397 -0.78 7.82 5.37
C GLN B 397 -0.14 6.78 4.46
N ILE B 398 0.20 7.18 3.23
CA ILE B 398 0.86 6.24 2.32
C ILE B 398 2.26 5.91 2.81
N GLY B 399 2.88 6.83 3.57
CA GLY B 399 4.15 6.52 4.18
C GLY B 399 4.06 5.40 5.21
N ASN B 400 3.04 5.45 6.06
CA ASN B 400 2.82 4.37 7.02
C ASN B 400 2.41 3.08 6.32
N VAL B 401 1.67 3.20 5.20
CA VAL B 401 1.32 2.00 4.44
C VAL B 401 2.57 1.32 3.89
N ILE B 402 3.48 2.11 3.32
CA ILE B 402 4.74 1.58 2.80
C ILE B 402 5.59 1.01 3.93
N ASN B 403 5.66 1.73 5.05
CA ASN B 403 6.43 1.25 6.20
C ASN B 403 5.88 -0.05 6.76
N TRP B 404 4.55 -0.18 6.85
CA TRP B 404 3.95 -1.39 7.39
C TRP B 404 4.10 -2.55 6.42
N THR B 405 3.95 -2.31 5.11
CA THR B 405 4.17 -3.36 4.13
C THR B 405 5.61 -3.84 4.16
N ARG B 406 6.57 -2.90 4.22
CA ARG B 406 7.97 -3.29 4.28
C ARG B 406 8.31 -3.97 5.60
N ASP B 407 7.67 -3.57 6.69
CA ASP B 407 7.91 -4.22 7.98
C ASP B 407 7.36 -5.64 8.00
N SER B 408 6.17 -5.85 7.44
CA SER B 408 5.62 -7.20 7.35
C SER B 408 6.46 -8.07 6.43
N MET B 409 6.93 -7.52 5.30
CA MET B 409 7.79 -8.27 4.40
C MET B 409 9.13 -8.58 5.05
N THR B 410 9.68 -7.63 5.81
CA THR B 410 10.91 -7.87 6.55
C THR B 410 10.73 -8.96 7.60
N GLU B 411 9.61 -8.95 8.31
CA GLU B 411 9.36 -9.97 9.32
C GLU B 411 9.19 -11.34 8.70
N VAL B 412 8.43 -11.44 7.60
CA VAL B 412 8.24 -12.74 6.97
C VAL B 412 9.54 -13.21 6.31
N TRP B 413 10.38 -12.29 5.84
CA TRP B 413 11.65 -12.70 5.26
C TRP B 413 12.64 -13.14 6.32
N SER B 414 12.66 -12.47 7.47
CA SER B 414 13.49 -12.90 8.59
C SER B 414 13.03 -14.26 9.11
N TYR B 415 11.72 -14.46 9.18
CA TYR B 415 11.14 -15.76 9.53
C TYR B 415 11.57 -16.84 8.56
N ASN B 416 11.41 -16.58 7.25
CA ASN B 416 11.76 -17.57 6.25
C ASN B 416 13.25 -17.85 6.25
N ALA B 417 14.07 -16.83 6.47
CA ALA B 417 15.52 -17.01 6.49
C ALA B 417 15.95 -17.86 7.68
N GLU B 418 15.44 -17.55 8.88
CA GLU B 418 15.84 -18.34 10.05
C GLU B 418 15.27 -19.75 9.98
N LEU B 419 14.06 -19.93 9.44
CA LEU B 419 13.47 -21.25 9.27
C LEU B 419 14.27 -22.08 8.28
N LEU B 420 14.62 -21.49 7.14
CA LEU B 420 15.41 -22.18 6.13
C LEU B 420 16.80 -22.51 6.65
N VAL B 421 17.45 -21.58 7.35
CA VAL B 421 18.78 -21.84 7.88
C VAL B 421 18.73 -22.97 8.90
N ALA B 422 17.72 -22.96 9.78
CA ALA B 422 17.59 -24.02 10.78
C ALA B 422 17.36 -25.38 10.11
N MET B 423 16.45 -25.45 9.14
CA MET B 423 16.14 -26.75 8.58
C MET B 423 17.23 -27.25 7.63
N GLU B 424 17.94 -26.34 6.96
CA GLU B 424 19.06 -26.81 6.14
C GLU B 424 20.28 -27.17 6.98
N ASN B 425 20.48 -26.53 8.14
CA ASN B 425 21.49 -27.04 9.05
C ASN B 425 21.11 -28.40 9.60
N GLN B 426 19.83 -28.60 9.90
CA GLN B 426 19.35 -29.91 10.32
C GLN B 426 19.53 -30.95 9.23
N HIS B 427 19.24 -30.58 7.98
CA HIS B 427 19.40 -31.51 6.88
C HIS B 427 20.88 -31.76 6.57
N THR B 428 21.74 -30.77 6.80
CA THR B 428 23.17 -30.99 6.62
C THR B 428 23.73 -31.94 7.68
N ILE B 429 23.29 -31.78 8.93
CA ILE B 429 23.71 -32.69 9.99
C ILE B 429 23.17 -34.09 9.73
N ASP B 430 21.90 -34.19 9.31
CA ASP B 430 21.31 -35.48 8.99
C ASP B 430 21.96 -36.11 7.76
N LEU B 431 22.38 -35.30 6.80
CA LEU B 431 23.07 -35.82 5.62
C LEU B 431 24.46 -36.33 5.98
N ALA B 432 25.15 -35.62 6.88
CA ALA B 432 26.44 -36.10 7.35
C ALA B 432 26.28 -37.43 8.10
N ASP B 433 25.25 -37.52 8.95
CA ASP B 433 24.97 -38.76 9.66
C ASP B 433 24.58 -39.88 8.68
N SER B 434 23.84 -39.54 7.63
CA SER B 434 23.40 -40.53 6.66
C SER B 434 24.57 -41.05 5.83
N GLU B 435 25.47 -40.16 5.40
CA GLU B 435 26.67 -40.62 4.71
C GLU B 435 27.56 -41.43 5.64
N MET B 436 27.65 -41.03 6.91
CA MET B 436 28.46 -41.73 7.88
C MET B 436 27.97 -43.16 8.10
N ASN B 437 26.68 -43.32 8.41
CA ASN B 437 26.19 -44.67 8.64
C ASN B 437 25.94 -45.43 7.34
N LYS B 438 25.89 -44.75 6.19
CA LYS B 438 25.88 -45.45 4.92
C LYS B 438 27.24 -46.10 4.65
N LEU B 439 28.32 -45.35 4.90
CA LEU B 439 29.66 -45.95 4.84
C LEU B 439 29.80 -47.07 5.87
N TYR B 440 29.24 -46.86 7.06
CA TYR B 440 29.30 -47.87 8.12
C TYR B 440 28.57 -49.15 7.70
N GLU B 441 27.38 -49.01 7.12
CA GLU B 441 26.61 -50.17 6.69
C GLU B 441 27.20 -50.83 5.45
N ARG B 442 27.88 -50.06 4.58
CA ARG B 442 28.54 -50.70 3.45
C ARG B 442 29.80 -51.43 3.89
N VAL B 443 30.45 -50.97 4.97
CA VAL B 443 31.54 -51.74 5.57
C VAL B 443 30.99 -53.01 6.21
N ARG B 444 29.81 -52.91 6.83
CA ARG B 444 29.12 -54.12 7.31
C ARG B 444 28.83 -55.08 6.16
N ARG B 445 28.39 -54.56 5.02
CA ARG B 445 28.02 -55.41 3.90
C ARG B 445 29.26 -56.06 3.28
N GLN B 446 30.39 -55.35 3.29
CA GLN B 446 31.63 -55.93 2.79
C GLN B 446 32.18 -57.04 3.68
N LEU B 447 31.81 -57.04 4.97
CA LEU B 447 32.35 -57.99 5.94
C LEU B 447 31.19 -58.82 6.51
N ARG B 448 30.99 -60.00 5.95
CA ARG B 448 29.90 -60.89 6.34
C ARG B 448 30.00 -61.30 7.80
N GLU B 449 31.03 -62.07 8.12
CA GLU B 449 31.29 -62.49 9.49
C GLU B 449 32.76 -62.35 9.85
N ASN B 450 33.62 -61.93 8.91
CA ASN B 450 35.01 -61.68 9.22
C ASN B 450 35.20 -60.49 10.16
N ALA B 451 34.19 -59.65 10.31
CA ALA B 451 34.27 -58.53 11.24
C ALA B 451 32.89 -58.21 11.77
N GLU B 452 32.85 -57.62 12.96
CA GLU B 452 31.61 -57.16 13.56
C GLU B 452 31.89 -55.89 14.36
N GLU B 453 30.83 -55.15 14.63
CA GLU B 453 30.94 -53.86 15.28
C GLU B 453 31.22 -54.01 16.77
N ASP B 454 31.69 -52.92 17.36
CA ASP B 454 31.91 -52.84 18.80
C ASP B 454 30.94 -51.90 19.49
N GLY B 455 30.18 -51.09 18.74
CA GLY B 455 29.32 -50.09 19.30
C GLY B 455 29.93 -48.71 19.39
N THR B 456 31.27 -48.61 19.29
CA THR B 456 31.96 -47.33 19.32
C THR B 456 32.39 -46.88 17.93
N GLY B 457 31.95 -47.57 16.88
CA GLY B 457 32.33 -47.22 15.53
C GLY B 457 33.50 -47.98 14.97
N CYS B 458 33.95 -49.04 15.63
CA CYS B 458 35.10 -49.83 15.19
C CYS B 458 34.65 -51.24 14.82
N PHE B 459 35.41 -51.87 13.93
CA PHE B 459 35.14 -53.22 13.45
C PHE B 459 36.27 -54.13 13.86
N GLU B 460 35.92 -55.28 14.46
CA GLU B 460 36.91 -56.23 14.95
C GLU B 460 37.20 -57.25 13.85
N ILE B 461 38.35 -57.08 13.18
CA ILE B 461 38.73 -57.98 12.10
C ILE B 461 39.19 -59.31 12.68
N PHE B 462 38.71 -60.41 12.10
CA PHE B 462 39.06 -61.75 12.54
C PHE B 462 40.09 -62.42 11.64
N HIS B 463 40.77 -61.66 10.77
CA HIS B 463 41.83 -62.19 9.94
C HIS B 463 42.98 -61.20 9.91
N LYS B 464 44.18 -61.72 9.64
CA LYS B 464 45.39 -60.92 9.63
C LYS B 464 45.90 -60.75 8.21
N CYS B 465 46.11 -59.51 7.80
CA CYS B 465 46.66 -59.18 6.49
C CYS B 465 47.69 -58.08 6.64
N ASP B 466 48.65 -58.07 5.71
CA ASP B 466 49.77 -57.13 5.77
C ASP B 466 49.40 -55.82 5.06
N ASP B 467 48.41 -55.14 5.65
CA ASP B 467 47.88 -53.85 5.21
C ASP B 467 47.29 -53.89 3.80
N ASP B 468 47.06 -55.08 3.25
CA ASP B 468 46.46 -55.20 1.92
C ASP B 468 44.94 -55.19 2.01
N CYS B 469 44.37 -55.98 2.93
CA CYS B 469 42.93 -55.99 3.11
C CYS B 469 42.41 -54.70 3.74
N MET B 470 43.27 -53.94 4.44
CA MET B 470 42.93 -52.58 4.86
C MET B 470 42.55 -51.72 3.65
N ALA B 471 43.44 -51.66 2.65
CA ALA B 471 43.15 -50.88 1.46
C ALA B 471 42.05 -51.53 0.63
N SER B 472 41.94 -52.86 0.67
CA SER B 472 40.89 -53.55 -0.07
C SER B 472 39.51 -53.19 0.47
N ILE B 473 39.37 -53.08 1.79
CA ILE B 473 38.16 -52.50 2.38
C ILE B 473 38.02 -51.04 1.98
N ARG B 474 39.13 -50.29 2.00
CA ARG B 474 39.09 -48.88 1.63
C ARG B 474 38.73 -48.68 0.16
N ASN B 475 39.27 -49.52 -0.73
CA ASN B 475 39.06 -49.36 -2.15
C ASN B 475 37.76 -49.99 -2.64
N ASN B 476 36.94 -50.53 -1.74
CA ASN B 476 35.68 -51.21 -2.08
C ASN B 476 35.89 -52.37 -3.04
N THR B 477 37.01 -53.08 -2.88
CA THR B 477 37.34 -54.26 -3.68
C THR B 477 37.68 -55.42 -2.78
N TYR B 478 36.87 -55.63 -1.75
CA TYR B 478 37.11 -56.65 -0.74
C TYR B 478 36.35 -57.92 -1.08
N ASP B 479 37.05 -59.04 -1.08
CA ASP B 479 36.44 -60.35 -1.25
C ASP B 479 36.38 -61.03 0.11
N HIS B 480 35.17 -61.42 0.52
CA HIS B 480 34.96 -62.04 1.82
C HIS B 480 35.02 -63.56 1.79
N SER B 481 34.66 -64.17 0.66
CA SER B 481 34.53 -65.63 0.59
C SER B 481 35.85 -66.35 0.79
N LYS B 482 36.98 -65.71 0.50
CA LYS B 482 38.28 -66.34 0.69
C LYS B 482 38.76 -66.21 2.14
N TYR B 483 38.15 -65.34 2.94
CA TYR B 483 38.48 -65.18 4.35
C TYR B 483 37.45 -65.82 5.28
N ARG B 484 36.50 -66.60 4.75
CA ARG B 484 35.44 -67.12 5.60
C ARG B 484 35.89 -68.30 6.46
N GLU B 485 36.82 -69.12 5.97
CA GLU B 485 37.09 -70.40 6.63
C GLU B 485 37.82 -70.22 7.96
N GLU B 486 38.65 -69.17 8.08
CA GLU B 486 39.40 -68.94 9.31
C GLU B 486 38.72 -67.97 10.25
N ALA B 487 37.58 -67.39 9.86
CA ALA B 487 36.86 -66.45 10.71
C ALA B 487 35.56 -67.01 11.27
N MET B 488 35.08 -68.15 10.74
CA MET B 488 33.85 -68.73 11.25
C MET B 488 34.05 -69.37 12.62
N GLN B 489 35.17 -70.05 12.82
CA GLN B 489 35.42 -70.77 14.08
C GLN B 489 35.84 -69.84 15.21
N ASN B 490 36.23 -68.61 14.92
CA ASN B 490 36.66 -67.69 15.96
C ASN B 490 35.52 -66.79 16.40
N ILE C 2 41.18 19.37 -31.90
CA ILE C 2 40.22 18.35 -32.30
C ILE C 2 39.83 18.54 -33.77
N VAL C 3 39.88 17.45 -34.53
CA VAL C 3 39.55 17.46 -35.95
C VAL C 3 38.31 16.60 -36.15
N MET C 4 37.50 16.96 -37.15
CA MET C 4 36.22 16.29 -37.38
C MET C 4 36.25 15.70 -38.78
N THR C 5 36.34 14.38 -38.88
CA THR C 5 36.32 13.71 -40.16
C THR C 5 34.88 13.36 -40.54
N GLN C 6 34.71 12.74 -41.71
CA GLN C 6 33.37 12.44 -42.20
C GLN C 6 33.43 11.14 -43.01
N SER C 7 32.33 10.84 -43.68
CA SER C 7 32.20 9.64 -44.50
C SER C 7 32.84 9.90 -45.87
N PRO C 8 32.85 8.89 -46.76
CA PRO C 8 33.20 9.17 -48.16
C PRO C 8 32.24 10.13 -48.86
N ASP C 9 32.50 10.39 -50.14
CA ASP C 9 31.85 11.47 -50.87
C ASP C 9 30.41 11.10 -51.22
N SER C 10 29.81 11.88 -52.12
CA SER C 10 28.38 11.83 -52.39
C SER C 10 27.92 10.44 -52.85
N LEU C 11 26.84 9.96 -52.26
CA LEU C 11 26.35 8.61 -52.49
C LEU C 11 25.30 8.62 -53.60
N ALA C 12 25.47 7.72 -54.57
CA ALA C 12 24.50 7.56 -55.65
C ALA C 12 23.44 6.55 -55.23
N VAL C 13 22.52 7.02 -54.40
CA VAL C 13 21.46 6.19 -53.84
C VAL C 13 20.12 6.64 -54.42
N SER C 14 19.24 5.68 -54.65
CA SER C 14 17.92 5.94 -55.21
C SER C 14 16.93 6.22 -54.07
N LEU C 15 15.66 6.38 -54.41
CA LEU C 15 14.63 6.67 -53.42
C LEU C 15 14.28 5.42 -52.62
N GLY C 16 14.00 5.61 -51.34
CA GLY C 16 13.44 4.56 -50.52
C GLY C 16 14.39 3.45 -50.11
N GLU C 17 15.67 3.74 -49.94
CA GLU C 17 16.63 2.74 -49.48
C GLU C 17 17.49 3.30 -48.36
N ARG C 18 18.32 2.40 -47.81
CA ARG C 18 19.16 2.74 -46.67
C ARG C 18 20.24 3.73 -47.08
N ALA C 19 20.40 4.80 -46.31
CA ALA C 19 21.45 5.77 -46.53
C ALA C 19 22.28 5.90 -45.25
N THR C 20 23.58 5.66 -45.35
CA THR C 20 24.46 5.60 -44.19
C THR C 20 25.55 6.65 -44.32
N ILE C 21 25.67 7.51 -43.30
CA ILE C 21 26.71 8.52 -43.22
C ILE C 21 27.47 8.31 -41.91
N ASN C 22 28.80 8.23 -42.00
CA ASN C 22 29.65 7.97 -40.85
C ASN C 22 30.42 9.23 -40.46
N CYS C 23 30.58 9.41 -39.14
CA CYS C 23 31.30 10.53 -38.55
C CYS C 23 32.27 9.99 -37.51
N LYS C 24 33.50 10.51 -37.52
CA LYS C 24 34.55 10.05 -36.60
C LYS C 24 35.22 11.26 -35.96
N SER C 25 35.61 11.10 -34.70
CA SER C 25 36.20 12.18 -33.92
C SER C 25 37.63 11.83 -33.52
N SER C 26 38.45 12.87 -33.38
CA SER C 26 39.82 12.68 -32.90
C SER C 26 39.85 12.34 -31.42
N GLN C 27 39.03 13.02 -30.62
CA GLN C 27 38.93 12.79 -29.19
C GLN C 27 37.57 12.17 -28.87
N SER C 28 37.30 12.01 -27.57
CA SER C 28 36.04 11.45 -27.10
C SER C 28 35.11 12.59 -26.69
N VAL C 29 33.94 12.65 -27.32
CA VAL C 29 32.96 13.67 -27.01
C VAL C 29 31.82 13.11 -26.13
N LEU C 30 32.09 12.04 -25.41
CA LEU C 30 31.08 11.36 -24.61
C LEU C 30 31.22 11.71 -23.13
N SER C 31 30.12 11.57 -22.40
CA SER C 31 30.05 11.70 -20.95
C SER C 31 30.36 13.11 -20.47
N GLY C 32 31.07 13.21 -19.35
CA GLY C 32 31.18 14.45 -18.62
C GLY C 32 30.22 14.43 -17.45
N SER C 33 30.09 13.24 -16.84
CA SER C 33 29.11 12.93 -15.79
C SER C 33 27.68 13.15 -16.25
N ILE C 34 27.43 13.04 -17.55
CA ILE C 34 26.08 13.20 -18.09
C ILE C 34 25.75 12.02 -19.00
N ASN C 35 26.78 11.38 -19.55
CA ASN C 35 26.67 10.22 -20.44
C ASN C 35 25.73 10.51 -21.61
N MET C 36 26.07 11.55 -22.35
CA MET C 36 25.12 12.14 -23.30
C MET C 36 25.77 12.44 -24.66
N ASN C 37 27.05 12.08 -24.84
CA ASN C 37 27.78 11.96 -26.13
C ASN C 37 27.47 13.09 -27.13
N TYR C 38 27.97 14.28 -26.79
CA TYR C 38 27.75 15.53 -27.51
C TYR C 38 28.07 15.42 -29.01
N LEU C 39 27.05 15.53 -29.87
CA LEU C 39 27.22 15.59 -31.31
C LEU C 39 25.93 16.04 -31.99
N ALA C 40 26.00 17.06 -32.84
CA ALA C 40 24.84 17.55 -33.58
C ALA C 40 24.95 17.17 -35.04
N TRP C 41 23.80 16.96 -35.67
CA TRP C 41 23.73 16.65 -37.10
C TRP C 41 22.90 17.71 -37.80
N TYR C 42 23.41 18.25 -38.91
CA TYR C 42 22.74 19.28 -39.68
C TYR C 42 22.58 18.83 -41.12
N GLN C 43 21.43 19.13 -41.71
CA GLN C 43 21.24 19.03 -43.15
C GLN C 43 21.12 20.42 -43.72
N GLN C 44 21.65 20.60 -44.93
CA GLN C 44 21.69 21.90 -45.58
C GLN C 44 21.18 21.76 -47.01
N LYS C 45 20.02 22.36 -47.27
CA LYS C 45 19.53 22.46 -48.63
C LYS C 45 20.33 23.52 -49.39
N PRO C 46 20.43 23.40 -50.71
CA PRO C 46 21.10 24.45 -51.51
C PRO C 46 20.29 25.74 -51.48
N GLY C 47 20.93 26.82 -51.03
CA GLY C 47 20.29 28.12 -50.95
C GLY C 47 19.49 28.37 -49.70
N GLN C 48 19.45 27.43 -48.77
CA GLN C 48 18.72 27.58 -47.52
C GLN C 48 19.66 27.33 -46.35
N PRO C 49 19.42 27.96 -45.19
CA PRO C 49 20.32 27.77 -44.05
C PRO C 49 20.25 26.35 -43.53
N PRO C 50 21.35 25.84 -42.97
CA PRO C 50 21.38 24.44 -42.53
C PRO C 50 20.61 24.23 -41.23
N LYS C 51 19.43 23.64 -41.34
CA LYS C 51 18.63 23.33 -40.18
C LYS C 51 19.10 22.03 -39.52
N LEU C 52 18.97 21.99 -38.19
CA LEU C 52 19.46 20.86 -37.42
C LEU C 52 18.56 19.65 -37.58
N LEU C 53 19.17 18.46 -37.60
CA LEU C 53 18.43 17.20 -37.62
C LEU C 53 18.28 16.60 -36.23
N ILE C 54 19.39 16.23 -35.59
CA ILE C 54 19.37 15.61 -34.27
C ILE C 54 20.47 16.24 -33.41
N TYR C 55 20.29 16.15 -32.10
CA TYR C 55 21.18 16.78 -31.14
C TYR C 55 21.58 15.75 -30.08
N TRP C 56 22.84 15.82 -29.66
CA TRP C 56 23.54 14.76 -28.91
C TRP C 56 23.45 13.41 -29.63
N ALA C 57 23.36 13.43 -30.96
CA ALA C 57 23.49 12.28 -31.84
C ALA C 57 22.40 11.21 -31.65
N SER C 58 21.48 11.40 -30.70
CA SER C 58 20.39 10.46 -30.50
C SER C 58 19.03 11.09 -30.25
N THR C 59 18.95 12.37 -29.91
CA THR C 59 17.67 13.01 -29.61
C THR C 59 17.11 13.61 -30.90
N ARG C 60 16.10 12.96 -31.45
CA ARG C 60 15.46 13.44 -32.67
C ARG C 60 14.65 14.71 -32.38
N GLU C 61 14.82 15.70 -33.25
CA GLU C 61 14.18 17.00 -33.04
C GLU C 61 12.72 16.93 -33.46
N SER C 62 11.96 17.97 -33.06
CA SER C 62 10.53 18.01 -33.35
C SER C 62 10.25 18.11 -34.85
N GLY C 63 11.03 18.92 -35.56
CA GLY C 63 10.71 19.25 -36.94
C GLY C 63 11.34 18.35 -37.99
N VAL C 64 11.77 17.15 -37.60
CA VAL C 64 12.40 16.24 -38.55
C VAL C 64 11.65 14.92 -38.59
N PRO C 65 11.64 14.23 -39.73
CA PRO C 65 10.98 12.91 -39.80
C PRO C 65 11.67 11.89 -38.92
N ASP C 66 10.97 10.76 -38.73
CA ASP C 66 11.48 9.66 -37.91
C ASP C 66 12.57 8.87 -38.63
N ARG C 67 12.65 8.98 -39.96
CA ARG C 67 13.59 8.16 -40.73
C ARG C 67 15.04 8.47 -40.40
N PHE C 68 15.33 9.70 -39.99
CA PHE C 68 16.68 10.07 -39.57
C PHE C 68 16.96 9.45 -38.21
N THR C 69 17.79 8.41 -38.17
CA THR C 69 18.14 7.75 -36.92
C THR C 69 19.64 7.89 -36.69
N GLY C 70 20.02 8.39 -35.52
CA GLY C 70 21.41 8.60 -35.18
C GLY C 70 21.88 7.58 -34.16
N SER C 71 22.95 6.86 -34.52
CA SER C 71 23.59 5.89 -33.65
C SER C 71 24.89 6.48 -33.13
N GLY C 72 25.07 6.48 -31.81
CA GLY C 72 26.22 7.11 -31.21
C GLY C 72 27.14 6.16 -30.46
N SER C 73 28.37 6.61 -30.23
CA SER C 73 29.35 5.85 -29.46
C SER C 73 30.37 6.84 -28.91
N GLY C 74 31.48 6.32 -28.39
CA GLY C 74 32.54 7.19 -27.89
C GLY C 74 33.20 8.00 -28.98
N THR C 75 33.52 7.36 -30.10
CA THR C 75 34.17 8.02 -31.22
C THR C 75 33.36 7.98 -32.51
N ASP C 76 32.82 6.83 -32.88
CA ASP C 76 32.11 6.67 -34.14
C ASP C 76 30.64 7.05 -33.99
N PHE C 77 30.10 7.68 -35.02
CA PHE C 77 28.71 8.09 -35.06
C PHE C 77 28.15 7.80 -36.45
N THR C 78 26.85 7.58 -36.53
CA THR C 78 26.22 7.23 -37.79
C THR C 78 24.86 7.89 -37.91
N LEU C 79 24.57 8.42 -39.09
CA LEU C 79 23.20 8.76 -39.48
C LEU C 79 22.71 7.73 -40.49
N THR C 80 21.54 7.17 -40.23
CA THR C 80 20.92 6.21 -41.13
C THR C 80 19.54 6.71 -41.52
N VAL C 81 19.25 6.62 -42.82
CA VAL C 81 17.97 7.03 -43.39
C VAL C 81 17.31 5.77 -43.95
N SER C 82 16.13 5.45 -43.43
CA SER C 82 15.46 4.21 -43.81
C SER C 82 14.91 4.28 -45.24
N SER C 83 14.25 5.38 -45.58
CA SER C 83 13.65 5.55 -46.91
C SER C 83 13.85 7.00 -47.33
N LEU C 84 14.93 7.23 -48.08
CA LEU C 84 15.23 8.57 -48.57
C LEU C 84 14.30 8.93 -49.73
N GLN C 85 13.92 10.20 -49.81
CA GLN C 85 13.15 10.69 -50.94
C GLN C 85 13.68 12.04 -51.41
N ALA C 86 12.94 12.71 -52.28
CA ALA C 86 13.38 13.99 -52.85
C ALA C 86 13.43 15.12 -51.82
N GLU C 87 12.80 14.95 -50.66
CA GLU C 87 12.85 15.97 -49.63
C GLU C 87 14.08 15.86 -48.73
N ASP C 88 14.87 14.79 -48.87
CA ASP C 88 16.04 14.59 -48.03
C ASP C 88 17.34 14.91 -48.75
N VAL C 89 17.29 15.42 -49.98
CA VAL C 89 18.52 15.76 -50.68
C VAL C 89 19.09 17.06 -50.11
N ALA C 90 20.32 16.99 -49.62
CA ALA C 90 20.97 18.06 -48.87
C ALA C 90 22.44 17.69 -48.72
N VAL C 91 23.19 18.50 -47.97
CA VAL C 91 24.53 18.14 -47.54
C VAL C 91 24.55 18.10 -46.01
N TYR C 92 25.21 17.08 -45.47
CA TYR C 92 25.08 16.74 -44.06
C TYR C 92 26.39 17.02 -43.32
N TYR C 93 26.27 17.54 -42.09
CA TYR C 93 27.42 17.88 -41.27
C TYR C 93 27.24 17.30 -39.86
N CYS C 94 28.33 16.74 -39.34
CA CYS C 94 28.42 16.34 -37.94
C CYS C 94 29.31 17.33 -37.19
N GLN C 95 28.79 17.85 -36.09
CA GLN C 95 29.46 18.90 -35.33
C GLN C 95 29.67 18.46 -33.88
N GLN C 96 30.90 18.60 -33.39
CA GLN C 96 31.20 18.36 -31.99
C GLN C 96 31.08 19.66 -31.19
N TYR C 97 30.58 19.53 -29.97
CA TYR C 97 30.49 20.65 -29.04
C TYR C 97 30.80 20.23 -27.62
N TYR C 98 31.58 19.15 -27.46
CA TYR C 98 32.12 18.81 -26.14
C TYR C 98 33.30 19.72 -25.79
N SER C 99 34.10 20.08 -26.78
CA SER C 99 35.25 20.96 -26.62
C SER C 99 35.01 22.28 -27.33
N THR C 100 35.56 23.35 -26.76
CA THR C 100 35.22 24.70 -27.21
C THR C 100 35.61 25.04 -28.66
N PRO C 101 36.68 24.47 -29.29
CA PRO C 101 36.80 24.83 -30.73
C PRO C 101 35.87 23.99 -31.61
N LEU C 102 34.66 24.51 -31.83
CA LEU C 102 33.66 23.80 -32.62
C LEU C 102 34.14 23.62 -34.06
N THR C 103 34.35 22.37 -34.46
CA THR C 103 34.68 22.02 -35.83
C THR C 103 33.54 21.23 -36.44
N PHE C 104 33.00 21.73 -37.54
CA PHE C 104 31.95 21.05 -38.27
C PHE C 104 32.54 19.94 -39.14
N GLY C 105 31.66 19.08 -39.65
CA GLY C 105 32.08 18.04 -40.57
C GLY C 105 32.44 18.60 -41.94
N GLY C 106 33.06 17.74 -42.74
CA GLY C 106 33.47 18.14 -44.08
C GLY C 106 32.34 18.21 -45.08
N GLY C 107 31.15 17.73 -44.72
CA GLY C 107 30.02 17.76 -45.63
C GLY C 107 29.82 16.46 -46.36
N THR C 108 28.61 15.91 -46.27
CA THR C 108 28.25 14.64 -46.93
C THR C 108 27.00 14.89 -47.76
N LYS C 109 27.19 15.25 -49.02
CA LYS C 109 26.08 15.41 -49.94
C LYS C 109 25.46 14.06 -50.27
N VAL C 110 24.14 14.04 -50.43
CA VAL C 110 23.42 12.87 -50.88
C VAL C 110 22.87 13.14 -52.28
N GLU C 111 23.00 12.16 -53.16
CA GLU C 111 22.64 12.32 -54.56
C GLU C 111 21.59 11.28 -54.93
N ILE C 112 20.58 11.71 -55.69
CA ILE C 112 19.47 10.86 -56.07
C ILE C 112 19.89 9.84 -57.12
N ILE D 3 17.61 -64.46 -2.16
CA ILE D 3 16.72 -63.59 -2.92
C ILE D 3 17.47 -62.31 -3.28
N CYS D 4 16.90 -61.54 -4.20
CA CYS D 4 17.41 -60.21 -4.53
C CYS D 4 16.28 -59.20 -4.37
N LEU D 5 16.56 -58.12 -3.65
CA LEU D 5 15.56 -57.14 -3.29
C LEU D 5 15.94 -55.79 -3.88
N GLY D 6 14.94 -55.05 -4.34
CA GLY D 6 15.21 -53.79 -5.00
C GLY D 6 13.94 -53.02 -5.29
N HIS D 7 14.04 -52.09 -6.22
CA HIS D 7 12.93 -51.22 -6.57
C HIS D 7 12.71 -51.16 -8.07
N HIS D 8 11.85 -50.26 -8.52
CA HIS D 8 11.51 -50.14 -9.93
C HIS D 8 12.19 -48.91 -10.54
N ALA D 9 12.25 -48.89 -11.86
CA ALA D 9 12.84 -47.77 -12.59
C ALA D 9 12.29 -47.76 -14.00
N VAL D 10 12.45 -46.62 -14.67
CA VAL D 10 12.03 -46.46 -16.07
C VAL D 10 13.20 -45.89 -16.86
N SER D 11 13.13 -46.07 -18.18
CA SER D 11 14.18 -45.56 -19.06
C SER D 11 14.17 -44.03 -19.10
N ASN D 12 12.98 -43.43 -19.16
CA ASN D 12 12.82 -41.98 -19.22
C ASN D 12 11.98 -41.52 -18.04
N GLY D 13 12.61 -40.83 -17.10
CA GLY D 13 11.90 -40.27 -15.96
C GLY D 13 11.69 -38.78 -16.10
N THR D 14 11.82 -38.05 -15.00
CA THR D 14 11.63 -36.60 -15.02
C THR D 14 12.67 -35.95 -14.12
N LYS D 15 13.16 -34.78 -14.54
CA LYS D 15 14.15 -34.03 -13.77
C LYS D 15 13.42 -33.09 -12.82
N VAL D 16 13.73 -33.20 -11.53
CA VAL D 16 13.09 -32.37 -10.50
C VAL D 16 14.17 -31.63 -9.72
N ASN D 17 13.74 -30.58 -9.02
CA ASN D 17 14.62 -29.83 -8.14
C ASN D 17 14.54 -30.38 -6.72
N THR D 18 15.69 -30.40 -6.05
CA THR D 18 15.81 -31.00 -4.72
C THR D 18 16.71 -30.10 -3.88
N LEU D 19 16.62 -30.24 -2.55
CA LEU D 19 17.39 -29.42 -1.64
C LEU D 19 18.88 -29.56 -1.86
N THR D 20 19.35 -30.78 -2.15
CA THR D 20 20.78 -31.02 -2.29
C THR D 20 21.26 -30.89 -3.72
N GLU D 21 20.64 -31.62 -4.65
CA GLU D 21 21.04 -31.61 -6.04
C GLU D 21 19.93 -31.04 -6.91
N ARG D 22 20.32 -30.41 -8.01
CA ARG D 22 19.37 -29.79 -8.93
C ARG D 22 19.18 -30.70 -10.14
N GLY D 23 17.92 -30.88 -10.54
CA GLY D 23 17.60 -31.73 -11.67
C GLY D 23 17.90 -33.19 -11.48
N VAL D 24 17.56 -33.75 -10.31
CA VAL D 24 17.74 -35.18 -10.09
C VAL D 24 16.65 -35.95 -10.83
N GLU D 25 16.96 -37.19 -11.19
CA GLU D 25 16.13 -37.99 -12.07
C GLU D 25 15.20 -38.85 -11.21
N VAL D 26 13.90 -38.74 -11.44
CA VAL D 26 12.90 -39.51 -10.71
C VAL D 26 12.07 -40.32 -11.69
N VAL D 27 11.46 -41.39 -11.18
CA VAL D 27 10.66 -42.27 -12.02
C VAL D 27 9.39 -41.58 -12.49
N ASN D 28 8.78 -40.74 -11.64
CA ASN D 28 7.57 -40.02 -12.01
C ASN D 28 7.46 -38.78 -11.14
N ALA D 29 6.88 -37.73 -11.71
CA ALA D 29 6.69 -36.49 -10.99
C ALA D 29 5.47 -35.77 -11.56
N THR D 30 4.87 -34.91 -10.74
CA THR D 30 3.68 -34.17 -11.10
C THR D 30 4.01 -32.68 -11.24
N GLU D 31 3.07 -31.97 -11.84
CA GLU D 31 3.18 -30.54 -12.03
C GLU D 31 2.53 -29.83 -10.84
N THR D 32 3.24 -28.86 -10.27
CA THR D 32 2.72 -28.07 -9.17
C THR D 32 2.53 -26.60 -9.50
N VAL D 33 3.01 -26.16 -10.66
CA VAL D 33 2.82 -24.79 -11.13
C VAL D 33 1.98 -24.87 -12.40
N GLU D 34 0.77 -24.31 -12.34
CA GLU D 34 -0.12 -24.36 -13.49
C GLU D 34 0.40 -23.48 -14.62
N ARG D 35 0.42 -24.02 -15.83
CA ARG D 35 0.84 -23.27 -17.01
C ARG D 35 -0.24 -23.15 -18.08
N THR D 36 -1.10 -24.15 -18.21
CA THR D 36 -2.16 -24.10 -19.22
C THR D 36 -3.24 -23.12 -18.80
N ASN D 37 -3.55 -22.17 -19.68
CA ASN D 37 -4.55 -21.15 -19.42
C ASN D 37 -5.72 -21.33 -20.38
N VAL D 38 -6.93 -21.29 -19.84
CA VAL D 38 -8.13 -21.34 -20.67
C VAL D 38 -8.38 -19.93 -21.23
N PRO D 39 -8.37 -19.74 -22.55
CA PRO D 39 -8.57 -18.39 -23.09
C PRO D 39 -10.04 -18.02 -23.22
N ARG D 40 -10.83 -18.34 -22.20
CA ARG D 40 -12.24 -18.01 -22.14
C ARG D 40 -12.61 -17.74 -20.69
N ILE D 41 -13.58 -16.85 -20.49
CA ILE D 41 -14.16 -16.65 -19.16
C ILE D 41 -15.30 -17.64 -19.04
N CYS D 42 -14.94 -18.88 -18.70
CA CYS D 42 -15.91 -19.96 -18.50
C CYS D 42 -16.24 -20.05 -17.02
N SER D 43 -17.45 -19.62 -16.67
CA SER D 43 -17.84 -19.39 -15.27
C SER D 43 -19.27 -19.86 -15.00
N LYS D 44 -19.61 -21.08 -15.43
CA LYS D 44 -20.96 -21.56 -15.22
C LYS D 44 -21.23 -21.79 -13.73
N GLY D 45 -22.52 -21.72 -13.37
CA GLY D 45 -22.93 -21.82 -11.98
C GLY D 45 -23.08 -20.51 -11.26
N LYS D 46 -22.71 -19.40 -11.89
CA LYS D 46 -22.83 -18.08 -11.27
C LYS D 46 -23.29 -17.07 -12.31
N ARG D 47 -23.91 -16.00 -11.84
CA ARG D 47 -24.36 -14.93 -12.72
C ARG D 47 -23.17 -14.18 -13.30
N THR D 48 -23.32 -13.72 -14.54
CA THR D 48 -22.22 -13.09 -15.26
C THR D 48 -22.77 -12.03 -16.20
N VAL D 49 -22.22 -10.82 -16.12
CA VAL D 49 -22.52 -9.75 -17.07
C VAL D 49 -21.25 -9.43 -17.85
N ASP D 50 -21.38 -9.27 -19.15
CA ASP D 50 -20.28 -8.89 -20.03
C ASP D 50 -20.55 -7.47 -20.50
N LEU D 51 -19.86 -6.51 -19.88
CA LEU D 51 -20.16 -5.09 -20.09
C LEU D 51 -19.86 -4.67 -21.53
N GLY D 52 -18.80 -5.22 -22.13
CA GLY D 52 -18.47 -4.93 -23.50
C GLY D 52 -18.05 -3.49 -23.75
N GLN D 53 -18.76 -2.81 -24.65
CA GLN D 53 -18.48 -1.40 -24.93
C GLN D 53 -18.90 -0.48 -23.78
N CYS D 54 -19.63 -1.00 -22.80
CA CYS D 54 -20.01 -0.23 -21.62
C CYS D 54 -18.93 -0.36 -20.56
N GLY D 55 -18.72 0.73 -19.82
CA GLY D 55 -17.77 0.73 -18.72
C GLY D 55 -18.46 0.51 -17.38
N LEU D 56 -17.65 0.18 -16.38
CA LEU D 56 -18.19 -0.11 -15.05
C LEU D 56 -18.82 1.13 -14.43
N LEU D 57 -18.13 2.27 -14.51
CA LEU D 57 -18.68 3.51 -13.96
C LEU D 57 -19.83 4.03 -14.80
N GLY D 58 -19.84 3.74 -16.09
CA GLY D 58 -20.93 4.15 -16.96
C GLY D 58 -22.27 3.55 -16.59
N THR D 59 -22.27 2.43 -15.84
CA THR D 59 -23.51 1.88 -15.32
C THR D 59 -24.19 2.78 -14.30
N ILE D 60 -23.49 3.79 -13.78
CA ILE D 60 -24.08 4.75 -12.86
C ILE D 60 -24.54 6.01 -13.58
N THR D 61 -23.71 6.54 -14.47
CA THR D 61 -24.06 7.77 -15.19
C THR D 61 -24.96 7.51 -16.39
N GLY D 62 -24.71 6.44 -17.14
CA GLY D 62 -25.57 6.06 -18.24
C GLY D 62 -25.28 6.66 -19.61
N PRO D 63 -24.12 6.39 -20.19
CA PRO D 63 -23.91 6.71 -21.61
C PRO D 63 -24.73 5.78 -22.49
N PRO D 64 -24.83 6.05 -23.80
CA PRO D 64 -25.56 5.15 -24.69
C PRO D 64 -25.02 3.73 -24.74
N GLN D 65 -23.71 3.55 -24.55
CA GLN D 65 -23.15 2.20 -24.53
C GLN D 65 -23.58 1.42 -23.29
N CYS D 66 -24.00 2.12 -22.23
CA CYS D 66 -24.34 1.50 -20.95
C CYS D 66 -25.84 1.43 -20.71
N ASP D 67 -26.62 1.39 -21.78
CA ASP D 67 -28.07 1.29 -21.63
C ASP D 67 -28.48 -0.10 -21.16
N GLN D 68 -27.90 -1.14 -21.77
CA GLN D 68 -28.36 -2.50 -21.48
C GLN D 68 -27.86 -3.01 -20.13
N PHE D 69 -26.85 -2.36 -19.55
CA PHE D 69 -26.34 -2.74 -18.23
C PHE D 69 -26.46 -1.60 -17.23
N LEU D 70 -27.57 -0.87 -17.28
CA LEU D 70 -27.78 0.22 -16.34
C LEU D 70 -28.19 -0.26 -14.96
N GLU D 71 -28.99 -1.33 -14.89
CA GLU D 71 -29.54 -1.85 -13.64
C GLU D 71 -29.35 -3.35 -13.58
N PHE D 72 -28.11 -3.80 -13.74
CA PHE D 72 -27.77 -5.21 -13.80
C PHE D 72 -27.67 -5.82 -12.39
N SER D 73 -27.45 -7.13 -12.34
CA SER D 73 -27.19 -7.85 -11.10
C SER D 73 -26.44 -9.13 -11.44
N ALA D 74 -25.21 -9.25 -10.97
CA ALA D 74 -24.42 -10.44 -11.21
C ALA D 74 -23.42 -10.65 -10.08
N ASP D 75 -23.00 -11.90 -9.93
CA ASP D 75 -21.93 -12.26 -9.02
C ASP D 75 -20.57 -12.21 -9.70
N LEU D 76 -20.51 -11.84 -10.97
CA LEU D 76 -19.26 -11.71 -11.69
C LEU D 76 -19.42 -10.60 -12.72
N ILE D 77 -18.61 -9.56 -12.60
CA ILE D 77 -18.67 -8.40 -13.49
C ILE D 77 -17.43 -8.40 -14.35
N ILE D 78 -17.62 -8.26 -15.67
CA ILE D 78 -16.54 -8.33 -16.64
C ILE D 78 -16.43 -7.00 -17.36
N GLU D 79 -15.24 -6.40 -17.32
CA GLU D 79 -14.98 -5.15 -18.00
C GLU D 79 -14.02 -5.37 -19.16
N ARG D 80 -14.13 -4.51 -20.17
CA ARG D 80 -13.33 -4.61 -21.38
C ARG D 80 -12.58 -3.32 -21.61
N ARG D 81 -11.51 -3.40 -22.40
CA ARG D 81 -10.71 -2.21 -22.71
C ARG D 81 -11.47 -1.24 -23.59
N GLU D 82 -12.32 -1.74 -24.49
CA GLU D 82 -13.11 -0.85 -25.34
C GLU D 82 -14.27 -0.23 -24.57
N GLY D 83 -14.55 -0.69 -23.35
CA GLY D 83 -15.61 -0.08 -22.57
C GLY D 83 -15.25 1.32 -22.14
N SER D 84 -16.12 2.28 -22.47
CA SER D 84 -15.92 3.68 -22.14
C SER D 84 -16.90 4.09 -21.05
N ASP D 85 -16.37 4.77 -20.02
CA ASP D 85 -17.18 5.20 -18.89
C ASP D 85 -18.03 6.42 -19.19
N VAL D 86 -17.75 7.15 -20.27
CA VAL D 86 -18.34 8.45 -20.51
C VAL D 86 -18.81 8.57 -21.96
N CYS D 87 -19.90 9.30 -22.15
CA CYS D 87 -20.30 9.76 -23.48
C CYS D 87 -19.91 11.22 -23.70
N TYR D 88 -20.37 12.11 -22.84
CA TYR D 88 -19.77 13.44 -22.77
C TYR D 88 -18.40 13.32 -22.13
N PRO D 89 -17.39 14.04 -22.63
CA PRO D 89 -16.05 13.93 -22.05
C PRO D 89 -16.02 14.39 -20.60
N GLY D 90 -15.31 13.62 -19.77
CA GLY D 90 -15.28 13.89 -18.35
C GLY D 90 -14.44 12.85 -17.64
N LYS D 91 -14.39 12.97 -16.32
CA LYS D 91 -13.57 12.08 -15.53
C LYS D 91 -14.22 11.84 -14.17
N PHE D 92 -13.89 10.70 -13.58
CA PHE D 92 -14.33 10.32 -12.24
C PHE D 92 -13.21 10.61 -11.25
N VAL D 93 -13.51 11.45 -10.25
CA VAL D 93 -12.52 11.75 -9.22
C VAL D 93 -12.51 10.61 -8.21
N ASN D 94 -11.31 10.28 -7.73
CA ASN D 94 -11.06 9.10 -6.89
C ASN D 94 -11.63 7.87 -7.58
N GLU D 95 -11.14 7.65 -8.81
CA GLU D 95 -11.80 6.74 -9.76
C GLU D 95 -11.72 5.30 -9.28
N GLU D 96 -10.54 4.86 -8.84
CA GLU D 96 -10.35 3.44 -8.57
C GLU D 96 -11.13 2.98 -7.35
N ALA D 97 -11.37 3.88 -6.39
CA ALA D 97 -12.21 3.55 -5.25
C ALA D 97 -13.63 3.25 -5.69
N LEU D 98 -14.19 4.06 -6.59
CA LEU D 98 -15.53 3.81 -7.08
C LEU D 98 -15.58 2.56 -7.95
N ARG D 99 -14.53 2.31 -8.74
CA ARG D 99 -14.48 1.09 -9.53
C ARG D 99 -14.46 -0.14 -8.63
N GLN D 100 -13.68 -0.10 -7.55
CA GLN D 100 -13.62 -1.23 -6.63
C GLN D 100 -14.91 -1.38 -5.84
N ILE D 101 -15.61 -0.27 -5.57
CA ILE D 101 -16.92 -0.36 -4.92
C ILE D 101 -17.93 -1.03 -5.86
N LEU D 102 -17.93 -0.62 -7.13
CA LEU D 102 -18.87 -1.19 -8.10
C LEU D 102 -18.53 -2.65 -8.42
N ARG D 103 -17.27 -3.04 -8.27
CA ARG D 103 -16.91 -4.44 -8.48
C ARG D 103 -17.51 -5.35 -7.42
N GLU D 104 -17.71 -4.84 -6.20
CA GLU D 104 -18.28 -5.64 -5.12
C GLU D 104 -19.73 -5.27 -4.85
N SER D 105 -20.44 -4.76 -5.85
CA SER D 105 -21.83 -4.34 -5.67
C SER D 105 -22.82 -5.48 -5.80
N GLY D 106 -22.46 -6.55 -6.50
CA GLY D 106 -23.45 -7.58 -6.80
C GLY D 106 -24.54 -7.10 -7.70
N GLY D 107 -24.24 -6.12 -8.56
CA GLY D 107 -25.25 -5.39 -9.29
C GLY D 107 -25.69 -4.14 -8.56
N ILE D 108 -26.45 -3.32 -9.27
CA ILE D 108 -26.87 -2.01 -8.76
C ILE D 108 -28.36 -1.83 -8.99
N ASP D 109 -29.05 -1.32 -7.98
CA ASP D 109 -30.43 -0.90 -8.09
C ASP D 109 -30.49 0.62 -8.18
N LYS D 110 -31.55 1.11 -8.81
CA LYS D 110 -31.73 2.55 -9.00
C LYS D 110 -33.01 3.00 -8.34
N GLU D 111 -32.93 4.05 -7.54
CA GLU D 111 -34.08 4.61 -6.84
C GLU D 111 -34.19 6.09 -7.19
N THR D 112 -35.39 6.53 -7.55
CA THR D 112 -35.59 7.92 -7.94
C THR D 112 -35.35 8.85 -6.76
N MET D 113 -34.82 10.03 -7.06
CA MET D 113 -34.47 11.00 -6.04
C MET D 113 -35.61 11.95 -5.69
N GLY D 114 -36.59 12.11 -6.58
CA GLY D 114 -37.65 13.07 -6.37
C GLY D 114 -37.17 14.51 -6.40
N PHE D 115 -36.19 14.82 -7.23
CA PHE D 115 -35.68 16.18 -7.38
C PHE D 115 -36.53 16.90 -8.43
N THR D 116 -37.35 17.84 -7.99
CA THR D 116 -38.26 18.56 -8.87
C THR D 116 -37.72 19.95 -9.13
N TYR D 117 -37.55 20.29 -10.40
CA TYR D 117 -37.12 21.62 -10.83
C TYR D 117 -38.25 22.26 -11.62
N SER D 118 -38.72 23.41 -11.16
CA SER D 118 -39.84 24.10 -11.78
C SER D 118 -39.38 25.46 -12.30
N GLY D 119 -39.68 25.74 -13.57
CA GLY D 119 -39.33 27.00 -14.19
C GLY D 119 -37.93 27.06 -14.76
N ILE D 120 -37.14 26.01 -14.60
CA ILE D 120 -35.77 25.97 -15.11
C ILE D 120 -35.61 24.74 -15.99
N ARG D 121 -35.11 24.94 -17.21
CA ARG D 121 -35.00 23.87 -18.19
C ARG D 121 -33.96 22.84 -17.74
N THR D 122 -34.30 21.56 -17.92
CA THR D 122 -33.45 20.46 -17.45
C THR D 122 -33.09 19.44 -18.53
N ASN D 123 -33.63 19.54 -19.74
CA ASN D 123 -33.39 18.53 -20.77
C ASN D 123 -32.07 18.80 -21.49
N GLY D 124 -30.99 18.36 -20.86
CA GLY D 124 -29.68 18.52 -21.46
C GLY D 124 -29.53 17.68 -22.72
N ALA D 125 -28.77 18.20 -23.67
CA ALA D 125 -28.60 17.54 -24.95
C ALA D 125 -27.22 17.90 -25.52
N THR D 126 -26.51 16.88 -26.01
CA THR D 126 -25.19 17.07 -26.60
C THR D 126 -25.13 16.35 -27.93
N SER D 127 -24.23 16.82 -28.79
CA SER D 127 -23.98 16.18 -30.08
C SER D 127 -23.12 14.93 -29.96
N ALA D 128 -22.54 14.68 -28.78
CA ALA D 128 -21.66 13.55 -28.55
C ALA D 128 -22.35 12.36 -27.91
N CYS D 129 -23.23 12.62 -26.94
CA CYS D 129 -23.85 11.56 -26.15
C CYS D 129 -25.21 11.25 -26.78
N ARG D 130 -25.14 10.61 -27.95
CA ARG D 130 -26.20 10.62 -28.94
C ARG D 130 -26.56 9.22 -29.41
N ARG D 131 -27.85 9.02 -29.71
CA ARG D 131 -28.31 7.81 -30.38
C ARG D 131 -28.97 8.15 -31.71
N SER D 132 -30.03 8.95 -31.68
CA SER D 132 -30.78 9.36 -32.86
C SER D 132 -30.90 10.87 -32.87
N GLY D 133 -30.91 11.48 -31.67
CA GLY D 133 -30.89 12.91 -31.53
C GLY D 133 -29.95 13.36 -30.43
N SER D 134 -29.83 14.65 -30.22
CA SER D 134 -28.98 15.17 -29.16
C SER D 134 -29.63 14.91 -27.81
N SER D 135 -28.90 14.26 -26.91
CA SER D 135 -29.41 13.93 -25.57
C SER D 135 -28.24 13.91 -24.60
N PHE D 136 -28.44 13.28 -23.45
CA PHE D 136 -27.45 13.29 -22.39
C PHE D 136 -27.54 11.95 -21.66
N TYR D 137 -26.98 11.89 -20.45
CA TYR D 137 -26.86 10.67 -19.68
C TYR D 137 -28.22 10.13 -19.24
N ALA D 138 -28.21 8.94 -18.64
CA ALA D 138 -29.43 8.29 -18.20
C ALA D 138 -29.87 8.76 -16.82
N GLU D 139 -29.01 8.59 -15.82
CA GLU D 139 -29.34 8.84 -14.44
C GLU D 139 -28.92 10.24 -13.99
N MET D 140 -28.65 11.15 -14.93
CA MET D 140 -28.23 12.49 -14.61
C MET D 140 -29.03 13.50 -15.42
N LYS D 141 -29.38 14.61 -14.80
CA LYS D 141 -30.07 15.71 -15.44
C LYS D 141 -29.14 16.93 -15.50
N TRP D 142 -28.98 17.48 -16.69
CA TRP D 142 -28.19 18.69 -16.87
C TRP D 142 -29.04 19.90 -16.49
N LEU D 143 -28.58 20.69 -15.53
CA LEU D 143 -29.33 21.88 -15.11
C LEU D 143 -28.80 23.08 -15.87
N LEU D 144 -29.40 23.36 -17.03
CA LEU D 144 -29.05 24.52 -17.82
C LEU D 144 -29.88 25.71 -17.33
N SER D 145 -29.81 26.83 -18.05
CA SER D 145 -30.61 27.99 -17.73
C SER D 145 -32.02 27.79 -18.26
N ASN D 146 -32.84 28.84 -18.22
CA ASN D 146 -34.22 28.72 -18.67
C ASN D 146 -34.31 28.61 -20.19
N THR D 147 -33.89 29.65 -20.90
CA THR D 147 -33.84 29.64 -22.35
C THR D 147 -32.51 30.08 -22.91
N ASP D 148 -31.84 31.02 -22.26
CA ASP D 148 -30.61 31.63 -22.76
C ASP D 148 -29.87 32.18 -21.55
N ASN D 149 -28.94 33.11 -21.78
CA ASN D 149 -28.18 33.77 -20.73
C ASN D 149 -29.11 34.38 -19.68
N ALA D 150 -29.11 33.81 -18.48
CA ALA D 150 -30.00 34.24 -17.41
C ALA D 150 -29.45 33.75 -16.09
N ALA D 151 -29.93 34.37 -15.01
CA ALA D 151 -29.47 34.02 -13.67
C ALA D 151 -29.96 32.63 -13.27
N PHE D 152 -29.06 31.84 -12.71
CA PHE D 152 -29.40 30.52 -12.21
C PHE D 152 -29.79 30.62 -10.74
N PRO D 153 -30.99 30.19 -10.35
CA PRO D 153 -31.38 30.26 -8.94
C PRO D 153 -30.54 29.36 -8.07
N GLN D 154 -30.32 29.81 -6.83
CA GLN D 154 -29.53 29.06 -5.85
C GLN D 154 -30.37 27.89 -5.35
N MET D 155 -30.38 26.82 -6.14
CA MET D 155 -31.16 25.64 -5.79
C MET D 155 -30.53 24.90 -4.62
N THR D 156 -31.39 24.35 -3.76
CA THR D 156 -30.96 23.54 -2.62
C THR D 156 -31.85 22.30 -2.60
N LYS D 157 -31.32 21.18 -3.08
CA LYS D 157 -32.08 19.93 -3.17
C LYS D 157 -31.50 18.93 -2.19
N SER D 158 -32.36 18.39 -1.32
CA SER D 158 -31.94 17.42 -0.31
C SER D 158 -32.54 16.06 -0.60
N TYR D 159 -31.72 15.03 -0.52
CA TYR D 159 -32.16 13.66 -0.71
C TYR D 159 -31.78 12.84 0.52
N LYS D 160 -32.75 12.14 1.09
CA LYS D 160 -32.55 11.34 2.29
C LYS D 160 -32.52 9.86 1.93
N ASN D 161 -31.47 9.17 2.37
CA ASN D 161 -31.31 7.74 2.11
C ASN D 161 -32.11 6.98 3.16
N THR D 162 -33.34 6.62 2.81
CA THR D 162 -34.24 5.92 3.72
C THR D 162 -34.10 4.41 3.68
N ARG D 163 -33.31 3.86 2.76
CA ARG D 163 -33.12 2.42 2.68
C ARG D 163 -32.23 1.94 3.82
N ARG D 164 -32.14 0.62 3.96
CA ARG D 164 -31.35 0.00 5.02
C ARG D 164 -29.92 -0.33 4.58
N ASP D 165 -29.59 0.02 3.33
CA ASP D 165 -28.23 -0.23 2.77
C ASP D 165 -27.64 1.12 2.34
N PRO D 166 -26.31 1.32 2.34
CA PRO D 166 -25.74 2.64 2.00
C PRO D 166 -25.84 2.94 0.51
N ALA D 167 -26.47 4.05 0.18
CA ALA D 167 -26.65 4.46 -1.21
C ALA D 167 -25.35 5.00 -1.79
N LEU D 168 -25.25 4.91 -3.12
CA LEU D 168 -24.13 5.48 -3.86
C LEU D 168 -24.68 6.61 -4.72
N ILE D 169 -24.10 7.80 -4.58
CA ILE D 169 -24.61 8.99 -5.26
C ILE D 169 -23.49 9.57 -6.13
N VAL D 170 -23.78 9.74 -7.41
CA VAL D 170 -22.83 10.31 -8.37
C VAL D 170 -23.47 11.55 -8.97
N TRP D 171 -22.77 12.68 -8.89
CA TRP D 171 -23.19 13.91 -9.53
C TRP D 171 -22.05 14.48 -10.36
N GLY D 172 -22.36 15.49 -11.16
CA GLY D 172 -21.39 16.02 -12.09
C GLY D 172 -21.21 17.52 -12.04
N ILE D 173 -20.01 17.97 -12.42
CA ILE D 173 -19.65 19.38 -12.45
C ILE D 173 -19.22 19.70 -13.87
N HIS D 174 -19.82 20.72 -14.47
CA HIS D 174 -19.54 21.06 -15.86
C HIS D 174 -18.53 22.20 -15.94
N HIS D 175 -17.49 22.01 -16.75
CA HIS D 175 -16.54 23.05 -17.09
C HIS D 175 -16.66 23.26 -18.59
N SER D 176 -17.24 24.38 -18.99
CA SER D 176 -17.51 24.64 -20.40
C SER D 176 -16.21 24.90 -21.15
N GLY D 177 -16.31 24.84 -22.49
CA GLY D 177 -15.17 25.14 -23.33
C GLY D 177 -14.74 26.60 -23.30
N SER D 178 -15.61 27.49 -22.81
CA SER D 178 -15.28 28.89 -22.66
C SER D 178 -16.18 29.49 -21.58
N THR D 179 -15.80 30.67 -21.09
CA THR D 179 -16.65 31.39 -20.15
C THR D 179 -17.95 31.82 -20.81
N THR D 180 -17.90 32.18 -22.10
CA THR D 180 -19.10 32.56 -22.83
C THR D 180 -20.08 31.40 -22.92
N GLU D 181 -19.57 30.18 -23.14
CA GLU D 181 -20.44 29.01 -23.19
C GLU D 181 -21.06 28.73 -21.82
N GLN D 182 -20.30 28.96 -20.75
CA GLN D 182 -20.84 28.78 -19.41
C GLN D 182 -21.94 29.79 -19.12
N THR D 183 -21.75 31.05 -19.54
CA THR D 183 -22.80 32.05 -19.36
C THR D 183 -24.01 31.76 -20.22
N LYS D 184 -23.82 31.21 -21.42
CA LYS D 184 -24.94 30.81 -22.25
C LYS D 184 -25.72 29.66 -21.59
N LEU D 185 -25.00 28.71 -21.00
CA LEU D 185 -25.65 27.52 -20.44
C LEU D 185 -26.26 27.80 -19.07
N TYR D 186 -25.59 28.62 -18.24
CA TYR D 186 -26.04 28.82 -16.86
C TYR D 186 -26.12 30.27 -16.43
N GLY D 187 -25.39 31.19 -17.05
CA GLY D 187 -25.42 32.58 -16.67
C GLY D 187 -24.10 33.05 -16.10
N SER D 188 -24.00 34.36 -15.94
CA SER D 188 -22.80 34.99 -15.41
C SER D 188 -22.74 34.81 -13.90
N GLY D 189 -21.60 35.18 -13.34
CA GLY D 189 -21.38 35.07 -11.91
C GLY D 189 -20.55 33.86 -11.55
N SER D 190 -19.85 33.95 -10.42
CA SER D 190 -18.99 32.88 -9.94
C SER D 190 -19.86 31.78 -9.34
N LYS D 191 -20.12 30.73 -10.11
CA LYS D 191 -20.90 29.62 -9.61
C LYS D 191 -20.13 28.84 -8.56
N LEU D 192 -20.83 28.39 -7.53
CA LEU D 192 -20.22 27.65 -6.44
C LEU D 192 -21.21 26.64 -5.92
N ILE D 193 -20.84 25.36 -5.95
CA ILE D 193 -21.73 24.25 -5.63
C ILE D 193 -21.19 23.57 -4.38
N THR D 194 -22.06 23.42 -3.37
CA THR D 194 -21.70 22.73 -2.15
C THR D 194 -22.49 21.43 -2.04
N VAL D 195 -21.79 20.37 -1.62
CA VAL D 195 -22.41 19.07 -1.38
C VAL D 195 -22.16 18.70 0.07
N GLY D 196 -23.23 18.63 0.86
CA GLY D 196 -23.12 18.45 2.29
C GLY D 196 -23.78 17.16 2.75
N SER D 197 -23.16 16.53 3.75
CA SER D 197 -23.69 15.33 4.38
C SER D 197 -23.08 15.21 5.76
N SER D 198 -23.44 14.16 6.48
CA SER D 198 -22.83 13.92 7.79
C SER D 198 -21.40 13.40 7.67
N ASN D 199 -21.01 12.94 6.49
CA ASN D 199 -19.67 12.44 6.25
C ASN D 199 -18.97 13.09 5.07
N TYR D 200 -19.73 13.64 4.12
CA TYR D 200 -19.15 14.32 2.96
C TYR D 200 -19.54 15.79 3.02
N GLN D 201 -18.54 16.68 3.03
CA GLN D 201 -18.77 18.12 3.11
C GLN D 201 -17.94 18.89 2.09
N GLN D 202 -17.36 18.21 1.11
CA GLN D 202 -16.49 18.86 0.13
C GLN D 202 -17.31 19.73 -0.81
N SER D 203 -16.77 20.90 -1.14
CA SER D 203 -17.35 21.80 -2.12
C SER D 203 -16.32 22.13 -3.18
N PHE D 204 -16.75 22.84 -4.21
CA PHE D 204 -15.96 23.05 -5.41
C PHE D 204 -16.55 24.19 -6.23
N VAL D 205 -15.75 24.69 -7.16
CA VAL D 205 -16.14 25.78 -8.06
C VAL D 205 -15.87 25.35 -9.50
N PRO D 206 -16.83 25.48 -10.41
CA PRO D 206 -16.56 25.17 -11.81
C PRO D 206 -15.56 26.16 -12.42
N SER D 207 -14.76 25.65 -13.35
CA SER D 207 -13.67 26.41 -13.95
C SER D 207 -13.76 26.31 -15.47
N PRO D 208 -14.50 27.21 -16.12
CA PRO D 208 -14.55 27.19 -17.57
C PRO D 208 -13.22 27.55 -18.20
N GLY D 209 -12.96 26.97 -19.37
CA GLY D 209 -11.73 27.23 -20.08
C GLY D 209 -11.64 26.34 -21.30
N ALA D 210 -10.72 26.69 -22.18
CA ALA D 210 -10.52 25.92 -23.40
C ALA D 210 -9.87 24.57 -23.09
N ARG D 211 -10.32 23.55 -23.79
CA ARG D 211 -9.85 22.18 -23.61
C ARG D 211 -9.70 21.55 -24.99
N PRO D 212 -8.86 20.51 -25.11
CA PRO D 212 -8.79 19.78 -26.38
C PRO D 212 -10.12 19.12 -26.73
N GLN D 213 -10.38 19.02 -28.03
CA GLN D 213 -11.64 18.46 -28.53
C GLN D 213 -11.63 16.95 -28.35
N VAL D 214 -12.17 16.46 -27.23
CA VAL D 214 -12.24 15.03 -26.93
C VAL D 214 -13.69 14.59 -27.08
N ASN D 215 -13.90 13.56 -27.90
CA ASN D 215 -15.21 12.97 -28.17
C ASN D 215 -16.18 13.99 -28.76
N GLY D 216 -15.67 14.97 -29.50
CA GLY D 216 -16.51 15.93 -30.16
C GLY D 216 -17.01 17.08 -29.30
N GLN D 217 -16.59 17.17 -28.04
CA GLN D 217 -16.99 18.24 -27.16
C GLN D 217 -15.78 18.81 -26.44
N SER D 218 -15.88 20.09 -26.06
CA SER D 218 -14.77 20.79 -25.43
C SER D 218 -14.83 20.73 -23.91
N GLY D 219 -16.01 20.99 -23.33
CA GLY D 219 -16.14 21.00 -21.89
C GLY D 219 -16.00 19.62 -21.28
N ARG D 220 -15.69 19.60 -19.99
CA ARG D 220 -15.51 18.35 -19.26
C ARG D 220 -16.40 18.36 -18.02
N ILE D 221 -17.00 17.21 -17.73
CA ILE D 221 -17.84 17.06 -16.55
C ILE D 221 -17.15 16.11 -15.58
N ASP D 222 -16.69 16.67 -14.46
CA ASP D 222 -16.09 15.87 -13.40
C ASP D 222 -17.17 15.16 -12.63
N PHE D 223 -17.02 13.85 -12.47
CA PHE D 223 -18.04 13.01 -11.86
C PHE D 223 -17.65 12.74 -10.41
N HIS D 224 -18.17 13.57 -9.50
CA HIS D 224 -17.93 13.36 -8.08
C HIS D 224 -18.94 12.34 -7.54
N TRP D 225 -18.56 11.70 -6.44
CA TRP D 225 -19.40 10.66 -5.86
C TRP D 225 -19.23 10.62 -4.36
N LEU D 226 -20.26 10.09 -3.69
CA LEU D 226 -20.19 9.81 -2.26
C LEU D 226 -21.06 8.59 -1.97
N ILE D 227 -21.00 8.14 -0.71
CA ILE D 227 -21.84 7.06 -0.21
C ILE D 227 -22.61 7.59 0.99
N LEU D 228 -23.93 7.48 0.93
CA LEU D 228 -24.80 7.89 2.03
C LEU D 228 -25.11 6.69 2.92
N ASN D 229 -24.95 6.87 4.22
CA ASN D 229 -25.39 5.87 5.17
C ASN D 229 -26.92 5.86 5.24
N PRO D 230 -27.51 4.77 5.73
CA PRO D 230 -28.96 4.77 5.96
C PRO D 230 -29.38 5.84 6.96
N ASN D 231 -30.40 6.62 6.58
CA ASN D 231 -31.00 7.69 7.38
C ASN D 231 -29.98 8.82 7.56
N ASP D 232 -28.89 8.82 6.79
CA ASP D 232 -28.15 10.03 6.48
C ASP D 232 -28.75 10.69 5.24
N THR D 233 -28.58 12.00 5.13
CA THR D 233 -29.11 12.74 4.00
C THR D 233 -28.04 13.64 3.40
N VAL D 234 -28.22 13.97 2.12
CA VAL D 234 -27.28 14.79 1.38
C VAL D 234 -28.01 16.02 0.88
N THR D 235 -27.28 17.13 0.77
CA THR D 235 -27.82 18.40 0.29
C THR D 235 -26.91 18.93 -0.80
N PHE D 236 -27.47 19.15 -2.00
CA PHE D 236 -26.77 19.78 -3.09
C PHE D 236 -27.27 21.21 -3.21
N SER D 237 -26.41 22.18 -2.93
CA SER D 237 -26.73 23.60 -3.09
C SER D 237 -25.92 24.10 -4.29
N PHE D 238 -26.60 24.28 -5.42
CA PHE D 238 -25.95 24.65 -6.66
C PHE D 238 -26.61 25.87 -7.28
N ASN D 239 -25.78 26.79 -7.77
CA ASN D 239 -26.24 28.01 -8.41
C ASN D 239 -25.84 28.05 -9.88
N GLY D 240 -25.75 26.89 -10.52
CA GLY D 240 -25.38 26.82 -11.92
C GLY D 240 -24.28 25.81 -12.18
N ALA D 241 -24.17 25.36 -13.43
CA ALA D 241 -23.17 24.39 -13.88
C ALA D 241 -23.23 23.11 -13.05
N PHE D 242 -24.38 22.44 -13.13
CA PHE D 242 -24.60 21.23 -12.35
C PHE D 242 -25.16 20.11 -13.22
N ILE D 243 -24.63 18.91 -13.00
CA ILE D 243 -25.18 17.69 -13.57
C ILE D 243 -25.73 16.88 -12.40
N ALA D 244 -27.00 17.10 -12.07
CA ALA D 244 -27.56 16.52 -10.86
C ALA D 244 -27.89 15.04 -11.07
N PRO D 245 -27.81 14.24 -10.00
CA PRO D 245 -28.23 12.84 -10.13
C PRO D 245 -29.74 12.73 -10.25
N ASP D 246 -30.19 11.79 -11.07
CA ASP D 246 -31.60 11.49 -11.20
C ASP D 246 -31.98 10.28 -10.37
N ARG D 247 -31.25 9.18 -10.54
CA ARG D 247 -31.50 7.94 -9.80
C ARG D 247 -30.28 7.62 -8.95
N ALA D 248 -30.48 7.52 -7.64
CA ALA D 248 -29.43 7.08 -6.74
C ALA D 248 -29.17 5.59 -6.92
N SER D 249 -27.90 5.21 -6.84
CA SER D 249 -27.48 3.82 -7.01
C SER D 249 -27.33 3.15 -5.65
N PHE D 250 -27.78 1.90 -5.58
CA PHE D 250 -27.80 1.13 -4.34
C PHE D 250 -27.14 -0.22 -4.60
N LEU D 251 -26.30 -0.64 -3.66
CA LEU D 251 -25.62 -1.92 -3.78
C LEU D 251 -26.59 -3.07 -3.55
N ARG D 252 -26.39 -4.15 -4.32
CA ARG D 252 -27.26 -5.32 -4.24
C ARG D 252 -26.69 -6.44 -3.38
N GLY D 253 -25.38 -6.66 -3.44
CA GLY D 253 -24.77 -7.75 -2.70
C GLY D 253 -23.28 -7.88 -2.92
N LYS D 254 -22.81 -9.09 -3.15
CA LYS D 254 -21.39 -9.37 -3.32
C LYS D 254 -21.12 -9.88 -4.73
N SER D 255 -20.13 -9.28 -5.39
CA SER D 255 -19.67 -9.75 -6.69
C SER D 255 -18.15 -9.79 -6.71
N MET D 256 -17.56 -10.02 -7.88
CA MET D 256 -16.10 -9.98 -8.02
C MET D 256 -15.83 -9.54 -9.46
N GLY D 257 -15.35 -8.32 -9.63
CA GLY D 257 -15.17 -7.75 -10.95
C GLY D 257 -13.83 -8.15 -11.55
N ILE D 258 -13.85 -8.51 -12.83
CA ILE D 258 -12.64 -8.84 -13.57
C ILE D 258 -12.48 -7.83 -14.69
N GLN D 259 -11.31 -7.87 -15.33
CA GLN D 259 -10.99 -7.03 -16.48
C GLN D 259 -10.34 -7.93 -17.52
N SER D 260 -11.17 -8.50 -18.40
CA SER D 260 -10.74 -9.51 -19.35
C SER D 260 -10.85 -8.99 -20.78
N GLY D 261 -10.44 -9.82 -21.73
CA GLY D 261 -10.50 -9.48 -23.13
C GLY D 261 -10.93 -10.65 -24.01
N VAL D 262 -11.31 -11.76 -23.37
CA VAL D 262 -11.75 -12.95 -24.09
C VAL D 262 -13.25 -13.13 -23.89
N GLN D 263 -13.87 -13.84 -24.82
CA GLN D 263 -15.31 -13.98 -24.81
C GLN D 263 -15.78 -14.92 -23.71
N VAL D 264 -16.99 -14.67 -23.21
CA VAL D 264 -17.52 -15.35 -22.04
C VAL D 264 -18.03 -16.74 -22.45
N ASP D 265 -17.72 -17.73 -21.62
CA ASP D 265 -18.23 -19.09 -21.78
C ASP D 265 -18.96 -19.48 -20.51
N ALA D 266 -19.73 -20.57 -20.59
CA ALA D 266 -20.51 -21.09 -19.46
C ALA D 266 -20.32 -22.59 -19.34
N ASN D 267 -19.06 -23.04 -19.36
CA ASN D 267 -18.75 -24.46 -19.36
C ASN D 267 -17.83 -24.90 -18.23
N CYS D 268 -17.46 -24.01 -17.31
CA CYS D 268 -16.48 -24.33 -16.29
C CYS D 268 -16.98 -23.97 -14.91
N GLU D 269 -16.55 -24.74 -13.92
CA GLU D 269 -16.64 -24.32 -12.51
C GLU D 269 -15.42 -23.49 -12.14
N GLY D 270 -15.24 -22.39 -12.87
CA GLY D 270 -14.05 -21.59 -12.73
C GLY D 270 -14.02 -20.82 -11.42
N ASP D 271 -12.81 -20.49 -10.99
CA ASP D 271 -12.58 -19.81 -9.71
C ASP D 271 -11.96 -18.43 -9.87
N CYS D 272 -10.91 -18.26 -10.67
CA CYS D 272 -10.34 -16.94 -10.88
C CYS D 272 -10.14 -16.65 -12.35
N TYR D 273 -10.23 -15.37 -12.67
CA TYR D 273 -10.24 -14.86 -14.04
C TYR D 273 -9.29 -13.67 -14.13
N HIS D 274 -8.82 -13.42 -15.34
CA HIS D 274 -7.91 -12.31 -15.62
C HIS D 274 -8.01 -11.98 -17.10
N SER D 275 -7.15 -11.07 -17.56
CA SER D 275 -7.21 -10.58 -18.94
C SER D 275 -6.96 -11.70 -19.95
N GLY D 276 -6.18 -12.71 -19.57
CA GLY D 276 -5.95 -13.85 -20.44
C GLY D 276 -7.01 -14.92 -20.38
N GLY D 277 -7.96 -14.84 -19.46
CA GLY D 277 -9.00 -15.85 -19.39
C GLY D 277 -9.29 -16.36 -17.99
N THR D 278 -9.30 -17.68 -17.83
CA THR D 278 -9.69 -18.32 -16.57
C THR D 278 -8.60 -19.32 -16.17
N ILE D 279 -8.25 -19.33 -14.88
CA ILE D 279 -7.27 -20.31 -14.41
C ILE D 279 -7.99 -21.41 -13.64
N ILE D 280 -8.37 -22.48 -14.33
CA ILE D 280 -8.98 -23.64 -13.70
C ILE D 280 -7.88 -24.66 -13.39
N SER D 281 -7.66 -24.88 -12.09
CA SER D 281 -6.57 -25.74 -11.63
C SER D 281 -6.75 -25.97 -10.13
N ASN D 282 -6.45 -27.19 -9.70
CA ASN D 282 -6.35 -27.51 -8.29
C ASN D 282 -4.92 -27.39 -7.77
N LEU D 283 -3.96 -27.10 -8.65
CA LEU D 283 -2.57 -26.92 -8.29
C LEU D 283 -2.41 -25.71 -7.37
N PRO D 284 -1.38 -25.70 -6.51
CA PRO D 284 -1.22 -24.57 -5.58
C PRO D 284 -0.61 -23.32 -6.20
N PHE D 285 0.10 -23.43 -7.32
CA PHE D 285 0.79 -22.29 -7.91
C PHE D 285 0.46 -22.18 -9.39
N GLN D 286 0.53 -20.95 -9.91
CA GLN D 286 0.27 -20.68 -11.31
C GLN D 286 1.31 -19.70 -11.84
N ASN D 287 1.53 -19.75 -13.14
CA ASN D 287 2.45 -18.84 -13.82
C ASN D 287 1.83 -18.33 -15.11
N ILE D 288 0.58 -17.87 -15.05
CA ILE D 288 -0.08 -17.32 -16.23
C ILE D 288 -0.14 -15.80 -16.08
N ASN D 289 -0.81 -15.33 -15.04
CA ASN D 289 -0.94 -13.91 -14.77
C ASN D 289 -0.73 -13.66 -13.27
N SER D 290 -0.04 -12.57 -12.95
CA SER D 290 0.20 -12.21 -11.56
C SER D 290 -0.98 -11.48 -10.92
N ARG D 291 -1.99 -11.12 -11.71
CA ARG D 291 -3.12 -10.33 -11.22
C ARG D 291 -4.43 -11.10 -11.33
N ALA D 292 -4.39 -12.41 -11.11
CA ALA D 292 -5.59 -13.23 -11.16
C ALA D 292 -6.47 -12.95 -9.95
N VAL D 293 -7.70 -12.49 -10.20
CA VAL D 293 -8.63 -12.14 -9.15
C VAL D 293 -9.57 -13.32 -8.90
N GLY D 294 -9.65 -13.76 -7.64
CA GLY D 294 -10.41 -14.92 -7.25
C GLY D 294 -9.59 -15.85 -6.39
N LYS D 295 -10.25 -16.91 -5.92
CA LYS D 295 -9.62 -17.90 -5.04
C LYS D 295 -9.04 -19.03 -5.90
N CYS D 296 -7.72 -18.99 -6.11
CA CYS D 296 -7.09 -19.94 -7.01
C CYS D 296 -5.59 -20.02 -6.72
N PRO D 297 -4.79 -20.87 -7.46
CA PRO D 297 -3.33 -20.82 -7.34
C PRO D 297 -2.69 -19.44 -7.34
N ARG D 298 -1.50 -19.36 -6.74
CA ARG D 298 -0.76 -18.13 -6.54
C ARG D 298 0.33 -17.99 -7.60
N TYR D 299 0.72 -16.75 -7.87
CA TYR D 299 1.72 -16.49 -8.89
C TYR D 299 3.12 -16.84 -8.40
N VAL D 300 3.93 -17.39 -9.30
CA VAL D 300 5.33 -17.69 -9.04
C VAL D 300 6.16 -17.23 -10.23
N LYS D 301 7.45 -17.01 -9.98
CA LYS D 301 8.35 -16.58 -11.04
C LYS D 301 8.87 -17.73 -11.88
N GLN D 302 8.72 -18.97 -11.40
CA GLN D 302 9.25 -20.12 -12.12
C GLN D 302 8.38 -20.47 -13.31
N GLU D 303 9.03 -20.88 -14.41
CA GLU D 303 8.29 -21.37 -15.57
C GLU D 303 7.52 -22.63 -15.21
N SER D 304 8.16 -23.56 -14.51
CA SER D 304 7.51 -24.78 -14.05
C SER D 304 8.31 -25.37 -12.92
N LEU D 305 7.62 -25.82 -11.88
CA LEU D 305 8.22 -26.55 -10.77
C LEU D 305 7.69 -27.97 -10.78
N MET D 306 8.59 -28.93 -10.74
CA MET D 306 8.25 -30.34 -10.92
C MET D 306 8.34 -31.04 -9.57
N LEU D 307 7.20 -31.36 -8.99
CA LEU D 307 7.16 -31.96 -7.66
C LEU D 307 7.26 -33.47 -7.81
N ALA D 308 8.28 -34.06 -7.18
CA ALA D 308 8.53 -35.49 -7.35
C ALA D 308 7.45 -36.32 -6.67
N THR D 309 6.75 -37.12 -7.46
CA THR D 309 5.78 -38.07 -6.93
C THR D 309 6.36 -39.47 -6.79
N GLY D 310 7.15 -39.92 -7.76
CA GLY D 310 7.78 -41.21 -7.66
C GLY D 310 9.13 -41.16 -6.97
N MET D 311 9.80 -42.30 -6.95
CA MET D 311 11.11 -42.44 -6.34
C MET D 311 12.19 -41.91 -7.28
N LYS D 312 13.39 -41.72 -6.72
CA LYS D 312 14.57 -41.38 -7.52
C LYS D 312 15.04 -42.64 -8.24
N ASN D 313 14.69 -42.76 -9.51
CA ASN D 313 15.05 -43.95 -10.26
C ASN D 313 16.47 -43.85 -10.81
N VAL D 314 17.12 -45.00 -10.93
CA VAL D 314 18.39 -45.11 -11.61
C VAL D 314 18.29 -46.20 -12.68
N PRO D 315 18.64 -45.91 -13.93
CA PRO D 315 18.54 -46.93 -14.97
C PRO D 315 19.66 -47.96 -14.87
N GLU D 316 19.44 -49.09 -15.54
CA GLU D 316 20.45 -50.14 -15.59
C GLU D 316 21.59 -49.76 -16.52
N ALA E 328 17.97 -47.37 -1.53
CA ALA E 328 18.36 -47.11 -2.92
C ALA E 328 19.82 -46.71 -3.01
N GLY E 329 20.55 -46.89 -1.90
CA GLY E 329 21.95 -46.50 -1.85
C GLY E 329 22.89 -47.60 -2.30
N PHE E 330 22.75 -48.79 -1.71
CA PHE E 330 23.65 -49.91 -2.01
C PHE E 330 23.30 -50.64 -3.30
N ILE E 331 22.14 -50.37 -3.88
CA ILE E 331 21.74 -51.04 -5.12
C ILE E 331 22.51 -50.43 -6.28
N GLU E 332 23.04 -51.30 -7.15
CA GLU E 332 23.74 -50.83 -8.34
C GLU E 332 22.79 -50.11 -9.29
N ASN E 333 21.62 -50.69 -9.55
CA ASN E 333 20.66 -50.08 -10.46
C ASN E 333 19.28 -50.65 -10.18
N GLY E 334 18.26 -49.80 -10.34
CA GLY E 334 16.90 -50.25 -10.16
C GLY E 334 16.40 -51.09 -11.32
N TRP E 335 15.43 -51.94 -11.02
CA TRP E 335 14.89 -52.86 -12.02
C TRP E 335 13.94 -52.14 -12.96
N GLU E 336 14.04 -52.48 -14.25
CA GLU E 336 13.16 -51.90 -15.26
C GLU E 336 11.97 -52.79 -15.60
N GLY E 337 12.06 -54.08 -15.32
CA GLY E 337 10.99 -55.02 -15.62
C GLY E 337 9.87 -55.07 -14.61
N LEU E 338 9.94 -54.27 -13.55
CA LEU E 338 8.91 -54.25 -12.51
C LEU E 338 7.96 -53.09 -12.82
N ILE E 339 6.68 -53.42 -13.00
CA ILE E 339 5.69 -52.48 -13.52
C ILE E 339 4.56 -52.23 -12.52
N ASP E 340 4.02 -53.30 -11.93
CA ASP E 340 2.80 -53.17 -11.14
C ASP E 340 3.03 -52.42 -9.83
N GLY E 341 4.11 -52.75 -9.11
CA GLY E 341 4.40 -52.16 -7.84
C GLY E 341 5.54 -51.17 -7.90
N TRP E 342 6.11 -50.90 -6.73
CA TRP E 342 7.31 -50.08 -6.60
C TRP E 342 8.51 -50.83 -6.07
N TYR E 343 8.30 -51.68 -5.06
CA TYR E 343 9.34 -52.49 -4.47
C TYR E 343 9.02 -53.96 -4.67
N GLY E 344 10.02 -54.75 -5.05
CA GLY E 344 9.78 -56.14 -5.35
C GLY E 344 10.92 -57.08 -5.02
N PHE E 345 10.89 -58.26 -5.62
CA PHE E 345 11.84 -59.32 -5.33
C PHE E 345 12.24 -60.04 -6.61
N ARG E 346 13.48 -60.48 -6.66
CA ARG E 346 14.01 -61.35 -7.71
C ARG E 346 14.34 -62.70 -7.10
N HIS E 347 14.22 -63.76 -7.91
CA HIS E 347 14.24 -65.11 -7.37
C HIS E 347 15.61 -65.78 -7.49
N GLN E 348 16.09 -65.98 -8.71
CA GLN E 348 17.30 -66.76 -9.07
C GLN E 348 17.52 -67.96 -8.16
N ASN E 349 16.50 -68.80 -8.06
CA ASN E 349 16.56 -70.01 -7.25
C ASN E 349 16.77 -71.23 -8.15
N ALA E 350 16.73 -72.42 -7.55
CA ALA E 350 16.90 -73.65 -8.33
C ALA E 350 15.71 -73.92 -9.24
N GLN E 351 14.52 -73.44 -8.89
CA GLN E 351 13.36 -73.63 -9.75
C GLN E 351 13.47 -72.79 -11.03
N GLY E 352 14.14 -71.64 -10.95
CA GLY E 352 14.31 -70.80 -12.13
C GLY E 352 14.53 -69.35 -11.71
N GLU E 353 14.13 -68.45 -12.59
CA GLU E 353 14.22 -67.01 -12.36
C GLU E 353 12.82 -66.41 -12.46
N GLY E 354 12.45 -65.63 -11.45
CA GLY E 354 11.14 -65.00 -11.44
C GLY E 354 11.20 -63.67 -10.73
N THR E 355 10.28 -62.78 -11.11
CA THR E 355 10.17 -61.46 -10.51
C THR E 355 8.80 -61.31 -9.87
N ALA E 356 8.76 -60.81 -8.64
CA ALA E 356 7.51 -60.58 -7.94
C ALA E 356 7.52 -59.17 -7.36
N ALA E 357 6.34 -58.70 -6.96
CA ALA E 357 6.18 -57.35 -6.42
C ALA E 357 5.64 -57.42 -5.01
N ASP E 358 6.33 -56.75 -4.09
CA ASP E 358 5.80 -56.56 -2.74
C ASP E 358 4.59 -55.63 -2.79
N TYR E 359 3.70 -55.78 -1.81
CA TYR E 359 2.47 -55.00 -1.81
C TYR E 359 2.37 -54.03 -0.63
N LYS E 360 2.82 -54.41 0.56
CA LYS E 360 2.60 -53.58 1.74
C LYS E 360 3.46 -52.32 1.70
N SER E 361 4.75 -52.47 1.39
CA SER E 361 5.66 -51.33 1.41
C SER E 361 5.32 -50.31 0.33
N THR E 362 5.01 -50.77 -0.88
CA THR E 362 4.62 -49.85 -1.93
C THR E 362 3.27 -49.21 -1.64
N GLN E 363 2.36 -49.93 -0.99
CA GLN E 363 1.08 -49.32 -0.61
C GLN E 363 1.30 -48.22 0.41
N SER E 364 2.17 -48.44 1.39
CA SER E 364 2.47 -47.40 2.37
C SER E 364 3.13 -46.20 1.72
N ALA E 365 4.08 -46.44 0.81
CA ALA E 365 4.79 -45.34 0.16
C ALA E 365 3.84 -44.52 -0.72
N ILE E 366 3.00 -45.19 -1.51
CA ILE E 366 2.06 -44.48 -2.38
C ILE E 366 1.02 -43.76 -1.53
N ASP E 367 0.58 -44.36 -0.42
CA ASP E 367 -0.38 -43.68 0.46
C ASP E 367 0.22 -42.41 1.05
N GLN E 368 1.47 -42.47 1.53
CA GLN E 368 2.12 -41.30 2.08
C GLN E 368 2.31 -40.20 1.02
N ILE E 369 2.77 -40.59 -0.17
CA ILE E 369 3.03 -39.59 -1.20
C ILE E 369 1.72 -38.98 -1.72
N THR E 370 0.67 -39.80 -1.86
CA THR E 370 -0.62 -39.27 -2.29
C THR E 370 -1.25 -38.40 -1.21
N GLY E 371 -1.03 -38.70 0.06
CA GLY E 371 -1.47 -37.79 1.11
C GLY E 371 -0.72 -36.47 1.08
N LYS E 372 0.58 -36.52 0.76
CA LYS E 372 1.35 -35.30 0.57
C LYS E 372 0.81 -34.48 -0.61
N LEU E 373 0.47 -35.16 -1.70
CA LEU E 373 -0.15 -34.48 -2.84
C LEU E 373 -1.48 -33.87 -2.46
N ASN E 374 -2.31 -34.60 -1.71
CA ASN E 374 -3.63 -34.12 -1.33
C ASN E 374 -3.53 -32.91 -0.42
N ARG E 375 -2.58 -32.91 0.51
CA ARG E 375 -2.39 -31.74 1.35
C ARG E 375 -1.65 -30.62 0.63
N LEU E 376 -1.02 -30.90 -0.52
CA LEU E 376 -0.40 -29.87 -1.34
C LEU E 376 -1.31 -29.38 -2.46
N ILE E 377 -1.95 -30.29 -3.19
CA ILE E 377 -2.83 -29.90 -4.30
C ILE E 377 -4.15 -29.45 -3.70
N GLU E 378 -4.25 -28.15 -3.39
CA GLU E 378 -5.43 -27.58 -2.78
C GLU E 378 -5.56 -26.13 -3.25
N LYS E 379 -6.69 -25.81 -3.89
CA LYS E 379 -6.99 -24.42 -4.18
C LYS E 379 -7.26 -23.66 -2.89
N THR E 380 -6.75 -22.44 -2.81
CA THR E 380 -6.82 -21.68 -1.57
C THR E 380 -8.24 -21.20 -1.30
N ASN E 381 -8.55 -21.00 -0.02
CA ASN E 381 -9.84 -20.49 0.40
C ASN E 381 -9.91 -18.96 0.30
N GLN E 382 -8.78 -18.28 0.54
CA GLN E 382 -8.75 -16.83 0.51
C GLN E 382 -9.04 -16.31 -0.90
N GLN E 383 -9.96 -15.37 -0.99
CA GLN E 383 -10.46 -14.85 -2.26
C GLN E 383 -9.99 -13.40 -2.41
N PHE E 384 -8.97 -13.19 -3.23
CA PHE E 384 -8.39 -11.87 -3.45
C PHE E 384 -9.30 -11.04 -4.34
N GLU E 385 -9.09 -9.73 -4.30
CA GLU E 385 -9.86 -8.81 -5.12
C GLU E 385 -8.95 -8.06 -6.09
N LEU E 386 -9.57 -7.43 -7.08
CA LEU E 386 -8.84 -6.66 -8.08
C LEU E 386 -8.41 -5.34 -7.46
N ILE E 387 -7.09 -5.15 -7.32
CA ILE E 387 -6.56 -3.96 -6.68
C ILE E 387 -6.02 -2.94 -7.68
N ASP E 388 -5.60 -3.38 -8.86
CA ASP E 388 -5.04 -2.50 -9.88
C ASP E 388 -5.86 -2.62 -11.15
N ASN E 389 -5.90 -1.52 -11.91
CA ASN E 389 -6.67 -1.46 -13.15
C ASN E 389 -5.74 -1.63 -14.35
N GLU E 390 -6.07 -2.60 -15.20
CA GLU E 390 -5.24 -2.87 -16.37
C GLU E 390 -5.44 -1.84 -17.47
N PHE E 391 -6.66 -1.31 -17.63
CA PHE E 391 -6.97 -0.45 -18.77
C PHE E 391 -6.62 1.00 -18.49
N THR E 392 -7.23 1.59 -17.47
CA THR E 392 -6.97 2.98 -17.08
C THR E 392 -6.00 2.94 -15.90
N GLU E 393 -4.78 3.44 -16.12
CA GLU E 393 -3.75 3.36 -15.10
C GLU E 393 -4.11 4.21 -13.89
N VAL E 394 -3.94 3.64 -12.70
CA VAL E 394 -4.21 4.30 -11.43
C VAL E 394 -3.13 5.34 -11.15
N GLU E 395 -3.33 6.14 -10.10
CA GLU E 395 -2.36 7.15 -9.70
C GLU E 395 -1.00 6.52 -9.45
N LYS E 396 0.05 7.25 -9.88
CA LYS E 396 1.37 6.65 -10.03
C LYS E 396 1.99 6.26 -8.69
N GLN E 397 1.75 7.04 -7.64
CA GLN E 397 2.30 6.72 -6.32
C GLN E 397 1.65 5.46 -5.75
N ILE E 398 0.32 5.47 -5.62
CA ILE E 398 -0.38 4.31 -5.08
C ILE E 398 -0.27 3.12 -6.04
N GLY E 399 -0.21 3.39 -7.34
CA GLY E 399 0.00 2.32 -8.30
C GLY E 399 1.36 1.66 -8.15
N ASN E 400 2.40 2.46 -7.92
CA ASN E 400 3.72 1.89 -7.71
C ASN E 400 3.80 1.17 -6.37
N VAL E 401 3.05 1.64 -5.37
CA VAL E 401 2.96 0.92 -4.10
C VAL E 401 2.32 -0.45 -4.31
N ILE E 402 1.25 -0.51 -5.09
CA ILE E 402 0.58 -1.77 -5.41
C ILE E 402 1.52 -2.69 -6.19
N ASN E 403 2.24 -2.12 -7.17
CA ASN E 403 3.19 -2.90 -7.96
C ASN E 403 4.31 -3.46 -7.09
N TRP E 404 4.83 -2.67 -6.16
CA TRP E 404 5.92 -3.12 -5.31
C TRP E 404 5.44 -4.18 -4.32
N THR E 405 4.23 -4.00 -3.76
CA THR E 405 3.66 -5.01 -2.88
C THR E 405 3.43 -6.32 -3.62
N ARG E 406 2.89 -6.24 -4.83
CA ARG E 406 2.66 -7.44 -5.63
C ARG E 406 3.96 -8.11 -6.04
N ASP E 407 5.00 -7.32 -6.33
CA ASP E 407 6.29 -7.89 -6.70
C ASP E 407 6.95 -8.57 -5.50
N SER E 408 6.85 -7.96 -4.32
CA SER E 408 7.39 -8.57 -3.11
C SER E 408 6.64 -9.85 -2.75
N MET E 409 5.31 -9.84 -2.90
CA MET E 409 4.55 -11.05 -2.64
C MET E 409 4.83 -12.13 -3.68
N THR E 410 5.04 -11.74 -4.93
CA THR E 410 5.43 -12.69 -5.97
C THR E 410 6.79 -13.30 -5.66
N GLU E 411 7.74 -12.48 -5.21
CA GLU E 411 9.05 -13.01 -4.85
C GLU E 411 8.97 -13.96 -3.66
N VAL E 412 8.20 -13.61 -2.63
CA VAL E 412 8.12 -14.49 -1.47
C VAL E 412 7.35 -15.76 -1.81
N TRP E 413 6.36 -15.68 -2.71
CA TRP E 413 5.64 -16.89 -3.09
C TRP E 413 6.48 -17.78 -3.97
N SER E 414 7.30 -17.19 -4.85
CA SER E 414 8.23 -17.97 -5.66
C SER E 414 9.28 -18.64 -4.79
N TYR E 415 9.81 -17.91 -3.80
CA TYR E 415 10.77 -18.50 -2.87
C TYR E 415 10.15 -19.62 -2.07
N ASN E 416 8.92 -19.42 -1.57
CA ASN E 416 8.22 -20.46 -0.82
C ASN E 416 7.90 -21.66 -1.71
N ALA E 417 7.59 -21.43 -2.98
CA ALA E 417 7.32 -22.53 -3.90
C ALA E 417 8.57 -23.34 -4.18
N GLU E 418 9.70 -22.66 -4.43
CA GLU E 418 10.96 -23.39 -4.61
C GLU E 418 11.33 -24.15 -3.35
N LEU E 419 11.18 -23.52 -2.19
CA LEU E 419 11.49 -24.16 -0.92
C LEU E 419 10.63 -25.40 -0.70
N LEU E 420 9.32 -25.26 -0.92
CA LEU E 420 8.39 -26.37 -0.73
C LEU E 420 8.66 -27.50 -1.71
N VAL E 421 8.86 -27.16 -2.99
CA VAL E 421 9.12 -28.18 -4.00
C VAL E 421 10.42 -28.92 -3.71
N ALA E 422 11.48 -28.18 -3.36
CA ALA E 422 12.76 -28.81 -3.08
C ALA E 422 12.68 -29.70 -1.84
N MET E 423 12.05 -29.22 -0.77
CA MET E 423 12.06 -30.01 0.45
C MET E 423 11.11 -31.21 0.36
N GLU E 424 9.99 -31.10 -0.38
CA GLU E 424 9.15 -32.26 -0.54
C GLU E 424 9.70 -33.25 -1.57
N ASN E 425 10.46 -32.78 -2.56
CA ASN E 425 11.16 -33.72 -3.42
C ASN E 425 12.23 -34.47 -2.63
N GLN E 426 12.96 -33.76 -1.76
CA GLN E 426 13.92 -34.41 -0.88
C GLN E 426 13.23 -35.38 0.07
N HIS E 427 12.06 -35.00 0.59
CA HIS E 427 11.34 -35.88 1.51
C HIS E 427 10.75 -37.09 0.81
N THR E 428 10.31 -36.95 -0.45
CA THR E 428 9.81 -38.11 -1.18
C THR E 428 10.95 -39.05 -1.55
N ILE E 429 12.11 -38.50 -1.93
CA ILE E 429 13.27 -39.33 -2.20
C ILE E 429 13.71 -40.07 -0.94
N ASP E 430 13.77 -39.35 0.19
CA ASP E 430 14.13 -39.97 1.46
C ASP E 430 13.05 -40.94 1.93
N LEU E 431 11.79 -40.70 1.57
CA LEU E 431 10.72 -41.62 1.95
C LEU E 431 10.80 -42.92 1.14
N ALA E 432 11.12 -42.80 -0.15
CA ALA E 432 11.35 -44.01 -0.95
C ALA E 432 12.56 -44.78 -0.43
N ASP E 433 13.63 -44.07 -0.09
CA ASP E 433 14.81 -44.71 0.48
C ASP E 433 14.49 -45.36 1.81
N SER E 434 13.66 -44.72 2.64
CA SER E 434 13.32 -45.27 3.94
C SER E 434 12.35 -46.44 3.83
N GLU E 435 11.46 -46.41 2.85
CA GLU E 435 10.59 -47.57 2.62
C GLU E 435 11.40 -48.77 2.12
N MET E 436 12.36 -48.52 1.22
CA MET E 436 13.29 -49.56 0.80
C MET E 436 14.08 -50.09 1.99
N ASN E 437 14.55 -49.19 2.85
CA ASN E 437 15.31 -49.60 4.03
C ASN E 437 14.44 -50.40 4.99
N LYS E 438 13.18 -49.99 5.19
CA LYS E 438 12.29 -50.71 6.10
C LYS E 438 11.99 -52.10 5.58
N LEU E 439 11.76 -52.24 4.27
CA LEU E 439 11.57 -53.56 3.69
C LEU E 439 12.84 -54.41 3.81
N TYR E 440 14.00 -53.79 3.63
CA TYR E 440 15.26 -54.50 3.71
C TYR E 440 15.53 -55.01 5.13
N GLU E 441 15.33 -54.15 6.13
CA GLU E 441 15.54 -54.56 7.52
C GLU E 441 14.47 -55.56 7.96
N ARG E 442 13.23 -55.45 7.47
CA ARG E 442 12.24 -56.44 7.84
C ARG E 442 12.51 -57.79 7.19
N VAL E 443 13.13 -57.79 6.00
CA VAL E 443 13.53 -59.06 5.40
C VAL E 443 14.68 -59.69 6.17
N ARG E 444 15.66 -58.87 6.59
CA ARG E 444 16.74 -59.41 7.42
C ARG E 444 16.23 -59.86 8.78
N ARG E 445 15.21 -59.19 9.33
CA ARG E 445 14.64 -59.60 10.59
C ARG E 445 13.83 -60.89 10.47
N GLN E 446 13.21 -61.12 9.31
CA GLN E 446 12.49 -62.37 9.09
C GLN E 446 13.46 -63.56 9.07
N LEU E 447 14.63 -63.37 8.47
CA LEU E 447 15.59 -64.45 8.27
C LEU E 447 16.80 -64.18 9.15
N ARG E 448 16.86 -64.87 10.30
CA ARG E 448 17.87 -64.58 11.32
C ARG E 448 19.28 -64.84 10.79
N GLU E 449 19.59 -66.11 10.51
CA GLU E 449 20.89 -66.50 9.97
C GLU E 449 20.73 -67.27 8.67
N ASN E 450 19.50 -67.58 8.26
CA ASN E 450 19.26 -68.30 7.01
C ASN E 450 19.72 -67.52 5.78
N ALA E 451 19.78 -66.20 5.86
CA ALA E 451 20.29 -65.40 4.75
C ALA E 451 21.03 -64.18 5.28
N GLU E 452 21.97 -63.71 4.47
CA GLU E 452 22.74 -62.51 4.78
C GLU E 452 22.86 -61.66 3.53
N GLU E 453 23.13 -60.37 3.73
CA GLU E 453 23.31 -59.45 2.63
C GLU E 453 24.64 -59.68 1.91
N ASP E 454 24.70 -59.20 0.66
CA ASP E 454 25.92 -59.18 -0.11
C ASP E 454 26.44 -57.78 -0.41
N GLY E 455 25.66 -56.73 -0.15
CA GLY E 455 26.03 -55.38 -0.46
C GLY E 455 25.39 -54.82 -1.71
N THR E 456 24.84 -55.67 -2.57
CA THR E 456 24.18 -55.24 -3.79
C THR E 456 22.66 -55.24 -3.67
N GLY E 457 22.13 -55.47 -2.47
CA GLY E 457 20.70 -55.52 -2.26
C GLY E 457 20.09 -56.90 -2.26
N CYS E 458 20.89 -57.94 -2.41
CA CYS E 458 20.40 -59.31 -2.44
C CYS E 458 20.61 -60.00 -1.10
N PHE E 459 19.96 -61.16 -0.94
CA PHE E 459 20.10 -61.98 0.24
C PHE E 459 20.50 -63.39 -0.19
N GLU E 460 21.54 -63.92 0.43
CA GLU E 460 22.07 -65.23 0.06
C GLU E 460 21.41 -66.29 0.94
N ILE E 461 20.45 -67.02 0.36
CA ILE E 461 19.74 -68.05 1.10
C ILE E 461 20.64 -69.26 1.31
N PHE E 462 20.64 -69.79 2.54
CA PHE E 462 21.45 -70.93 2.90
C PHE E 462 20.64 -72.22 3.01
N HIS E 463 19.42 -72.23 2.47
CA HIS E 463 18.58 -73.42 2.48
C HIS E 463 17.87 -73.55 1.14
N LYS E 464 17.48 -74.78 0.81
CA LYS E 464 16.79 -75.08 -0.43
C LYS E 464 15.29 -75.16 -0.19
N CYS E 465 14.53 -74.42 -0.99
CA CYS E 465 13.08 -74.36 -0.85
C CYS E 465 12.47 -73.87 -2.15
N ASP E 466 11.45 -74.57 -2.63
CA ASP E 466 10.92 -74.36 -3.98
C ASP E 466 9.73 -73.41 -3.94
N ASP E 467 10.05 -72.11 -3.87
CA ASP E 467 9.13 -71.01 -4.09
C ASP E 467 8.04 -70.88 -3.04
N ASP E 468 7.99 -71.80 -2.07
CA ASP E 468 7.05 -71.66 -0.97
C ASP E 468 7.63 -70.82 0.16
N CYS E 469 8.92 -71.03 0.46
CA CYS E 469 9.61 -70.23 1.45
C CYS E 469 9.69 -68.76 1.01
N MET E 470 9.91 -68.54 -0.29
CA MET E 470 10.10 -67.19 -0.79
C MET E 470 8.78 -66.43 -0.82
N ALA E 471 7.70 -67.10 -1.22
CA ALA E 471 6.38 -66.49 -1.12
C ALA E 471 5.97 -66.27 0.34
N SER E 472 6.43 -67.15 1.24
CA SER E 472 6.22 -66.93 2.66
C SER E 472 6.97 -65.70 3.15
N ILE E 473 8.16 -65.46 2.58
CA ILE E 473 8.89 -64.23 2.86
C ILE E 473 8.08 -63.03 2.39
N ARG E 474 7.50 -63.13 1.19
CA ARG E 474 6.66 -62.05 0.67
C ARG E 474 5.40 -61.87 1.50
N ASN E 475 4.82 -62.95 2.02
CA ASN E 475 3.57 -62.91 2.76
C ASN E 475 3.75 -62.59 4.24
N ASN E 476 5.00 -62.35 4.68
CA ASN E 476 5.33 -62.06 6.08
C ASN E 476 4.87 -63.20 7.00
N THR E 477 4.97 -64.43 6.51
CA THR E 477 4.59 -65.63 7.27
C THR E 477 5.75 -66.61 7.32
N TYR E 478 6.98 -66.10 7.27
CA TYR E 478 8.17 -66.95 7.21
C TYR E 478 8.43 -67.59 8.56
N ASP E 479 8.58 -68.91 8.57
CA ASP E 479 8.88 -69.67 9.79
C ASP E 479 10.34 -70.06 9.75
N HIS E 480 11.19 -69.21 10.32
CA HIS E 480 12.63 -69.48 10.33
C HIS E 480 13.01 -70.57 11.32
N SER E 481 12.12 -70.93 12.25
CA SER E 481 12.48 -71.87 13.31
C SER E 481 12.72 -73.27 12.78
N LYS E 482 12.10 -73.64 11.66
CA LYS E 482 12.27 -74.97 11.09
C LYS E 482 13.36 -75.02 10.03
N TYR E 483 14.10 -73.93 9.83
CA TYR E 483 15.20 -73.89 8.89
C TYR E 483 16.55 -73.58 9.54
N ARG E 484 16.61 -73.49 10.87
CA ARG E 484 17.85 -73.09 11.53
C ARG E 484 18.87 -74.22 11.56
N GLU E 485 18.43 -75.48 11.56
CA GLU E 485 19.35 -76.59 11.81
C GLU E 485 20.31 -76.81 10.65
N GLU E 486 19.88 -76.57 9.42
CA GLU E 486 20.72 -76.80 8.26
C GLU E 486 21.43 -75.54 7.77
N ALA E 487 21.24 -74.41 8.44
CA ALA E 487 21.85 -73.16 8.02
C ALA E 487 22.97 -72.69 8.95
N MET E 488 23.09 -73.24 10.16
CA MET E 488 24.14 -72.81 11.07
C MET E 488 25.50 -73.36 10.65
N GLN E 489 25.54 -74.61 10.19
CA GLN E 489 26.81 -75.22 9.81
C GLN E 489 27.35 -74.70 8.48
N ASN E 490 26.51 -74.05 7.67
CA ASN E 490 26.95 -73.52 6.39
C ASN E 490 27.29 -72.04 6.51
N ILE F 2 -46.96 -15.14 -24.62
CA ILE F 2 -46.70 -15.28 -23.20
C ILE F 2 -47.96 -14.93 -22.42
N VAL F 3 -48.14 -15.54 -21.26
CA VAL F 3 -49.29 -15.30 -20.41
C VAL F 3 -48.82 -15.26 -18.95
N MET F 4 -49.42 -14.36 -18.18
CA MET F 4 -49.07 -14.16 -16.77
C MET F 4 -50.22 -14.68 -15.92
N THR F 5 -50.19 -15.97 -15.61
CA THR F 5 -51.21 -16.56 -14.75
C THR F 5 -50.89 -16.26 -13.29
N GLN F 6 -51.94 -16.22 -12.48
CA GLN F 6 -51.87 -15.81 -11.09
C GLN F 6 -52.11 -16.99 -10.15
N SER F 7 -52.12 -16.69 -8.87
CA SER F 7 -52.41 -17.65 -7.81
C SER F 7 -53.92 -17.87 -7.73
N PRO F 8 -54.39 -18.76 -6.83
CA PRO F 8 -55.82 -18.78 -6.48
C PRO F 8 -56.37 -17.43 -6.02
N ASP F 9 -57.69 -17.37 -5.86
CA ASP F 9 -58.41 -16.11 -5.68
C ASP F 9 -58.23 -15.59 -4.25
N SER F 10 -59.08 -14.63 -3.87
CA SER F 10 -58.90 -13.86 -2.64
C SER F 10 -58.87 -14.76 -1.40
N LEU F 11 -57.92 -14.49 -0.52
CA LEU F 11 -57.70 -15.29 0.68
C LEU F 11 -58.19 -14.52 1.90
N ALA F 12 -58.96 -15.21 2.75
CA ALA F 12 -59.47 -14.61 3.99
C ALA F 12 -58.42 -14.76 5.09
N VAL F 13 -57.34 -14.00 4.95
CA VAL F 13 -56.23 -14.00 5.88
C VAL F 13 -56.36 -12.80 6.81
N SER F 14 -56.11 -13.01 8.10
CA SER F 14 -56.25 -11.94 9.08
C SER F 14 -55.01 -11.05 9.07
N LEU F 15 -55.01 -10.07 9.97
CA LEU F 15 -53.91 -9.12 10.04
C LEU F 15 -52.64 -9.78 10.57
N GLY F 16 -51.51 -9.47 9.95
CA GLY F 16 -50.23 -9.95 10.43
C GLY F 16 -49.87 -11.36 10.05
N GLU F 17 -50.51 -11.93 9.04
CA GLU F 17 -50.21 -13.29 8.61
C GLU F 17 -49.29 -13.26 7.38
N ARG F 18 -48.84 -14.45 6.99
CA ARG F 18 -47.93 -14.63 5.86
C ARG F 18 -48.76 -14.57 4.59
N ALA F 19 -48.81 -13.40 3.93
CA ALA F 19 -49.62 -13.28 2.72
C ALA F 19 -48.79 -13.67 1.51
N THR F 20 -49.17 -14.75 0.84
CA THR F 20 -48.41 -15.31 -0.26
C THR F 20 -49.22 -15.21 -1.56
N ILE F 21 -48.63 -14.57 -2.56
CA ILE F 21 -49.24 -14.46 -3.89
C ILE F 21 -48.25 -15.03 -4.91
N ASN F 22 -48.72 -15.95 -5.74
CA ASN F 22 -47.89 -16.65 -6.70
C ASN F 22 -48.24 -16.24 -8.13
N CYS F 23 -47.22 -16.06 -8.95
CA CYS F 23 -47.36 -15.76 -10.37
C CYS F 23 -46.56 -16.79 -11.17
N LYS F 24 -47.21 -17.39 -12.17
CA LYS F 24 -46.61 -18.45 -12.97
C LYS F 24 -46.40 -17.96 -14.39
N SER F 25 -45.27 -18.33 -14.98
CA SER F 25 -44.86 -17.84 -16.28
C SER F 25 -44.88 -18.97 -17.32
N SER F 26 -45.33 -18.64 -18.53
CA SER F 26 -45.30 -19.61 -19.61
C SER F 26 -43.89 -19.77 -20.18
N GLN F 27 -43.15 -18.67 -20.26
CA GLN F 27 -41.78 -18.67 -20.75
C GLN F 27 -40.85 -18.18 -19.63
N SER F 28 -39.59 -17.98 -19.98
CA SER F 28 -38.60 -17.46 -19.04
C SER F 28 -38.38 -15.99 -19.31
N VAL F 29 -38.64 -15.15 -18.30
CA VAL F 29 -38.43 -13.71 -18.44
C VAL F 29 -37.03 -13.29 -18.01
N LEU F 30 -36.32 -14.12 -17.24
CA LEU F 30 -34.93 -13.84 -16.89
C LEU F 30 -34.06 -13.97 -18.12
N SER F 31 -33.24 -12.94 -18.39
CA SER F 31 -32.34 -12.96 -19.52
C SER F 31 -30.91 -13.14 -19.04
N GLY F 32 -30.11 -13.85 -19.83
CA GLY F 32 -28.74 -14.15 -19.47
C GLY F 32 -27.76 -13.02 -19.62
N SER F 33 -28.19 -11.88 -20.17
CA SER F 33 -27.29 -10.74 -20.33
C SER F 33 -27.29 -9.86 -19.08
N ILE F 34 -28.46 -9.40 -18.64
CA ILE F 34 -28.55 -8.50 -17.50
C ILE F 34 -28.75 -9.26 -16.19
N ASN F 35 -29.35 -10.45 -16.23
CA ASN F 35 -29.58 -11.30 -15.06
C ASN F 35 -30.37 -10.58 -13.97
N MET F 36 -31.35 -9.78 -14.39
CA MET F 36 -32.10 -8.95 -13.46
C MET F 36 -33.54 -9.42 -13.32
N ASN F 37 -33.98 -10.36 -14.17
CA ASN F 37 -35.27 -11.06 -14.04
C ASN F 37 -36.42 -10.04 -14.13
N TYR F 38 -36.65 -9.60 -15.37
CA TYR F 38 -37.74 -8.68 -15.72
C TYR F 38 -39.09 -9.14 -15.20
N LEU F 39 -39.66 -8.42 -14.24
CA LEU F 39 -41.03 -8.61 -13.75
C LEU F 39 -41.38 -7.49 -12.81
N ALA F 40 -42.63 -7.02 -12.85
CA ALA F 40 -43.11 -5.97 -11.97
C ALA F 40 -44.36 -6.43 -11.23
N TRP F 41 -44.57 -5.88 -10.04
CA TRP F 41 -45.75 -6.16 -9.23
C TRP F 41 -46.46 -4.85 -8.93
N TYR F 42 -47.78 -4.86 -9.04
CA TYR F 42 -48.59 -3.67 -8.81
C TYR F 42 -49.71 -3.99 -7.83
N GLN F 43 -50.04 -3.02 -6.98
CA GLN F 43 -51.23 -3.08 -6.15
C GLN F 43 -52.18 -1.97 -6.57
N GLN F 44 -53.47 -2.26 -6.51
CA GLN F 44 -54.51 -1.35 -6.98
C GLN F 44 -55.56 -1.19 -5.90
N LYS F 45 -55.70 0.04 -5.41
CA LYS F 45 -56.78 0.37 -4.49
C LYS F 45 -58.10 0.46 -5.26
N PRO F 46 -59.23 0.22 -4.59
CA PRO F 46 -60.53 0.43 -5.25
C PRO F 46 -60.76 1.91 -5.50
N GLY F 47 -60.89 2.27 -6.78
CA GLY F 47 -61.12 3.65 -7.17
C GLY F 47 -59.87 4.50 -7.32
N GLN F 48 -58.68 3.92 -7.14
CA GLN F 48 -57.42 4.64 -7.28
C GLN F 48 -56.55 3.91 -8.29
N PRO F 49 -55.69 4.65 -9.02
CA PRO F 49 -54.86 4.00 -10.02
C PRO F 49 -53.83 3.09 -9.37
N PRO F 50 -53.44 2.00 -10.04
CA PRO F 50 -52.51 1.04 -9.46
C PRO F 50 -51.07 1.55 -9.50
N LYS F 51 -50.52 1.83 -8.33
CA LYS F 51 -49.13 2.25 -8.23
C LYS F 51 -48.22 1.05 -8.01
N LEU F 52 -47.03 1.09 -8.60
CA LEU F 52 -46.11 -0.03 -8.57
C LEU F 52 -45.55 -0.25 -7.17
N LEU F 53 -45.45 -1.52 -6.77
CA LEU F 53 -44.87 -1.87 -5.49
C LEU F 53 -43.38 -2.20 -5.60
N ILE F 54 -43.05 -3.23 -6.38
CA ILE F 54 -41.68 -3.67 -6.58
C ILE F 54 -41.43 -3.79 -8.08
N TYR F 55 -40.15 -3.74 -8.45
CA TYR F 55 -39.74 -3.74 -9.84
C TYR F 55 -38.55 -4.67 -10.00
N TRP F 56 -38.39 -5.20 -11.21
CA TRP F 56 -37.47 -6.31 -11.50
C TRP F 56 -37.68 -7.53 -10.61
N ALA F 57 -38.87 -7.66 -10.03
CA ALA F 57 -39.31 -8.76 -9.15
C ALA F 57 -38.53 -8.84 -7.85
N SER F 58 -37.53 -7.97 -7.64
CA SER F 58 -36.80 -7.94 -6.37
C SER F 58 -36.45 -6.55 -5.87
N THR F 59 -36.51 -5.50 -6.70
CA THR F 59 -36.07 -4.17 -6.29
C THR F 59 -37.25 -3.42 -5.69
N ARG F 60 -37.26 -3.33 -4.36
CA ARG F 60 -38.32 -2.63 -3.65
C ARG F 60 -38.21 -1.12 -3.87
N GLU F 61 -39.36 -0.46 -4.04
CA GLU F 61 -39.37 0.98 -4.22
C GLU F 61 -39.27 1.71 -2.88
N SER F 62 -39.04 3.02 -2.96
CA SER F 62 -38.92 3.85 -1.77
C SER F 62 -40.27 4.14 -1.12
N GLY F 63 -41.34 4.18 -1.91
CA GLY F 63 -42.65 4.52 -1.39
C GLY F 63 -43.41 3.39 -0.74
N VAL F 64 -42.80 2.20 -0.65
CA VAL F 64 -43.47 1.04 -0.07
C VAL F 64 -42.64 0.52 1.10
N PRO F 65 -43.26 -0.08 2.11
CA PRO F 65 -42.49 -0.62 3.24
C PRO F 65 -41.81 -1.93 2.88
N ASP F 66 -40.99 -2.40 3.82
CA ASP F 66 -40.20 -3.62 3.64
C ASP F 66 -41.03 -4.90 3.76
N ARG F 67 -42.31 -4.79 4.11
CA ARG F 67 -43.15 -5.97 4.28
C ARG F 67 -43.37 -6.70 2.96
N PHE F 68 -43.46 -5.97 1.85
CA PHE F 68 -43.61 -6.58 0.53
C PHE F 68 -42.25 -7.09 0.07
N THR F 69 -42.07 -8.41 0.07
CA THR F 69 -40.83 -9.02 -0.40
C THR F 69 -41.13 -9.88 -1.62
N GLY F 70 -40.37 -9.66 -2.70
CA GLY F 70 -40.58 -10.38 -3.93
C GLY F 70 -39.47 -11.38 -4.18
N SER F 71 -39.86 -12.66 -4.23
CA SER F 71 -38.95 -13.75 -4.55
C SER F 71 -39.13 -14.13 -6.01
N GLY F 72 -38.06 -14.03 -6.80
CA GLY F 72 -38.12 -14.27 -8.22
C GLY F 72 -37.33 -15.50 -8.61
N SER F 73 -37.71 -16.10 -9.74
CA SER F 73 -37.02 -17.25 -10.28
C SER F 73 -37.17 -17.21 -11.80
N GLY F 74 -36.85 -18.33 -12.46
CA GLY F 74 -37.03 -18.38 -13.90
C GLY F 74 -38.50 -18.35 -14.32
N THR F 75 -39.34 -19.10 -13.62
CA THR F 75 -40.74 -19.21 -13.98
C THR F 75 -41.70 -18.83 -12.85
N ASP F 76 -41.43 -19.27 -11.63
CA ASP F 76 -42.33 -19.06 -10.51
C ASP F 76 -41.94 -17.79 -9.75
N PHE F 77 -42.93 -17.01 -9.34
CA PHE F 77 -42.69 -15.75 -8.66
C PHE F 77 -43.61 -15.64 -7.45
N THR F 78 -43.13 -14.98 -6.40
CA THR F 78 -43.88 -14.89 -5.17
C THR F 78 -43.76 -13.49 -4.57
N LEU F 79 -44.87 -12.97 -4.08
CA LEU F 79 -44.86 -11.88 -3.10
C LEU F 79 -45.24 -12.44 -1.74
N THR F 80 -44.42 -12.15 -0.74
CA THR F 80 -44.76 -12.41 0.66
C THR F 80 -44.92 -11.07 1.36
N VAL F 81 -46.07 -10.91 2.02
CA VAL F 81 -46.38 -9.75 2.83
C VAL F 81 -46.34 -10.18 4.28
N SER F 82 -45.44 -9.57 5.04
CA SER F 82 -45.17 -10.02 6.40
C SER F 82 -46.32 -9.66 7.34
N SER F 83 -46.83 -8.43 7.24
CA SER F 83 -47.93 -7.99 8.08
C SER F 83 -48.92 -7.21 7.24
N LEU F 84 -50.21 -7.37 7.53
CA LEU F 84 -51.28 -6.73 6.78
C LEU F 84 -51.96 -5.69 7.66
N GLN F 85 -52.03 -4.46 7.17
CA GLN F 85 -52.75 -3.40 7.85
C GLN F 85 -54.00 -3.03 7.06
N ALA F 86 -54.68 -1.97 7.48
CA ALA F 86 -55.84 -1.48 6.74
C ALA F 86 -55.45 -0.83 5.43
N GLU F 87 -54.18 -0.45 5.26
CA GLU F 87 -53.71 0.19 4.04
C GLU F 87 -53.17 -0.78 3.01
N ASP F 88 -53.08 -2.08 3.34
CA ASP F 88 -52.53 -3.07 2.43
C ASP F 88 -53.58 -3.80 1.63
N VAL F 89 -54.87 -3.51 1.83
CA VAL F 89 -55.92 -4.16 1.06
C VAL F 89 -56.00 -3.53 -0.33
N ALA F 90 -55.90 -4.37 -1.35
CA ALA F 90 -55.81 -3.95 -2.75
C ALA F 90 -56.01 -5.19 -3.61
N VAL F 91 -55.85 -5.04 -4.92
CA VAL F 91 -55.78 -6.18 -5.84
C VAL F 91 -54.43 -6.13 -6.52
N TYR F 92 -53.79 -7.31 -6.65
CA TYR F 92 -52.38 -7.38 -7.01
C TYR F 92 -52.21 -7.98 -8.40
N TYR F 93 -51.21 -7.49 -9.13
CA TYR F 93 -50.98 -7.87 -10.52
C TYR F 93 -49.49 -8.11 -10.73
N CYS F 94 -49.16 -9.16 -11.48
CA CYS F 94 -47.79 -9.39 -11.95
C CYS F 94 -47.75 -9.09 -13.45
N GLN F 95 -46.85 -8.20 -13.86
CA GLN F 95 -46.70 -7.83 -15.26
C GLN F 95 -45.30 -8.22 -15.72
N GLN F 96 -45.23 -8.95 -16.83
CA GLN F 96 -43.95 -9.22 -17.46
C GLN F 96 -43.63 -8.12 -18.48
N TYR F 97 -42.35 -7.83 -18.63
CA TYR F 97 -41.91 -6.89 -19.67
C TYR F 97 -40.64 -7.35 -20.34
N TYR F 98 -40.34 -8.65 -20.30
CA TYR F 98 -39.19 -9.18 -21.03
C TYR F 98 -39.48 -9.28 -22.53
N SER F 99 -40.73 -9.56 -22.89
CA SER F 99 -41.10 -9.72 -24.29
C SER F 99 -42.51 -9.19 -24.51
N THR F 100 -42.73 -8.57 -25.66
CA THR F 100 -44.07 -8.15 -26.04
C THR F 100 -44.94 -9.38 -26.32
N PRO F 101 -46.24 -9.34 -25.97
CA PRO F 101 -46.95 -8.22 -25.36
C PRO F 101 -46.86 -8.15 -23.83
N LEU F 102 -47.13 -6.97 -23.28
CA LEU F 102 -47.17 -6.80 -21.84
C LEU F 102 -48.45 -7.42 -21.29
N THR F 103 -48.32 -8.59 -20.67
CA THR F 103 -49.47 -9.31 -20.14
C THR F 103 -49.52 -9.11 -18.63
N PHE F 104 -50.57 -8.44 -18.16
CA PHE F 104 -50.77 -8.29 -16.74
C PHE F 104 -51.37 -9.57 -16.13
N GLY F 105 -51.31 -9.66 -14.82
CA GLY F 105 -51.89 -10.79 -14.12
C GLY F 105 -53.40 -10.72 -14.09
N GLY F 106 -54.00 -11.83 -13.66
CA GLY F 106 -55.45 -11.91 -13.55
C GLY F 106 -56.05 -11.20 -12.35
N GLY F 107 -55.22 -10.75 -11.42
CA GLY F 107 -55.70 -10.05 -10.25
C GLY F 107 -55.83 -10.93 -9.03
N THR F 108 -55.25 -10.48 -7.91
CA THR F 108 -55.31 -11.22 -6.64
C THR F 108 -55.66 -10.22 -5.54
N LYS F 109 -56.95 -10.04 -5.30
CA LYS F 109 -57.40 -9.20 -4.21
C LYS F 109 -57.14 -9.91 -2.88
N VAL F 110 -56.90 -9.12 -1.83
CA VAL F 110 -56.64 -9.64 -0.49
C VAL F 110 -57.75 -9.18 0.42
N GLU F 111 -58.19 -10.08 1.31
CA GLU F 111 -59.29 -9.81 2.24
C GLU F 111 -58.77 -9.96 3.66
N ILE F 112 -59.01 -8.95 4.48
CA ILE F 112 -58.49 -8.92 5.85
C ILE F 112 -59.25 -9.89 6.76
N ILE G 3 14.98 -60.01 25.44
CA ILE G 3 14.18 -58.91 25.94
C ILE G 3 13.24 -58.41 24.86
N CYS G 4 12.33 -57.52 25.22
CA CYS G 4 11.46 -56.83 24.28
C CYS G 4 11.62 -55.34 24.46
N LEU G 5 11.87 -54.63 23.36
CA LEU G 5 12.17 -53.21 23.38
C LEU G 5 11.06 -52.45 22.67
N GLY G 6 10.58 -51.39 23.29
CA GLY G 6 9.47 -50.66 22.74
C GLY G 6 9.30 -49.31 23.40
N HIS G 7 8.20 -48.64 23.06
CA HIS G 7 7.99 -47.26 23.49
C HIS G 7 6.69 -47.11 24.26
N HIS G 8 6.31 -45.86 24.55
CA HIS G 8 5.13 -45.54 25.33
C HIS G 8 4.02 -45.05 24.42
N ALA G 9 2.78 -45.19 24.91
CA ALA G 9 1.61 -44.75 24.18
C ALA G 9 0.49 -44.49 25.17
N VAL G 10 -0.55 -43.80 24.71
CA VAL G 10 -1.72 -43.50 25.53
C VAL G 10 -2.97 -43.94 24.77
N SER G 11 -4.04 -44.14 25.53
CA SER G 11 -5.31 -44.52 24.92
C SER G 11 -5.89 -43.39 24.09
N ASN G 12 -5.81 -42.15 24.59
CA ASN G 12 -6.33 -40.98 23.90
C ASN G 12 -5.20 -39.98 23.71
N GLY G 13 -4.75 -39.83 22.47
CA GLY G 13 -3.73 -38.88 22.10
C GLY G 13 -4.29 -37.66 21.43
N THR G 14 -3.56 -37.16 20.42
CA THR G 14 -3.94 -35.95 19.71
C THR G 14 -3.75 -36.15 18.21
N LYS G 15 -4.67 -35.62 17.41
CA LYS G 15 -4.55 -35.65 15.96
C LYS G 15 -3.80 -34.41 15.49
N VAL G 16 -2.69 -34.62 14.78
CA VAL G 16 -1.87 -33.53 14.28
C VAL G 16 -1.72 -33.67 12.77
N ASN G 17 -1.31 -32.58 12.13
CA ASN G 17 -1.09 -32.54 10.68
C ASN G 17 0.37 -32.79 10.38
N THR G 18 0.62 -33.57 9.33
CA THR G 18 1.97 -33.99 8.96
C THR G 18 2.08 -33.92 7.44
N LEU G 19 3.32 -33.75 6.96
CA LEU G 19 3.57 -33.59 5.52
C LEU G 19 3.06 -34.79 4.71
N THR G 20 3.10 -36.00 5.28
CA THR G 20 2.66 -37.18 4.56
C THR G 20 1.17 -37.46 4.77
N GLU G 21 0.74 -37.57 6.01
CA GLU G 21 -0.65 -37.88 6.34
C GLU G 21 -1.24 -36.76 7.19
N ARG G 22 -2.53 -36.54 7.02
CA ARG G 22 -3.27 -35.52 7.75
C ARG G 22 -4.12 -36.18 8.82
N GLY G 23 -4.02 -35.67 10.05
CA GLY G 23 -4.75 -36.24 11.16
C GLY G 23 -4.12 -37.53 11.68
N VAL G 24 -2.83 -37.49 11.95
CA VAL G 24 -2.10 -38.65 12.46
C VAL G 24 -2.10 -38.56 13.98
N GLU G 25 -2.03 -39.73 14.62
CA GLU G 25 -2.28 -39.86 16.05
C GLU G 25 -0.94 -39.84 16.80
N VAL G 26 -0.81 -38.91 17.76
CA VAL G 26 0.41 -38.77 18.54
C VAL G 26 0.08 -38.85 20.02
N VAL G 27 1.10 -39.19 20.81
CA VAL G 27 0.90 -39.37 22.25
C VAL G 27 0.62 -38.02 22.93
N ASN G 28 1.25 -36.95 22.45
CA ASN G 28 1.02 -35.63 23.04
C ASN G 28 1.33 -34.57 22.00
N ALA G 29 0.64 -33.44 22.11
CA ALA G 29 0.83 -32.34 21.18
C ALA G 29 0.51 -31.03 21.89
N THR G 30 1.10 -29.95 21.38
CA THR G 30 0.97 -28.62 21.95
C THR G 30 0.31 -27.68 20.96
N GLU G 31 -0.04 -26.50 21.47
CA GLU G 31 -0.70 -25.46 20.69
C GLU G 31 0.32 -24.58 20.00
N THR G 32 0.00 -24.12 18.80
CA THR G 32 0.74 -23.06 18.15
C THR G 32 -0.12 -21.87 17.74
N VAL G 33 -1.43 -22.05 17.62
CA VAL G 33 -2.34 -20.97 17.27
C VAL G 33 -3.20 -20.67 18.50
N GLU G 34 -3.06 -19.46 19.03
CA GLU G 34 -3.81 -19.08 20.22
C GLU G 34 -5.27 -18.82 19.87
N ARG G 35 -6.18 -19.37 20.67
CA ARG G 35 -7.60 -19.06 20.53
C ARG G 35 -8.16 -18.27 21.71
N THR G 36 -7.63 -18.48 22.90
CA THR G 36 -8.16 -17.82 24.09
C THR G 36 -7.80 -16.34 24.07
N ASN G 37 -8.81 -15.48 23.98
CA ASN G 37 -8.63 -14.04 23.95
C ASN G 37 -9.07 -13.46 25.29
N VAL G 38 -8.22 -12.61 25.86
CA VAL G 38 -8.57 -11.89 27.08
C VAL G 38 -9.45 -10.72 26.68
N PRO G 39 -10.70 -10.65 27.14
CA PRO G 39 -11.57 -9.54 26.74
C PRO G 39 -11.38 -8.31 27.61
N ARG G 40 -10.13 -7.96 27.89
CA ARG G 40 -9.78 -6.80 28.70
C ARG G 40 -8.47 -6.25 28.17
N ILE G 41 -8.32 -4.93 28.21
CA ILE G 41 -7.03 -4.30 27.86
C ILE G 41 -6.23 -4.26 29.16
N CYS G 42 -5.58 -5.38 29.45
CA CYS G 42 -4.74 -5.52 30.63
C CYS G 42 -3.30 -5.23 30.25
N SER G 43 -2.80 -4.07 30.69
CA SER G 43 -1.54 -3.50 30.23
C SER G 43 -0.72 -2.96 31.39
N LYS G 44 -0.56 -3.76 32.44
CA LYS G 44 0.24 -3.32 33.58
C LYS G 44 1.71 -3.21 33.20
N GLY G 45 2.34 -2.13 33.64
CA GLY G 45 3.73 -1.85 33.35
C GLY G 45 3.96 -0.68 32.41
N LYS G 46 2.93 -0.18 31.75
CA LYS G 46 3.05 0.95 30.84
C LYS G 46 1.92 1.94 31.11
N ARG G 47 2.21 3.22 30.84
CA ARG G 47 1.19 4.25 30.98
C ARG G 47 0.11 4.08 29.92
N THR G 48 -1.14 4.21 30.33
CA THR G 48 -2.26 4.09 29.41
C THR G 48 -3.31 5.15 29.72
N VAL G 49 -4.03 5.57 28.68
CA VAL G 49 -5.16 6.48 28.81
C VAL G 49 -6.35 5.85 28.09
N ASP G 50 -7.52 5.92 28.74
CA ASP G 50 -8.76 5.43 28.16
C ASP G 50 -9.56 6.65 27.73
N LEU G 51 -9.58 6.91 26.42
CA LEU G 51 -10.25 8.09 25.90
C LEU G 51 -11.76 8.02 26.11
N GLY G 52 -12.33 6.83 26.01
CA GLY G 52 -13.75 6.64 26.25
C GLY G 52 -14.64 7.33 25.24
N GLN G 53 -15.54 8.19 25.73
CA GLN G 53 -16.41 8.95 24.85
C GLN G 53 -15.68 10.10 24.16
N CYS G 54 -14.44 10.37 24.56
CA CYS G 54 -13.55 11.24 23.80
C CYS G 54 -12.88 10.49 22.66
N GLY G 55 -12.39 11.24 21.68
CA GLY G 55 -11.68 10.69 20.54
C GLY G 55 -10.24 11.15 20.53
N LEU G 56 -9.38 10.36 19.87
CA LEU G 56 -7.96 10.68 19.85
C LEU G 56 -7.67 11.99 19.13
N LEU G 57 -8.34 12.24 18.01
CA LEU G 57 -8.14 13.50 17.31
C LEU G 57 -8.86 14.65 18.01
N GLY G 58 -9.82 14.35 18.87
CA GLY G 58 -10.45 15.41 19.65
C GLY G 58 -9.55 15.98 20.71
N THR G 59 -8.49 15.25 21.06
CA THR G 59 -7.53 15.76 22.05
C THR G 59 -6.85 17.03 21.56
N ILE G 60 -6.66 17.18 20.25
CA ILE G 60 -6.03 18.39 19.73
C ILE G 60 -6.97 19.59 19.88
N THR G 61 -8.11 19.54 19.17
CA THR G 61 -8.97 20.72 19.09
C THR G 61 -9.71 20.97 20.41
N GLY G 62 -10.13 19.92 21.10
CA GLY G 62 -10.75 20.06 22.40
C GLY G 62 -12.25 20.30 22.45
N PRO G 63 -13.06 19.36 21.96
CA PRO G 63 -14.51 19.42 22.22
C PRO G 63 -14.81 19.17 23.69
N PRO G 64 -16.05 19.38 24.14
CA PRO G 64 -16.36 19.13 25.56
C PRO G 64 -16.10 17.72 26.04
N GLN G 65 -16.27 16.72 25.17
CA GLN G 65 -15.99 15.35 25.59
C GLN G 65 -14.49 15.08 25.73
N CYS G 66 -13.66 15.89 25.06
CA CYS G 66 -12.22 15.66 25.02
C CYS G 66 -11.44 16.67 25.84
N ASP G 67 -12.06 17.30 26.83
CA ASP G 67 -11.33 18.23 27.69
C ASP G 67 -10.41 17.49 28.65
N GLN G 68 -10.89 16.38 29.22
CA GLN G 68 -10.12 15.68 30.26
C GLN G 68 -8.80 15.15 29.71
N PHE G 69 -8.80 14.66 28.48
CA PHE G 69 -7.59 14.16 27.82
C PHE G 69 -7.09 15.15 26.77
N LEU G 70 -7.19 16.45 27.06
CA LEU G 70 -6.78 17.47 26.08
C LEU G 70 -5.29 17.38 25.76
N GLU G 71 -4.44 17.34 26.77
CA GLU G 71 -3.02 17.18 26.59
C GLU G 71 -2.47 16.25 27.66
N PHE G 72 -2.16 15.03 27.23
CA PHE G 72 -1.89 13.88 28.08
C PHE G 72 -0.51 13.32 27.79
N SER G 73 -0.21 12.18 28.40
CA SER G 73 1.03 11.46 28.18
C SER G 73 0.82 10.00 28.53
N ALA G 74 1.10 9.11 27.58
CA ALA G 74 0.93 7.68 27.81
C ALA G 74 1.79 6.91 26.83
N ASP G 75 2.11 5.68 27.22
CA ASP G 75 2.76 4.72 26.33
C ASP G 75 1.77 3.84 25.60
N LEU G 76 0.47 4.03 25.86
CA LEU G 76 -0.58 3.28 25.18
C LEU G 76 -1.83 4.16 25.13
N ILE G 77 -2.37 4.34 23.93
CA ILE G 77 -3.55 5.16 23.71
C ILE G 77 -4.69 4.24 23.27
N ILE G 78 -5.87 4.42 23.85
CA ILE G 78 -7.01 3.55 23.62
C ILE G 78 -8.16 4.40 23.10
N GLU G 79 -8.73 4.01 21.96
CA GLU G 79 -9.86 4.71 21.37
C GLU G 79 -11.09 3.81 21.36
N ARG G 80 -12.27 4.44 21.37
CA ARG G 80 -13.54 3.73 21.40
C ARG G 80 -14.40 4.20 20.24
N ARG G 81 -15.40 3.38 19.89
CA ARG G 81 -16.31 3.71 18.81
C ARG G 81 -17.19 4.90 19.15
N GLU G 82 -17.59 5.04 20.43
CA GLU G 82 -18.41 6.16 20.85
C GLU G 82 -17.62 7.47 20.93
N GLY G 83 -16.30 7.41 20.81
CA GLY G 83 -15.49 8.61 20.90
C GLY G 83 -15.67 9.49 19.67
N SER G 84 -16.20 10.70 19.87
CA SER G 84 -16.36 11.67 18.79
C SER G 84 -15.21 12.65 18.81
N ASP G 85 -14.77 13.06 17.61
CA ASP G 85 -13.62 13.93 17.47
C ASP G 85 -13.97 15.41 17.42
N VAL G 86 -15.23 15.74 17.11
CA VAL G 86 -15.64 17.13 16.91
C VAL G 86 -16.91 17.39 17.69
N CYS G 87 -17.05 18.62 18.18
CA CYS G 87 -18.32 19.10 18.72
C CYS G 87 -19.11 19.84 17.64
N TYR G 88 -18.54 20.91 17.10
CA TYR G 88 -19.08 21.51 15.88
C TYR G 88 -18.76 20.58 14.71
N PRO G 89 -19.72 20.28 13.85
CA PRO G 89 -19.50 19.23 12.84
C PRO G 89 -18.46 19.61 11.80
N GLY G 90 -17.80 18.60 11.27
CA GLY G 90 -16.80 18.80 10.25
C GLY G 90 -15.77 17.69 10.26
N LYS G 91 -15.09 17.55 9.12
CA LYS G 91 -14.11 16.50 8.91
C LYS G 91 -12.69 17.02 9.05
N PHE G 92 -11.76 16.08 8.95
CA PHE G 92 -10.32 16.34 9.01
C PHE G 92 -9.72 15.92 7.67
N VAL G 93 -9.00 16.82 7.02
CA VAL G 93 -8.24 16.44 5.83
C VAL G 93 -6.98 15.72 6.28
N ASN G 94 -6.63 14.66 5.54
CA ASN G 94 -5.60 13.69 5.96
C ASN G 94 -5.91 13.17 7.36
N GLU G 95 -7.12 12.65 7.51
CA GLU G 95 -7.63 12.25 8.82
C GLU G 95 -6.81 11.09 9.39
N GLU G 96 -6.58 10.05 8.59
CA GLU G 96 -5.83 8.90 9.08
C GLU G 96 -4.36 9.23 9.30
N ALA G 97 -3.80 10.15 8.51
CA ALA G 97 -2.42 10.56 8.72
C ALA G 97 -2.26 11.26 10.06
N LEU G 98 -3.19 12.17 10.39
CA LEU G 98 -3.16 12.84 11.68
C LEU G 98 -3.41 11.87 12.83
N ARG G 99 -4.31 10.91 12.62
CA ARG G 99 -4.58 9.90 13.65
C ARG G 99 -3.36 9.03 13.91
N GLN G 100 -2.64 8.64 12.85
CA GLN G 100 -1.45 7.82 13.01
C GLN G 100 -0.30 8.63 13.60
N ILE G 101 -0.25 9.94 13.33
CA ILE G 101 0.73 10.78 14.01
C ILE G 101 0.43 10.84 15.50
N LEU G 102 -0.84 11.02 15.87
CA LEU G 102 -1.21 11.08 17.28
C LEU G 102 -1.03 9.74 17.99
N ARG G 103 -1.15 8.63 17.26
CA ARG G 103 -0.96 7.32 17.88
C ARG G 103 0.47 7.11 18.32
N GLU G 104 1.43 7.66 17.58
CA GLU G 104 2.84 7.56 17.91
C GLU G 104 3.36 8.78 18.65
N SER G 105 2.47 9.63 19.15
CA SER G 105 2.88 10.87 19.79
C SER G 105 3.46 10.64 21.18
N GLY G 106 3.03 9.58 21.87
CA GLY G 106 3.39 9.43 23.26
C GLY G 106 2.77 10.44 24.18
N GLY G 107 1.61 10.97 23.80
CA GLY G 107 1.01 12.12 24.44
C GLY G 107 1.33 13.41 23.70
N ILE G 108 0.55 14.45 24.01
CA ILE G 108 0.69 15.73 23.33
C ILE G 108 0.78 16.84 24.38
N ASP G 109 1.43 17.94 24.00
CA ASP G 109 1.57 19.11 24.85
C ASP G 109 1.09 20.33 24.10
N LYS G 110 0.25 21.14 24.75
CA LYS G 110 -0.26 22.36 24.14
C LYS G 110 0.46 23.57 24.70
N GLU G 111 1.00 24.39 23.81
CA GLU G 111 1.62 25.65 24.23
C GLU G 111 1.09 26.78 23.37
N THR G 112 0.88 27.94 23.98
CA THR G 112 0.24 29.06 23.28
C THR G 112 1.16 29.63 22.21
N MET G 113 0.54 30.07 21.11
CA MET G 113 1.25 30.70 20.02
C MET G 113 1.48 32.20 20.23
N GLY G 114 0.84 32.80 21.22
CA GLY G 114 0.93 34.23 21.42
C GLY G 114 0.30 35.05 20.31
N PHE G 115 -0.86 34.62 19.83
CA PHE G 115 -1.58 35.34 18.77
C PHE G 115 -2.46 36.40 19.41
N THR G 116 -2.15 37.67 19.12
CA THR G 116 -2.89 38.81 19.67
C THR G 116 -3.77 39.39 18.56
N TYR G 117 -5.06 39.50 18.84
CA TYR G 117 -6.04 39.99 17.87
C TYR G 117 -6.56 41.34 18.33
N SER G 118 -6.52 42.33 17.44
CA SER G 118 -6.79 43.72 17.78
C SER G 118 -8.19 44.12 17.31
N GLY G 119 -9.03 44.53 18.25
CA GLY G 119 -10.31 45.13 17.93
C GLY G 119 -11.31 44.21 17.27
N ILE G 120 -11.19 42.90 17.46
CA ILE G 120 -12.07 41.93 16.82
C ILE G 120 -12.48 40.89 17.85
N ARG G 121 -13.78 40.61 17.91
CA ARG G 121 -14.30 39.60 18.82
C ARG G 121 -13.77 38.23 18.43
N THR G 122 -13.29 37.48 19.42
CA THR G 122 -12.64 36.19 19.19
C THR G 122 -13.27 35.04 19.96
N ASN G 123 -14.23 35.29 20.84
CA ASN G 123 -14.83 34.23 21.65
C ASN G 123 -15.96 33.55 20.89
N GLY G 124 -15.61 32.46 20.22
CA GLY G 124 -16.62 31.69 19.51
C GLY G 124 -17.61 31.03 20.43
N ALA G 125 -18.84 30.86 19.95
CA ALA G 125 -19.91 30.31 20.76
C ALA G 125 -20.92 29.61 19.85
N THR G 126 -21.10 28.31 20.05
CA THR G 126 -22.07 27.52 19.31
C THR G 126 -23.01 26.81 20.28
N SER G 127 -24.22 26.52 19.82
CA SER G 127 -25.17 25.77 20.63
C SER G 127 -24.82 24.29 20.71
N ALA G 128 -24.01 23.79 19.78
CA ALA G 128 -23.66 22.37 19.76
C ALA G 128 -22.46 22.04 20.63
N CYS G 129 -21.46 22.93 20.66
CA CYS G 129 -20.22 22.66 21.38
C CYS G 129 -20.34 23.29 22.77
N ARG G 130 -21.15 22.63 23.60
CA ARG G 130 -21.72 23.22 24.80
C ARG G 130 -21.40 22.40 26.03
N ARG G 131 -21.04 23.08 27.11
CA ARG G 131 -20.97 22.48 28.45
C ARG G 131 -22.07 23.04 29.34
N SER G 132 -22.12 24.36 29.51
CA SER G 132 -23.14 25.07 30.25
C SER G 132 -23.82 26.16 29.43
N GLY G 133 -23.08 26.79 28.51
CA GLY G 133 -23.64 27.77 27.61
C GLY G 133 -23.00 27.69 26.24
N SER G 134 -23.34 28.63 25.36
CA SER G 134 -22.77 28.64 24.01
C SER G 134 -21.29 28.93 24.08
N SER G 135 -20.49 27.99 23.60
CA SER G 135 -19.03 28.10 23.67
C SER G 135 -18.45 27.40 22.44
N PHE G 136 -17.15 27.10 22.48
CA PHE G 136 -16.45 26.54 21.33
C PHE G 136 -15.38 25.59 21.84
N TYR G 137 -14.41 25.27 20.98
CA TYR G 137 -13.35 24.33 21.30
C TYR G 137 -12.42 24.90 22.37
N ALA G 138 -11.51 24.03 22.83
CA ALA G 138 -10.57 24.40 23.88
C ALA G 138 -9.47 25.30 23.34
N GLU G 139 -8.68 24.81 22.40
CA GLU G 139 -7.54 25.54 21.87
C GLU G 139 -7.82 26.19 20.52
N MET G 140 -9.07 26.17 20.07
CA MET G 140 -9.46 26.86 18.85
C MET G 140 -10.20 28.15 19.19
N LYS G 141 -9.96 29.18 18.39
CA LYS G 141 -10.61 30.47 18.56
C LYS G 141 -11.37 30.78 17.29
N TRP G 142 -12.70 30.77 17.38
CA TRP G 142 -13.54 31.20 16.26
C TRP G 142 -13.53 32.72 16.22
N LEU G 143 -13.01 33.27 15.13
CA LEU G 143 -12.84 34.72 14.99
C LEU G 143 -14.05 35.28 14.26
N LEU G 144 -15.02 35.78 15.02
CA LEU G 144 -16.23 36.36 14.44
C LEU G 144 -15.94 37.81 14.04
N SER G 145 -16.98 38.52 13.60
CA SER G 145 -16.86 39.94 13.30
C SER G 145 -16.90 40.72 14.62
N ASN G 146 -16.99 42.05 14.52
CA ASN G 146 -16.96 42.88 15.72
C ASN G 146 -18.26 42.76 16.50
N THR G 147 -19.36 43.18 15.90
CA THR G 147 -20.67 43.09 16.54
C THR G 147 -21.73 42.45 15.66
N ASP G 148 -21.67 42.68 14.35
CA ASP G 148 -22.70 42.26 13.41
C ASP G 148 -22.04 42.16 12.03
N ASN G 149 -22.86 42.18 10.98
CA ASN G 149 -22.36 42.18 9.61
C ASN G 149 -21.38 43.34 9.39
N ALA G 150 -20.11 43.00 9.19
CA ALA G 150 -19.06 44.00 9.06
C ALA G 150 -17.85 43.33 8.43
N ALA G 151 -16.99 44.14 7.81
CA ALA G 151 -15.82 43.62 7.12
C ALA G 151 -14.82 43.03 8.11
N PHE G 152 -14.19 41.93 7.70
CA PHE G 152 -13.16 41.29 8.50
C PHE G 152 -11.81 41.71 7.96
N PRO G 153 -11.01 42.47 8.71
CA PRO G 153 -9.69 42.90 8.21
C PRO G 153 -8.77 41.71 7.97
N GLN G 154 -7.91 41.86 6.96
CA GLN G 154 -6.96 40.82 6.58
C GLN G 154 -5.89 40.68 7.65
N MET G 155 -5.77 39.50 8.23
CA MET G 155 -4.81 39.24 9.30
C MET G 155 -3.67 38.38 8.79
N THR G 156 -2.45 38.76 9.15
CA THR G 156 -1.24 37.99 8.88
C THR G 156 -0.59 37.66 10.22
N LYS G 157 -0.79 36.43 10.69
CA LYS G 157 -0.29 35.98 11.97
C LYS G 157 0.77 34.91 11.74
N SER G 158 1.97 35.15 12.27
CA SER G 158 3.09 34.24 12.08
C SER G 158 3.49 33.61 13.41
N TYR G 159 3.65 32.28 13.41
CA TYR G 159 4.10 31.56 14.59
C TYR G 159 5.32 30.73 14.23
N LYS G 160 6.37 30.85 15.03
CA LYS G 160 7.63 30.15 14.80
C LYS G 160 7.84 29.09 15.85
N ASN G 161 8.05 27.85 15.42
CA ASN G 161 8.34 26.74 16.32
C ASN G 161 9.80 26.80 16.72
N THR G 162 10.06 27.27 17.94
CA THR G 162 11.42 27.43 18.45
C THR G 162 11.91 26.23 19.22
N ARG G 163 11.09 25.19 19.37
CA ARG G 163 11.49 24.00 20.11
C ARG G 163 12.40 23.11 19.28
N ARG G 164 12.89 22.04 19.90
CA ARG G 164 13.79 21.09 19.26
C ARG G 164 13.06 19.85 18.74
N ASP G 165 11.74 19.85 18.78
CA ASP G 165 10.90 18.75 18.34
C ASP G 165 9.86 19.26 17.34
N PRO G 166 9.37 18.40 16.42
CA PRO G 166 8.52 18.91 15.34
C PRO G 166 7.07 19.13 15.77
N ALA G 167 6.65 20.39 15.78
CA ALA G 167 5.33 20.76 16.29
C ALA G 167 4.23 20.30 15.34
N LEU G 168 3.01 20.33 15.84
CA LEU G 168 1.82 20.00 15.07
C LEU G 168 0.85 21.16 15.18
N ILE G 169 0.38 21.67 14.04
CA ILE G 169 -0.53 22.80 14.01
C ILE G 169 -1.83 22.37 13.34
N VAL G 170 -2.95 22.56 14.04
CA VAL G 170 -4.29 22.30 13.53
C VAL G 170 -5.05 23.61 13.50
N TRP G 171 -5.62 23.95 12.34
CA TRP G 171 -6.49 25.12 12.22
C TRP G 171 -7.76 24.68 11.50
N GLY G 172 -8.75 25.58 11.47
CA GLY G 172 -10.06 25.24 10.99
C GLY G 172 -10.56 26.19 9.92
N ILE G 173 -11.51 25.69 9.14
CA ILE G 173 -12.15 26.43 8.05
C ILE G 173 -13.66 26.32 8.25
N HIS G 174 -14.34 27.47 8.29
CA HIS G 174 -15.77 27.50 8.53
C HIS G 174 -16.51 27.72 7.20
N HIS G 175 -17.16 26.66 6.71
CA HIS G 175 -18.15 26.78 5.65
C HIS G 175 -19.50 26.96 6.33
N SER G 176 -20.05 28.17 6.24
CA SER G 176 -21.28 28.49 6.94
C SER G 176 -22.46 27.75 6.32
N GLY G 177 -23.55 27.66 7.09
CA GLY G 177 -24.76 27.05 6.58
C GLY G 177 -25.44 27.83 5.49
N SER G 178 -25.11 29.12 5.37
CA SER G 178 -25.64 29.95 4.30
C SER G 178 -24.67 31.10 4.07
N THR G 179 -24.81 31.76 2.91
CA THR G 179 -24.02 32.95 2.64
C THR G 179 -24.40 34.09 3.58
N THR G 180 -25.68 34.20 3.92
CA THR G 180 -26.12 35.22 4.87
C THR G 180 -25.50 35.00 6.24
N GLU G 181 -25.39 33.75 6.68
CA GLU G 181 -24.72 33.46 7.95
C GLU G 181 -23.24 33.81 7.89
N GLN G 182 -22.59 33.55 6.76
CA GLN G 182 -21.18 33.91 6.61
C GLN G 182 -20.99 35.43 6.66
N THR G 183 -21.88 36.18 6.03
CA THR G 183 -21.82 37.64 6.11
C THR G 183 -22.13 38.13 7.51
N LYS G 184 -23.00 37.42 8.25
CA LYS G 184 -23.26 37.77 9.63
C LYS G 184 -22.01 37.57 10.49
N LEU G 185 -21.29 36.48 10.26
CA LEU G 185 -20.16 36.15 11.12
C LEU G 185 -18.86 36.82 10.69
N TYR G 186 -18.67 37.03 9.38
CA TYR G 186 -17.41 37.58 8.88
C TYR G 186 -17.56 38.72 7.88
N GLY G 187 -18.74 38.95 7.32
CA GLY G 187 -18.96 40.02 6.38
C GLY G 187 -18.94 39.54 4.94
N SER G 188 -19.23 40.48 4.05
CA SER G 188 -19.30 40.20 2.63
C SER G 188 -17.88 40.09 2.04
N GLY G 189 -17.81 39.73 0.77
CA GLY G 189 -16.55 39.58 0.08
C GLY G 189 -16.09 38.12 0.05
N SER G 190 -15.26 37.82 -0.95
CA SER G 190 -14.73 36.47 -1.13
C SER G 190 -13.59 36.27 -0.16
N LYS G 191 -13.84 35.54 0.92
CA LYS G 191 -12.81 35.25 1.90
C LYS G 191 -11.80 34.26 1.33
N LEU G 192 -10.51 34.56 1.48
CA LEU G 192 -9.45 33.68 1.01
C LEU G 192 -8.38 33.60 2.08
N ILE G 193 -7.93 32.38 2.36
CA ILE G 193 -6.99 32.10 3.44
C ILE G 193 -5.82 31.31 2.88
N THR G 194 -4.61 31.76 3.19
CA THR G 194 -3.38 31.05 2.83
C THR G 194 -2.64 30.65 4.09
N VAL G 195 -2.07 29.45 4.08
CA VAL G 195 -1.22 28.95 5.15
C VAL G 195 0.14 28.65 4.55
N GLY G 196 1.16 29.39 4.99
CA GLY G 196 2.48 29.32 4.39
C GLY G 196 3.51 28.77 5.37
N SER G 197 4.29 27.82 4.88
CA SER G 197 5.42 27.26 5.60
C SER G 197 6.51 26.91 4.59
N SER G 198 7.62 26.37 5.08
CA SER G 198 8.71 25.97 4.18
C SER G 198 8.30 24.78 3.33
N ASN G 199 7.61 23.81 3.92
CA ASN G 199 7.15 22.64 3.19
C ASN G 199 5.65 22.64 2.96
N TYR G 200 4.93 23.65 3.43
CA TYR G 200 3.48 23.72 3.28
C TYR G 200 3.12 25.06 2.67
N GLN G 201 2.38 25.02 1.56
CA GLN G 201 1.92 26.24 0.91
C GLN G 201 0.49 26.13 0.41
N GLN G 202 -0.27 25.14 0.87
CA GLN G 202 -1.64 24.92 0.40
C GLN G 202 -2.54 26.07 0.86
N SER G 203 -3.38 26.54 -0.06
CA SER G 203 -4.37 27.56 0.24
C SER G 203 -5.75 27.06 -0.16
N PHE G 204 -6.76 27.76 0.31
CA PHE G 204 -8.14 27.29 0.27
C PHE G 204 -9.09 28.46 0.51
N VAL G 205 -10.34 28.26 0.10
CA VAL G 205 -11.39 29.28 0.19
C VAL G 205 -12.59 28.67 0.90
N PRO G 206 -13.14 29.30 1.93
CA PRO G 206 -14.38 28.81 2.53
C PRO G 206 -15.54 28.90 1.56
N SER G 207 -16.42 27.90 1.62
CA SER G 207 -17.51 27.73 0.67
C SER G 207 -18.82 27.59 1.43
N PRO G 208 -19.52 28.71 1.67
CA PRO G 208 -20.81 28.62 2.36
C PRO G 208 -21.86 27.92 1.52
N GLY G 209 -22.75 27.21 2.20
CA GLY G 209 -23.81 26.49 1.52
C GLY G 209 -24.63 25.72 2.54
N ALA G 210 -25.80 25.28 2.08
CA ALA G 210 -26.70 24.54 2.95
C ALA G 210 -26.18 23.13 3.19
N ARG G 211 -26.33 22.67 4.42
CA ARG G 211 -25.91 21.34 4.84
C ARG G 211 -26.95 20.77 5.78
N PRO G 212 -27.04 19.44 5.89
CA PRO G 212 -27.94 18.85 6.87
C PRO G 212 -27.51 19.18 8.30
N GLN G 213 -28.50 19.22 9.19
CA GLN G 213 -28.25 19.54 10.60
C GLN G 213 -27.55 18.37 11.27
N VAL G 214 -26.23 18.47 11.41
CA VAL G 214 -25.45 17.48 12.16
C VAL G 214 -25.11 18.09 13.51
N ASN G 215 -25.47 17.38 14.59
CA ASN G 215 -25.34 17.87 15.96
C ASN G 215 -26.08 19.19 16.17
N GLY G 216 -27.19 19.38 15.47
CA GLY G 216 -27.97 20.59 15.60
C GLY G 216 -27.34 21.82 14.98
N GLN G 217 -26.41 21.65 14.04
CA GLN G 217 -25.75 22.77 13.40
C GLN G 217 -25.67 22.53 11.91
N SER G 218 -25.66 23.63 11.15
CA SER G 218 -25.67 23.58 9.68
C SER G 218 -24.26 23.69 9.10
N GLY G 219 -23.53 24.74 9.45
CA GLY G 219 -22.20 24.93 8.90
C GLY G 219 -21.22 23.89 9.41
N ARG G 220 -20.18 23.66 8.61
CA ARG G 220 -19.16 22.67 8.93
C ARG G 220 -17.79 23.32 8.96
N ILE G 221 -16.98 22.91 9.93
CA ILE G 221 -15.61 23.40 10.06
C ILE G 221 -14.65 22.24 9.79
N ASP G 222 -13.85 22.40 8.75
CA ASP G 222 -12.84 21.42 8.38
C ASP G 222 -11.50 21.83 8.96
N PHE G 223 -10.91 20.97 9.78
CA PHE G 223 -9.62 21.23 10.38
C PHE G 223 -8.50 20.68 9.51
N HIS G 224 -7.71 21.58 8.96
CA HIS G 224 -6.46 21.26 8.29
C HIS G 224 -5.34 21.22 9.32
N TRP G 225 -4.23 20.59 8.93
CA TRP G 225 -3.12 20.43 9.86
C TRP G 225 -1.81 20.35 9.10
N LEU G 226 -0.72 20.62 9.83
CA LEU G 226 0.62 20.45 9.30
C LEU G 226 1.57 20.11 10.44
N ILE G 227 2.77 19.69 10.06
CA ILE G 227 3.85 19.39 11.00
C ILE G 227 4.99 20.36 10.73
N LEU G 228 5.42 21.08 11.76
CA LEU G 228 6.50 22.06 11.66
C LEU G 228 7.82 21.43 12.11
N ASN G 229 8.85 21.60 11.29
CA ASN G 229 10.20 21.27 11.70
C ASN G 229 10.70 22.32 12.69
N PRO G 230 11.73 22.01 13.47
CA PRO G 230 12.34 23.03 14.33
C PRO G 230 12.92 24.18 13.51
N ASN G 231 12.86 25.37 14.10
CA ASN G 231 13.29 26.63 13.46
C ASN G 231 12.55 26.86 12.14
N ASP G 232 11.23 26.65 12.18
CA ASP G 232 10.36 26.89 11.03
C ASP G 232 9.11 27.62 11.50
N THR G 233 8.56 28.46 10.62
CA THR G 233 7.42 29.29 10.98
C THR G 233 6.29 29.11 9.97
N VAL G 234 5.07 29.29 10.47
CA VAL G 234 3.85 29.22 9.67
C VAL G 234 3.16 30.57 9.73
N THR G 235 2.82 31.10 8.57
CA THR G 235 2.07 32.36 8.45
C THR G 235 0.65 32.03 8.00
N PHE G 236 -0.32 32.40 8.82
CA PHE G 236 -1.73 32.35 8.46
C PHE G 236 -2.12 33.74 7.96
N SER G 237 -2.45 33.84 6.68
CA SER G 237 -2.93 35.07 6.08
C SER G 237 -4.39 34.85 5.73
N PHE G 238 -5.29 35.30 6.60
CA PHE G 238 -6.71 35.04 6.46
C PHE G 238 -7.49 36.35 6.41
N ASN G 239 -8.32 36.49 5.37
CA ASN G 239 -9.19 37.65 5.24
C ASN G 239 -10.43 37.49 6.09
N GLY G 240 -10.88 36.26 6.31
CA GLY G 240 -12.03 36.01 7.16
C GLY G 240 -12.38 34.54 7.14
N ALA G 241 -13.36 34.19 7.99
CA ALA G 241 -13.86 32.81 8.13
C ALA G 241 -12.74 31.84 8.51
N PHE G 242 -12.11 32.13 9.65
CA PHE G 242 -10.97 31.35 10.12
C PHE G 242 -11.23 30.86 11.54
N ILE G 243 -10.85 29.60 11.80
CA ILE G 243 -10.82 29.06 13.15
C ILE G 243 -9.35 28.99 13.58
N ALA G 244 -8.89 30.04 14.24
CA ALA G 244 -7.46 30.17 14.49
C ALA G 244 -7.00 29.21 15.59
N PRO G 245 -5.77 28.70 15.49
CA PRO G 245 -5.21 27.87 16.57
C PRO G 245 -4.64 28.73 17.69
N ASP G 246 -5.26 28.64 18.86
CA ASP G 246 -4.73 29.36 20.02
C ASP G 246 -3.50 28.66 20.59
N ARG G 247 -3.50 27.33 20.58
CA ARG G 247 -2.39 26.55 21.12
C ARG G 247 -1.88 25.57 20.07
N ALA G 248 -0.56 25.44 20.01
CA ALA G 248 0.09 24.45 19.15
C ALA G 248 0.32 23.16 19.93
N SER G 249 0.16 22.05 19.22
CA SER G 249 0.33 20.71 19.78
C SER G 249 1.73 20.18 19.46
N PHE G 250 2.36 19.56 20.44
CA PHE G 250 3.72 19.09 20.35
C PHE G 250 3.77 17.63 20.76
N LEU G 251 4.54 16.83 20.02
CA LEU G 251 4.70 15.43 20.36
C LEU G 251 5.54 15.27 21.62
N ARG G 252 5.32 14.16 22.33
CA ARG G 252 6.03 13.88 23.57
C ARG G 252 7.02 12.75 23.46
N GLY G 253 6.65 11.62 22.85
CA GLY G 253 7.55 10.49 22.76
C GLY G 253 7.04 9.39 21.84
N LYS G 254 7.20 8.15 22.26
CA LYS G 254 6.79 6.99 21.46
C LYS G 254 5.73 6.20 22.22
N SER G 255 4.62 5.94 21.56
CA SER G 255 3.55 5.11 22.10
C SER G 255 2.97 4.29 20.96
N MET G 256 1.81 3.68 21.21
CA MET G 256 1.10 2.94 20.19
C MET G 256 -0.39 3.01 20.48
N GLY G 257 -1.18 3.16 19.42
CA GLY G 257 -2.61 3.41 19.55
C GLY G 257 -3.42 2.18 19.16
N ILE G 258 -4.42 1.88 19.99
CA ILE G 258 -5.33 0.76 19.78
C ILE G 258 -6.74 1.31 19.72
N GLN G 259 -7.63 0.53 19.11
CA GLN G 259 -9.05 0.87 18.97
C GLN G 259 -9.87 -0.28 19.50
N SER G 260 -10.17 -0.26 20.79
CA SER G 260 -10.81 -1.35 21.49
C SER G 260 -12.20 -0.92 21.98
N GLY G 261 -12.88 -1.86 22.64
CA GLY G 261 -14.19 -1.60 23.19
C GLY G 261 -14.42 -2.27 24.53
N VAL G 262 -13.36 -2.78 25.13
CA VAL G 262 -13.43 -3.44 26.42
C VAL G 262 -12.72 -2.59 27.46
N GLN G 263 -13.08 -2.80 28.72
CA GLN G 263 -12.56 -1.98 29.80
C GLN G 263 -11.10 -2.32 30.11
N VAL G 264 -10.45 -1.44 30.85
CA VAL G 264 -9.01 -1.47 31.06
C VAL G 264 -8.71 -1.85 32.50
N ASP G 265 -7.75 -2.75 32.69
CA ASP G 265 -7.23 -3.07 34.00
C ASP G 265 -5.71 -3.21 33.88
N ALA G 266 -5.08 -3.64 34.98
CA ALA G 266 -3.63 -3.75 35.08
C ALA G 266 -3.23 -5.09 35.69
N ASN G 267 -3.81 -6.17 35.16
CA ASN G 267 -3.60 -7.51 35.72
C ASN G 267 -2.71 -8.38 34.83
N CYS G 268 -2.03 -7.80 33.83
CA CYS G 268 -1.26 -8.62 32.90
C CYS G 268 0.13 -8.05 32.63
N GLU G 269 0.80 -8.65 31.66
CA GLU G 269 1.91 -8.02 30.93
C GLU G 269 1.53 -8.15 29.45
N GLY G 270 0.75 -7.20 28.96
CA GLY G 270 0.21 -7.31 27.62
C GLY G 270 1.20 -6.92 26.55
N ASP G 271 1.01 -7.50 25.36
CA ASP G 271 1.87 -7.21 24.22
C ASP G 271 1.13 -6.58 23.05
N CYS G 272 0.02 -7.19 22.60
CA CYS G 272 -0.73 -6.59 21.51
C CYS G 272 -2.22 -6.61 21.83
N TYR G 273 -2.92 -5.64 21.25
CA TYR G 273 -4.28 -5.32 21.62
C TYR G 273 -5.10 -5.10 20.35
N HIS G 274 -6.40 -5.27 20.47
CA HIS G 274 -7.33 -5.07 19.36
C HIS G 274 -8.72 -4.83 19.94
N SER G 275 -9.72 -4.76 19.05
CA SER G 275 -11.08 -4.42 19.47
C SER G 275 -11.66 -5.44 20.43
N GLY G 276 -11.24 -6.70 20.32
CA GLY G 276 -11.69 -7.72 21.25
C GLY G 276 -10.93 -7.79 22.55
N GLY G 277 -9.84 -7.04 22.70
CA GLY G 277 -9.09 -7.06 23.93
C GLY G 277 -7.59 -7.21 23.78
N THR G 278 -7.00 -8.14 24.52
CA THR G 278 -5.56 -8.35 24.55
C THR G 278 -5.23 -9.77 24.12
N ILE G 279 -4.24 -9.92 23.26
CA ILE G 279 -3.72 -11.24 22.90
C ILE G 279 -2.45 -11.45 23.72
N ILE G 280 -2.61 -12.05 24.90
CA ILE G 280 -1.47 -12.43 25.73
C ILE G 280 -1.20 -13.92 25.56
N SER G 281 0.00 -14.23 25.06
CA SER G 281 0.44 -15.58 24.75
C SER G 281 1.90 -15.52 24.35
N ASN G 282 2.52 -16.69 24.24
CA ASN G 282 3.86 -16.81 23.71
C ASN G 282 3.91 -17.59 22.40
N LEU G 283 2.76 -18.07 21.92
CA LEU G 283 2.71 -18.88 20.71
C LEU G 283 3.09 -18.03 19.50
N PRO G 284 3.59 -18.66 18.42
CA PRO G 284 3.98 -17.87 17.25
C PRO G 284 2.81 -17.36 16.42
N PHE G 285 1.63 -17.96 16.52
CA PHE G 285 0.50 -17.60 15.68
C PHE G 285 -0.77 -17.45 16.52
N GLN G 286 -1.70 -16.65 16.01
CA GLN G 286 -2.97 -16.41 16.67
C GLN G 286 -4.09 -16.38 15.65
N ASN G 287 -5.31 -16.65 16.10
CA ASN G 287 -6.51 -16.61 15.28
C ASN G 287 -7.63 -15.90 16.01
N ILE G 288 -7.35 -14.75 16.61
CA ILE G 288 -8.37 -13.99 17.29
C ILE G 288 -8.79 -12.84 16.39
N ASN G 289 -7.85 -11.96 16.06
CA ASN G 289 -8.10 -10.82 15.20
C ASN G 289 -6.98 -10.66 14.22
N SER G 290 -7.32 -10.29 12.98
CA SER G 290 -6.33 -10.06 11.93
C SER G 290 -5.60 -8.74 12.10
N ARG G 291 -6.09 -7.85 12.96
CA ARG G 291 -5.59 -6.48 13.05
C ARG G 291 -4.99 -6.19 14.44
N ALA G 292 -4.53 -7.23 15.13
CA ALA G 292 -3.86 -7.03 16.41
C ALA G 292 -2.52 -6.35 16.18
N VAL G 293 -2.26 -5.26 16.90
CA VAL G 293 -1.08 -4.44 16.69
C VAL G 293 -0.21 -4.48 17.93
N GLY G 294 1.08 -4.72 17.73
CA GLY G 294 2.03 -4.93 18.79
C GLY G 294 2.95 -6.09 18.48
N LYS G 295 3.85 -6.36 19.43
CA LYS G 295 4.82 -7.45 19.28
C LYS G 295 4.21 -8.72 19.85
N CYS G 296 3.55 -9.50 18.98
CA CYS G 296 2.80 -10.66 19.45
C CYS G 296 2.63 -11.66 18.31
N PRO G 297 2.01 -12.83 18.54
CA PRO G 297 1.74 -13.78 17.44
C PRO G 297 1.09 -13.16 16.21
N ARG G 298 1.30 -13.82 15.07
CA ARG G 298 0.79 -13.39 13.78
C ARG G 298 -0.56 -14.05 13.51
N TYR G 299 -1.32 -13.46 12.60
CA TYR G 299 -2.62 -13.99 12.24
C TYR G 299 -2.49 -15.15 11.26
N VAL G 300 -3.39 -16.13 11.38
CA VAL G 300 -3.46 -17.26 10.47
C VAL G 300 -4.92 -17.49 10.11
N LYS G 301 -5.13 -18.17 8.99
CA LYS G 301 -6.48 -18.50 8.55
C LYS G 301 -7.03 -19.77 9.21
N GLN G 302 -6.15 -20.68 9.63
CA GLN G 302 -6.60 -21.94 10.19
C GLN G 302 -7.18 -21.75 11.59
N GLU G 303 -8.18 -22.58 11.90
CA GLU G 303 -8.76 -22.57 13.25
C GLU G 303 -7.73 -23.03 14.28
N SER G 304 -6.99 -24.10 13.98
CA SER G 304 -6.13 -24.69 14.99
C SER G 304 -5.06 -25.55 14.33
N LEU G 305 -3.83 -25.40 14.81
CA LEU G 305 -2.70 -26.25 14.43
C LEU G 305 -2.09 -26.88 15.67
N MET G 306 -1.90 -28.19 15.64
CA MET G 306 -1.29 -28.97 16.74
C MET G 306 0.13 -29.32 16.34
N LEU G 307 1.09 -28.81 17.11
CA LEU G 307 2.49 -29.21 16.93
C LEU G 307 2.75 -30.45 17.76
N ALA G 308 3.17 -31.54 17.10
CA ALA G 308 3.39 -32.80 17.78
C ALA G 308 4.59 -32.69 18.71
N THR G 309 4.34 -32.69 20.02
CA THR G 309 5.40 -32.67 21.01
C THR G 309 5.86 -34.07 21.37
N GLY G 310 4.96 -35.04 21.42
CA GLY G 310 5.30 -36.42 21.66
C GLY G 310 5.51 -37.21 20.38
N MET G 311 5.75 -38.50 20.56
CA MET G 311 5.94 -39.41 19.46
C MET G 311 4.60 -39.77 18.81
N LYS G 312 4.68 -40.38 17.63
CA LYS G 312 3.51 -40.99 17.01
C LYS G 312 3.17 -42.26 17.78
N ASN G 313 2.03 -42.27 18.45
CA ASN G 313 1.68 -43.39 19.31
C ASN G 313 0.73 -44.35 18.59
N VAL G 314 0.86 -45.63 18.94
CA VAL G 314 -0.09 -46.65 18.48
C VAL G 314 -0.63 -47.38 19.70
N PRO G 315 -1.94 -47.50 19.83
CA PRO G 315 -2.51 -48.14 21.02
C PRO G 315 -2.19 -49.62 21.07
N GLU G 316 -2.09 -50.14 22.30
CA GLU G 316 -1.79 -51.54 22.51
C GLU G 316 -3.01 -52.41 22.29
N ALA H 328 9.89 -47.21 15.28
CA ALA H 328 8.47 -47.43 15.54
C ALA H 328 7.80 -48.14 14.38
N GLY H 329 8.61 -48.62 13.44
CA GLY H 329 8.11 -49.31 12.27
C GLY H 329 7.90 -50.80 12.49
N PHE H 330 8.95 -51.49 12.93
CA PHE H 330 8.86 -52.93 13.15
C PHE H 330 8.15 -53.29 14.44
N ILE H 331 7.98 -52.34 15.35
CA ILE H 331 7.31 -52.61 16.61
C ILE H 331 5.81 -52.69 16.36
N GLU H 332 5.18 -53.74 16.90
CA GLU H 332 3.76 -53.96 16.66
C GLU H 332 2.89 -52.87 17.31
N ASN H 333 3.20 -52.52 18.56
CA ASN H 333 2.42 -51.51 19.26
C ASN H 333 3.26 -50.90 20.37
N GLY H 334 2.82 -49.73 20.84
CA GLY H 334 3.48 -49.07 21.95
C GLY H 334 2.91 -49.51 23.28
N TRP H 335 3.78 -49.57 24.28
CA TRP H 335 3.37 -50.03 25.60
C TRP H 335 2.52 -48.97 26.29
N GLU H 336 1.47 -49.43 26.97
CA GLU H 336 0.60 -48.53 27.72
C GLU H 336 1.08 -48.33 29.16
N GLY H 337 1.77 -49.30 29.73
CA GLY H 337 2.25 -49.19 31.09
C GLY H 337 3.53 -48.40 31.27
N LEU H 338 4.15 -47.97 30.17
CA LEU H 338 5.35 -47.15 30.24
C LEU H 338 4.93 -45.70 30.43
N ILE H 339 5.07 -45.19 31.64
CA ILE H 339 4.54 -43.89 32.03
C ILE H 339 5.66 -42.85 32.16
N ASP H 340 6.69 -43.15 32.94
CA ASP H 340 7.71 -42.15 33.22
C ASP H 340 8.64 -41.94 32.03
N GLY H 341 8.99 -43.01 31.31
CA GLY H 341 9.91 -42.89 30.20
C GLY H 341 9.25 -43.03 28.83
N TRP H 342 9.85 -42.43 27.81
CA TRP H 342 9.33 -42.58 26.46
C TRP H 342 9.75 -43.91 25.85
N TYR H 343 11.03 -44.24 25.94
CA TYR H 343 11.56 -45.51 25.45
C TYR H 343 11.94 -46.37 26.64
N GLY H 344 11.50 -47.62 26.64
CA GLY H 344 11.71 -48.49 27.77
C GLY H 344 12.24 -49.87 27.44
N PHE H 345 12.10 -50.81 28.37
CA PHE H 345 12.61 -52.15 28.23
C PHE H 345 11.69 -53.13 28.92
N ARG H 346 11.42 -54.25 28.25
CA ARG H 346 10.70 -55.38 28.83
C ARG H 346 11.56 -56.62 28.63
N HIS H 347 11.74 -57.40 29.69
CA HIS H 347 12.65 -58.53 29.64
C HIS H 347 11.95 -59.88 29.53
N GLN H 348 10.83 -60.06 30.24
CA GLN H 348 10.12 -61.33 30.42
C GLN H 348 11.07 -62.52 30.53
N ASN H 349 11.97 -62.43 31.50
CA ASN H 349 12.92 -63.50 31.76
C ASN H 349 12.34 -64.47 32.79
N ALA H 350 13.12 -65.51 33.12
CA ALA H 350 12.66 -66.51 34.07
C ALA H 350 12.58 -65.97 35.50
N GLN H 351 13.29 -64.89 35.80
CA GLN H 351 13.22 -64.31 37.14
C GLN H 351 11.85 -63.69 37.40
N GLY H 352 11.27 -63.03 36.40
CA GLY H 352 9.95 -62.43 36.59
C GLY H 352 9.61 -61.52 35.42
N GLU H 353 8.66 -60.62 35.68
CA GLU H 353 8.18 -59.66 34.70
C GLU H 353 8.36 -58.25 35.23
N GLY H 354 8.82 -57.35 34.36
CA GLY H 354 9.02 -55.96 34.74
C GLY H 354 9.26 -55.06 33.56
N THR H 355 8.60 -53.90 33.55
CA THR H 355 8.73 -52.93 32.47
C THR H 355 9.50 -51.73 33.02
N ALA H 356 10.77 -51.64 32.65
CA ALA H 356 11.62 -50.54 33.08
C ALA H 356 11.69 -49.49 31.98
N ALA H 357 12.32 -48.36 32.28
CA ALA H 357 12.43 -47.26 31.34
C ALA H 357 13.88 -46.87 31.13
N ASP H 358 14.29 -46.77 29.87
CA ASP H 358 15.56 -46.17 29.54
C ASP H 358 15.52 -44.68 29.86
N TYR H 359 16.68 -44.10 30.15
CA TYR H 359 16.78 -42.70 30.51
C TYR H 359 17.48 -41.84 29.47
N LYS H 360 18.54 -42.34 28.84
CA LYS H 360 19.35 -41.51 27.96
C LYS H 360 18.60 -41.13 26.69
N SER H 361 17.94 -42.12 26.06
CA SER H 361 17.26 -41.88 24.79
C SER H 361 16.08 -40.94 24.96
N THR H 362 15.26 -41.16 26.00
CA THR H 362 14.12 -40.27 26.22
C THR H 362 14.56 -38.88 26.65
N GLN H 363 15.65 -38.78 27.42
CA GLN H 363 16.17 -37.45 27.78
C GLN H 363 16.65 -36.70 26.56
N SER H 364 17.36 -37.37 25.66
CA SER H 364 17.81 -36.73 24.42
C SER H 364 16.64 -36.31 23.55
N ALA H 365 15.62 -37.18 23.43
CA ALA H 365 14.46 -36.86 22.60
C ALA H 365 13.68 -35.68 23.16
N ILE H 366 13.43 -35.67 24.47
CA ILE H 366 12.70 -34.57 25.09
C ILE H 366 13.53 -33.29 25.04
N ASP H 367 14.85 -33.39 25.20
CA ASP H 367 15.70 -32.21 25.07
C ASP H 367 15.63 -31.61 23.67
N GLN H 368 15.70 -32.46 22.65
CA GLN H 368 15.61 -31.97 21.27
C GLN H 368 14.25 -31.35 20.98
N ILE H 369 13.17 -32.00 21.43
CA ILE H 369 11.84 -31.49 21.13
C ILE H 369 11.56 -30.20 21.90
N THR H 370 12.00 -30.12 23.16
CA THR H 370 11.84 -28.89 23.92
C THR H 370 12.70 -27.76 23.37
N GLY H 371 13.88 -28.08 22.84
CA GLY H 371 14.66 -27.06 22.15
C GLY H 371 13.97 -26.57 20.90
N LYS H 372 13.33 -27.49 20.15
CA LYS H 372 12.54 -27.10 19.00
C LYS H 372 11.39 -26.20 19.39
N LEU H 373 10.72 -26.52 20.51
CA LEU H 373 9.62 -25.68 21.00
C LEU H 373 10.12 -24.30 21.43
N ASN H 374 11.24 -24.26 22.16
CA ASN H 374 11.80 -22.99 22.62
C ASN H 374 12.26 -22.12 21.44
N ARG H 375 12.77 -22.75 20.39
CA ARG H 375 13.02 -22.04 19.14
C ARG H 375 11.70 -21.54 18.53
N LEU H 376 10.65 -22.36 18.62
CA LEU H 376 9.40 -22.07 17.92
C LEU H 376 8.47 -21.18 18.73
N ILE H 377 8.31 -21.45 20.02
CA ILE H 377 7.45 -20.65 20.88
C ILE H 377 8.22 -19.40 21.26
N GLU H 378 8.09 -18.35 20.44
CA GLU H 378 8.86 -17.11 20.63
C GLU H 378 8.00 -15.96 20.11
N LYS H 379 7.63 -15.04 21.01
CA LYS H 379 6.92 -13.85 20.59
C LYS H 379 7.84 -12.95 19.76
N THR H 380 7.23 -12.22 18.84
CA THR H 380 7.98 -11.38 17.91
C THR H 380 8.65 -10.22 18.63
N ASN H 381 9.85 -9.88 18.18
CA ASN H 381 10.57 -8.71 18.69
C ASN H 381 10.26 -7.45 17.91
N GLN H 382 9.46 -7.54 16.85
CA GLN H 382 9.12 -6.39 16.02
C GLN H 382 7.68 -6.00 16.29
N GLN H 383 7.46 -4.72 16.57
CA GLN H 383 6.17 -4.20 16.99
C GLN H 383 5.52 -3.41 15.85
N PHE H 384 4.33 -3.82 15.45
CA PHE H 384 3.58 -3.15 14.40
C PHE H 384 2.69 -2.06 14.98
N GLU H 385 2.02 -1.35 14.07
CA GLU H 385 1.13 -0.25 14.41
C GLU H 385 -0.21 -0.44 13.70
N LEU H 386 -1.19 0.36 14.11
CA LEU H 386 -2.51 0.32 13.50
C LEU H 386 -2.49 1.08 12.19
N ILE H 387 -2.71 0.39 11.08
CA ILE H 387 -2.62 0.97 9.75
C ILE H 387 -4.02 1.30 9.23
N ASP H 388 -5.02 0.57 9.71
CA ASP H 388 -6.41 0.79 9.32
C ASP H 388 -7.18 1.39 10.49
N ASN H 389 -8.43 1.72 10.25
CA ASN H 389 -9.32 2.24 11.29
C ASN H 389 -10.61 1.45 11.28
N GLU H 390 -10.98 0.91 12.45
CA GLU H 390 -12.22 0.14 12.57
C GLU H 390 -13.45 1.05 12.58
N PHE H 391 -13.36 2.20 13.25
CA PHE H 391 -14.55 3.02 13.49
C PHE H 391 -14.88 3.87 12.28
N THR H 392 -13.99 4.80 11.92
CA THR H 392 -14.17 5.66 10.77
C THR H 392 -13.32 5.12 9.63
N GLU H 393 -13.98 4.57 8.61
CA GLU H 393 -13.29 3.88 7.54
C GLU H 393 -12.42 4.85 6.72
N VAL H 394 -11.22 4.39 6.38
CA VAL H 394 -10.26 5.15 5.60
C VAL H 394 -10.74 5.30 4.17
N GLU H 395 -10.02 6.10 3.38
CA GLU H 395 -10.31 6.27 1.96
C GLU H 395 -10.33 4.91 1.27
N LYS H 396 -11.29 4.74 0.35
CA LYS H 396 -11.65 3.41 -0.11
C LYS H 396 -10.54 2.79 -0.95
N GLN H 397 -9.79 3.60 -1.71
CA GLN H 397 -8.68 3.06 -2.50
C GLN H 397 -7.55 2.58 -1.60
N ILE H 398 -7.09 3.43 -0.68
CA ILE H 398 -6.03 3.02 0.24
C ILE H 398 -6.57 1.97 1.22
N GLY H 399 -7.89 2.00 1.49
CA GLY H 399 -8.48 0.95 2.28
C GLY H 399 -8.42 -0.40 1.60
N ASN H 400 -8.71 -0.43 0.30
CA ASN H 400 -8.58 -1.67 -0.46
C ASN H 400 -7.13 -2.13 -0.53
N VAL H 401 -6.20 -1.18 -0.66
CA VAL H 401 -4.78 -1.54 -0.70
C VAL H 401 -4.35 -2.16 0.62
N ILE H 402 -4.77 -1.56 1.74
CA ILE H 402 -4.44 -2.09 3.06
C ILE H 402 -5.09 -3.46 3.27
N ASN H 403 -6.35 -3.60 2.89
CA ASN H 403 -7.06 -4.88 3.04
C ASN H 403 -6.42 -5.96 2.19
N TRP H 404 -6.02 -5.64 0.95
CA TRP H 404 -5.39 -6.64 0.09
C TRP H 404 -4.01 -7.02 0.59
N THR H 405 -3.23 -6.04 1.08
CA THR H 405 -1.92 -6.34 1.65
C THR H 405 -2.06 -7.21 2.90
N ARG H 406 -3.03 -6.89 3.77
CA ARG H 406 -3.25 -7.67 4.97
C ARG H 406 -3.75 -9.07 4.63
N ASP H 407 -4.61 -9.20 3.62
CA ASP H 407 -5.10 -10.51 3.21
C ASP H 407 -3.98 -11.36 2.62
N SER H 408 -3.10 -10.75 1.81
CA SER H 408 -1.96 -11.48 1.27
C SER H 408 -0.98 -11.90 2.36
N MET H 409 -0.72 -11.00 3.32
CA MET H 409 0.15 -11.34 4.42
C MET H 409 -0.45 -12.43 5.30
N THR H 410 -1.76 -12.36 5.53
CA THR H 410 -2.46 -13.39 6.30
C THR H 410 -2.39 -14.73 5.58
N GLU H 411 -2.59 -14.75 4.27
CA GLU H 411 -2.53 -16.00 3.52
C GLU H 411 -1.13 -16.59 3.51
N VAL H 412 -0.10 -15.75 3.33
CA VAL H 412 1.26 -16.28 3.33
C VAL H 412 1.67 -16.72 4.73
N TRP H 413 1.19 -16.04 5.78
CA TRP H 413 1.49 -16.46 7.14
C TRP H 413 0.77 -17.76 7.48
N SER H 414 -0.46 -17.92 7.00
CA SER H 414 -1.21 -19.16 7.21
C SER H 414 -0.55 -20.33 6.49
N TYR H 415 -0.10 -20.10 5.25
CA TYR H 415 0.63 -21.15 4.52
C TYR H 415 1.94 -21.49 5.21
N ASN H 416 2.68 -20.47 5.66
CA ASN H 416 3.93 -20.72 6.37
C ASN H 416 3.69 -21.44 7.68
N ALA H 417 2.59 -21.13 8.37
CA ALA H 417 2.31 -21.77 9.64
C ALA H 417 1.90 -23.22 9.47
N GLU H 418 1.04 -23.52 8.48
CA GLU H 418 0.66 -24.91 8.26
C GLU H 418 1.84 -25.72 7.72
N LEU H 419 2.68 -25.11 6.88
CA LEU H 419 3.90 -25.77 6.42
C LEU H 419 4.84 -26.04 7.59
N LEU H 420 4.98 -25.05 8.48
CA LEU H 420 5.77 -25.21 9.70
C LEU H 420 5.28 -26.39 10.52
N VAL H 421 3.99 -26.42 10.81
CA VAL H 421 3.43 -27.44 11.68
C VAL H 421 3.57 -28.81 11.03
N ALA H 422 3.30 -28.90 9.72
CA ALA H 422 3.41 -30.18 9.04
C ALA H 422 4.85 -30.69 9.04
N MET H 423 5.83 -29.84 8.71
CA MET H 423 7.19 -30.36 8.60
C MET H 423 7.82 -30.60 9.97
N GLU H 424 7.47 -29.81 10.99
CA GLU H 424 8.00 -30.12 12.31
C GLU H 424 7.30 -31.29 12.98
N ASN H 425 6.03 -31.55 12.65
CA ASN H 425 5.43 -32.79 13.10
C ASN H 425 6.07 -33.99 12.41
N GLN H 426 6.37 -33.85 11.12
CA GLN H 426 7.08 -34.90 10.40
C GLN H 426 8.48 -35.11 10.99
N HIS H 427 9.17 -34.03 11.31
CA HIS H 427 10.50 -34.15 11.89
C HIS H 427 10.46 -34.67 13.32
N THR H 428 9.40 -34.38 14.07
CA THR H 428 9.27 -34.94 15.42
C THR H 428 8.98 -36.43 15.36
N ILE H 429 8.10 -36.85 14.45
CA ILE H 429 7.84 -38.28 14.26
C ILE H 429 9.11 -39.00 13.79
N ASP H 430 9.83 -38.39 12.84
CA ASP H 430 11.08 -38.98 12.37
C ASP H 430 12.15 -38.97 13.45
N LEU H 431 12.15 -37.96 14.33
CA LEU H 431 13.12 -37.91 15.41
C LEU H 431 12.82 -38.97 16.46
N ALA H 432 11.55 -39.19 16.77
CA ALA H 432 11.19 -40.27 17.69
C ALA H 432 11.54 -41.63 17.08
N ASP H 433 11.27 -41.80 15.79
CA ASP H 433 11.63 -43.05 15.12
C ASP H 433 13.15 -43.22 15.08
N SER H 434 13.89 -42.13 14.89
CA SER H 434 15.35 -42.21 14.82
C SER H 434 15.96 -42.48 16.18
N GLU H 435 15.39 -41.91 17.25
CA GLU H 435 15.84 -42.22 18.60
C GLU H 435 15.54 -43.67 18.95
N MET H 436 14.36 -44.16 18.55
CA MET H 436 14.02 -45.56 18.74
C MET H 436 14.99 -46.47 17.99
N ASN H 437 15.29 -46.11 16.74
CA ASN H 437 16.23 -46.89 15.94
C ASN H 437 17.63 -46.85 16.53
N LYS H 438 18.04 -45.69 17.05
CA LYS H 438 19.37 -45.58 17.65
C LYS H 438 19.47 -46.41 18.92
N LEU H 439 18.42 -46.41 19.74
CA LEU H 439 18.40 -47.26 20.93
C LEU H 439 18.43 -48.74 20.55
N TYR H 440 17.66 -49.13 19.52
CA TYR H 440 17.65 -50.51 19.05
C TYR H 440 19.02 -50.92 18.53
N GLU H 441 19.66 -50.05 17.75
CA GLU H 441 20.97 -50.38 17.19
C GLU H 441 22.04 -50.41 18.26
N ARG H 442 21.95 -49.54 19.27
CA ARG H 442 22.94 -49.59 20.35
C ARG H 442 22.74 -50.82 21.23
N VAL H 443 21.50 -51.29 21.38
CA VAL H 443 21.26 -52.53 22.10
C VAL H 443 21.81 -53.71 21.31
N ARG H 444 21.58 -53.72 19.98
CA ARG H 444 22.13 -54.78 19.15
C ARG H 444 23.65 -54.73 19.07
N ARG H 445 24.24 -53.54 19.22
CA ARG H 445 25.69 -53.41 19.26
C ARG H 445 26.26 -53.89 20.58
N GLN H 446 25.54 -53.68 21.68
CA GLN H 446 25.95 -54.24 22.96
C GLN H 446 25.84 -55.77 22.95
N LEU H 447 24.95 -56.32 22.13
CA LEU H 447 24.63 -57.74 22.11
C LEU H 447 25.14 -58.31 20.79
N ARG H 448 26.41 -58.71 20.77
CA ARG H 448 27.10 -59.14 19.56
C ARG H 448 26.45 -60.36 18.92
N GLU H 449 26.50 -61.49 19.62
CA GLU H 449 25.87 -62.72 19.20
C GLU H 449 25.08 -63.37 20.34
N ASN H 450 25.32 -62.95 21.58
CA ASN H 450 24.59 -63.46 22.73
C ASN H 450 23.09 -63.19 22.64
N ALA H 451 22.68 -62.18 21.87
CA ALA H 451 21.28 -61.92 21.60
C ALA H 451 21.10 -61.60 20.13
N GLU H 452 19.90 -61.86 19.63
CA GLU H 452 19.57 -61.61 18.23
C GLU H 452 18.22 -60.91 18.11
N GLU H 453 18.05 -60.22 17.00
CA GLU H 453 16.83 -59.48 16.74
C GLU H 453 15.66 -60.43 16.46
N ASP H 454 14.45 -59.88 16.53
CA ASP H 454 13.24 -60.66 16.32
C ASP H 454 12.36 -60.16 15.19
N GLY H 455 12.36 -58.85 14.92
CA GLY H 455 11.46 -58.26 13.95
C GLY H 455 10.25 -57.59 14.55
N THR H 456 9.91 -57.93 15.79
CA THR H 456 8.84 -57.26 16.53
C THR H 456 9.38 -56.26 17.53
N GLY H 457 10.65 -55.90 17.44
CA GLY H 457 11.29 -55.04 18.41
C GLY H 457 11.86 -55.75 19.61
N CYS H 458 11.83 -57.07 19.64
CA CYS H 458 12.33 -57.86 20.77
C CYS H 458 13.69 -58.46 20.46
N PHE H 459 14.33 -58.97 21.51
CA PHE H 459 15.64 -59.59 21.42
C PHE H 459 15.60 -60.94 22.10
N GLU H 460 16.11 -61.97 21.43
CA GLU H 460 16.21 -63.31 22.00
C GLU H 460 17.62 -63.53 22.55
N ILE H 461 17.69 -64.03 23.78
CA ILE H 461 18.95 -64.18 24.51
C ILE H 461 19.36 -65.66 24.47
N PHE H 462 20.65 -65.91 24.23
CA PHE H 462 21.20 -67.25 24.24
C PHE H 462 21.81 -67.64 25.58
N HIS H 463 21.72 -66.81 26.60
CA HIS H 463 22.30 -67.12 27.90
C HIS H 463 21.28 -66.83 28.99
N LYS H 464 21.51 -67.44 30.15
CA LYS H 464 20.66 -67.27 31.32
C LYS H 464 21.37 -66.36 32.33
N CYS H 465 20.65 -65.35 32.80
CA CYS H 465 21.22 -64.31 33.65
C CYS H 465 20.09 -63.62 34.41
N ASP H 466 20.34 -63.31 35.68
CA ASP H 466 19.29 -62.95 36.63
C ASP H 466 19.34 -61.46 36.95
N ASP H 467 18.72 -60.66 36.08
CA ASP H 467 18.37 -59.26 36.32
C ASP H 467 19.55 -58.32 36.53
N ASP H 468 20.77 -58.84 36.51
CA ASP H 468 21.96 -58.00 36.55
C ASP H 468 22.45 -57.69 35.15
N CYS H 469 22.40 -58.70 34.27
CA CYS H 469 22.66 -58.48 32.84
C CYS H 469 21.65 -57.54 32.23
N MET H 470 20.37 -57.66 32.62
CA MET H 470 19.33 -56.79 32.08
C MET H 470 19.57 -55.33 32.48
N ALA H 471 19.90 -55.09 33.75
CA ALA H 471 20.23 -53.74 34.19
C ALA H 471 21.53 -53.25 33.57
N SER H 472 22.48 -54.17 33.32
CA SER H 472 23.72 -53.80 32.64
C SER H 472 23.46 -53.34 31.22
N ILE H 473 22.52 -54.01 30.53
CA ILE H 473 22.05 -53.53 29.23
C ILE H 473 21.40 -52.17 29.39
N ARG H 474 20.56 -52.01 30.41
CA ARG H 474 19.91 -50.72 30.65
C ARG H 474 20.90 -49.63 31.04
N ASN H 475 21.94 -49.98 31.80
CA ASN H 475 22.91 -49.00 32.28
C ASN H 475 24.03 -48.74 31.28
N ASN H 476 23.96 -49.34 30.09
CA ASN H 476 24.95 -49.16 29.02
C ASN H 476 26.35 -49.58 29.48
N THR H 477 26.44 -50.61 30.31
CA THR H 477 27.69 -51.14 30.81
C THR H 477 27.74 -52.65 30.63
N TYR H 478 27.29 -53.14 29.48
CA TYR H 478 27.24 -54.57 29.24
C TYR H 478 28.62 -55.13 28.94
N ASP H 479 28.92 -56.30 29.51
CA ASP H 479 30.19 -56.98 29.31
C ASP H 479 29.90 -58.26 28.52
N HIS H 480 29.95 -58.13 27.19
CA HIS H 480 29.66 -59.25 26.30
C HIS H 480 30.83 -60.22 26.15
N SER H 481 31.98 -59.91 26.75
CA SER H 481 33.18 -60.71 26.53
C SER H 481 33.05 -62.11 27.13
N LYS H 482 32.43 -62.23 28.30
CA LYS H 482 32.38 -63.50 29.01
C LYS H 482 31.04 -64.22 28.86
N TYR H 483 30.18 -63.75 27.95
CA TYR H 483 28.98 -64.51 27.57
C TYR H 483 29.14 -65.21 26.23
N ARG H 484 30.28 -65.07 25.56
CA ARG H 484 30.44 -65.58 24.21
C ARG H 484 30.56 -67.10 24.17
N GLU H 485 31.16 -67.70 25.21
CA GLU H 485 31.50 -69.12 25.16
C GLU H 485 30.26 -70.02 25.18
N GLU H 486 29.19 -69.61 25.87
CA GLU H 486 27.97 -70.41 25.92
C GLU H 486 26.91 -69.95 24.93
N ALA H 487 27.13 -68.84 24.23
CA ALA H 487 26.16 -68.31 23.28
C ALA H 487 26.59 -68.46 21.83
N MET H 488 27.84 -68.83 21.57
CA MET H 488 28.28 -69.02 20.18
C MET H 488 27.64 -70.25 19.56
N GLN H 489 27.54 -71.34 20.32
CA GLN H 489 26.96 -72.57 19.78
C GLN H 489 25.45 -72.50 19.66
N ASN H 490 24.80 -71.58 20.35
CA ASN H 490 23.34 -71.48 20.32
C ASN H 490 22.87 -70.68 19.11
N ILE I 2 -2.84 18.02 52.02
CA ILE I 2 -1.53 17.89 51.37
C ILE I 2 -0.68 19.14 51.61
N VAL I 3 0.58 18.92 51.93
CA VAL I 3 1.55 19.99 52.16
C VAL I 3 2.75 19.72 51.28
N MET I 4 3.40 20.79 50.82
CA MET I 4 4.48 20.68 49.84
C MET I 4 5.78 21.10 50.52
N THR I 5 6.77 20.22 50.52
CA THR I 5 8.04 20.51 51.16
C THR I 5 9.01 21.11 50.14
N GLN I 6 10.26 21.27 50.52
CA GLN I 6 11.27 21.88 49.66
C GLN I 6 12.60 21.18 49.88
N SER I 7 13.63 21.69 49.21
CA SER I 7 15.00 21.27 49.39
C SER I 7 15.59 22.00 50.59
N PRO I 8 16.86 21.76 50.94
CA PRO I 8 17.55 22.65 51.88
C PRO I 8 17.63 24.11 51.42
N ASP I 9 18.21 24.96 52.26
CA ASP I 9 18.13 26.40 52.10
C ASP I 9 19.03 26.87 50.94
N SER I 10 19.26 28.19 50.88
CA SER I 10 19.87 28.82 49.72
C SER I 10 21.25 28.25 49.41
N LEU I 11 21.46 27.91 48.13
CA LEU I 11 22.66 27.21 47.70
C LEU I 11 23.72 28.21 47.29
N ALA I 12 24.94 28.03 47.80
CA ALA I 12 26.07 28.86 47.43
C ALA I 12 26.76 28.26 46.20
N VAL I 13 26.09 28.41 45.06
CA VAL I 13 26.55 27.86 43.80
C VAL I 13 27.02 29.00 42.91
N SER I 14 28.09 28.74 42.15
CA SER I 14 28.65 29.73 41.25
C SER I 14 28.01 29.61 39.86
N LEU I 15 28.52 30.39 38.92
CA LEU I 15 28.00 30.38 37.56
C LEU I 15 28.48 29.13 36.81
N GLY I 16 27.60 28.60 35.98
CA GLY I 16 27.95 27.53 35.06
C GLY I 16 28.04 26.14 35.65
N GLU I 17 27.50 25.92 36.85
CA GLU I 17 27.53 24.60 37.46
C GLU I 17 26.10 24.14 37.75
N ARG I 18 25.99 22.86 38.13
CA ARG I 18 24.70 22.22 38.33
C ARG I 18 23.99 22.77 39.56
N ALA I 19 22.71 23.06 39.42
CA ALA I 19 21.86 23.49 40.53
C ALA I 19 20.66 22.56 40.61
N THR I 20 20.43 21.98 41.78
CA THR I 20 19.36 20.99 41.97
C THR I 20 18.44 21.46 43.10
N ILE I 21 17.14 21.48 42.81
CA ILE I 21 16.11 21.83 43.79
C ILE I 21 15.17 20.64 43.92
N ASN I 22 14.94 20.19 45.15
CA ASN I 22 14.12 19.02 45.42
C ASN I 22 12.77 19.44 46.01
N CYS I 23 11.76 18.64 45.68
CA CYS I 23 10.38 18.87 46.14
C CYS I 23 9.74 17.52 46.45
N LYS I 24 8.98 17.47 47.54
CA LYS I 24 8.31 16.26 47.97
C LYS I 24 6.85 16.56 48.29
N SER I 25 6.00 15.56 48.08
CA SER I 25 4.57 15.68 48.30
C SER I 25 4.11 14.66 49.34
N SER I 26 3.13 15.05 50.15
CA SER I 26 2.60 14.12 51.13
C SER I 26 1.70 13.08 50.49
N GLN I 27 1.03 13.43 49.39
CA GLN I 27 0.18 12.52 48.64
C GLN I 27 0.73 12.36 47.23
N SER I 28 -0.02 11.67 46.38
CA SER I 28 0.37 11.43 45.00
C SER I 28 -0.43 12.34 44.08
N VAL I 29 0.27 13.05 43.20
CA VAL I 29 -0.35 13.94 42.22
C VAL I 29 -0.28 13.39 40.81
N LEU I 30 0.13 12.13 40.65
CA LEU I 30 0.29 11.55 39.33
C LEU I 30 -1.00 10.87 38.89
N SER I 31 -1.12 10.67 37.57
CA SER I 31 -2.20 9.93 36.91
C SER I 31 -3.56 10.60 37.06
N GLY I 32 -4.61 9.79 37.19
CA GLY I 32 -5.97 10.27 37.08
C GLY I 32 -6.51 10.03 35.69
N SER I 33 -6.25 8.84 35.15
CA SER I 33 -6.57 8.43 33.78
C SER I 33 -5.88 9.28 32.73
N ILE I 34 -4.84 10.03 33.14
CA ILE I 34 -4.10 10.89 32.22
C ILE I 34 -2.59 10.68 32.28
N ASN I 35 -2.05 10.19 33.39
CA ASN I 35 -0.61 9.98 33.60
C ASN I 35 0.18 11.27 33.34
N MET I 36 -0.33 12.38 33.87
CA MET I 36 0.20 13.69 33.52
C MET I 36 1.02 14.31 34.65
N ASN I 37 0.81 13.88 35.90
CA ASN I 37 1.65 14.25 37.06
C ASN I 37 1.61 15.76 37.31
N TYR I 38 0.45 16.22 37.78
CA TYR I 38 0.18 17.63 38.02
C TYR I 38 1.10 18.25 39.05
N LEU I 39 2.06 19.08 38.61
CA LEU I 39 2.87 19.91 39.51
C LEU I 39 3.58 21.01 38.73
N ALA I 40 3.39 22.26 39.13
CA ALA I 40 4.00 23.39 38.47
C ALA I 40 5.22 23.89 39.24
N TRP I 41 6.11 24.55 38.51
CA TRP I 41 7.29 25.18 39.08
C TRP I 41 7.34 26.64 38.69
N TYR I 42 7.70 27.49 39.65
CA TYR I 42 7.79 28.93 39.42
C TYR I 42 9.13 29.45 39.91
N GLN I 43 9.64 30.45 39.19
CA GLN I 43 10.76 31.24 39.68
C GLN I 43 10.30 32.68 39.86
N GLN I 44 10.88 33.36 40.84
CA GLN I 44 10.51 34.72 41.19
C GLN I 44 11.76 35.57 41.28
N LYS I 45 11.89 36.53 40.37
CA LYS I 45 12.87 37.57 40.50
C LYS I 45 12.47 38.49 41.66
N PRO I 46 13.44 39.15 42.29
CA PRO I 46 13.07 40.12 43.33
C PRO I 46 12.42 41.38 42.77
N GLY I 47 11.12 41.55 43.02
CA GLY I 47 10.42 42.76 42.66
C GLY I 47 9.34 42.63 41.60
N GLN I 48 9.26 41.49 40.92
CA GLN I 48 8.28 41.28 39.87
C GLN I 48 7.57 39.94 40.09
N PRO I 49 6.35 39.77 39.59
CA PRO I 49 5.57 38.57 39.93
C PRO I 49 6.21 37.32 39.36
N PRO I 50 6.02 36.17 40.02
CA PRO I 50 6.74 34.93 39.63
C PRO I 50 6.17 34.31 38.37
N LYS I 51 6.93 34.41 37.28
CA LYS I 51 6.56 33.75 36.04
C LYS I 51 6.82 32.25 36.12
N LEU I 52 5.97 31.48 35.44
CA LEU I 52 6.07 30.03 35.46
C LEU I 52 7.25 29.55 34.61
N LEU I 53 7.89 28.48 35.07
CA LEU I 53 8.99 27.87 34.33
C LEU I 53 8.56 26.62 33.57
N ILE I 54 8.08 25.60 34.29
CA ILE I 54 7.65 24.34 33.70
C ILE I 54 6.32 23.93 34.31
N TYR I 55 5.62 23.04 33.61
CA TYR I 55 4.28 22.64 33.98
C TYR I 55 4.17 21.11 33.93
N TRP I 56 3.50 20.53 34.93
CA TRP I 56 3.51 19.08 35.18
C TRP I 56 4.93 18.53 35.30
N ALA I 57 5.85 19.36 35.80
CA ALA I 57 7.18 18.97 36.27
C ALA I 57 8.08 18.42 35.17
N SER I 58 7.59 18.31 33.94
CA SER I 58 8.41 17.84 32.84
C SER I 58 8.21 18.59 31.52
N THR I 59 7.14 19.37 31.37
CA THR I 59 6.84 20.07 30.13
C THR I 59 7.40 21.49 30.24
N ARG I 60 8.51 21.74 29.56
CA ARG I 60 9.12 23.05 29.57
C ARG I 60 8.25 24.04 28.80
N GLU I 61 8.12 25.25 29.32
CA GLU I 61 7.29 26.26 28.68
C GLU I 61 8.02 26.83 27.46
N SER I 62 7.26 27.53 26.61
CA SER I 62 7.83 28.10 25.41
C SER I 62 8.76 29.28 25.70
N GLY I 63 8.44 30.07 26.73
CA GLY I 63 9.19 31.28 26.99
C GLY I 63 10.29 31.15 28.03
N VAL I 64 10.73 29.92 28.30
CA VAL I 64 11.76 29.68 29.30
C VAL I 64 12.97 29.02 28.63
N PRO I 65 14.18 29.18 29.17
CA PRO I 65 15.34 28.52 28.57
C PRO I 65 15.29 27.02 28.72
N ASP I 66 16.07 26.35 27.86
CA ASP I 66 16.12 24.89 27.81
C ASP I 66 16.77 24.28 29.04
N ARG I 67 17.68 25.00 29.70
CA ARG I 67 18.45 24.45 30.81
C ARG I 67 17.60 24.11 32.04
N PHE I 68 16.40 24.68 32.16
CA PHE I 68 15.49 24.36 33.25
C PHE I 68 14.85 23.00 32.96
N THR I 69 15.50 21.93 33.42
CA THR I 69 15.03 20.58 33.17
C THR I 69 14.37 20.01 34.41
N GLY I 70 13.13 19.58 34.28
CA GLY I 70 12.38 19.04 35.39
C GLY I 70 12.22 17.53 35.28
N SER I 71 12.49 16.83 36.38
CA SER I 71 12.29 15.40 36.48
C SER I 71 11.18 15.15 37.50
N GLY I 72 10.13 14.46 37.08
CA GLY I 72 8.99 14.23 37.94
C GLY I 72 8.76 12.77 38.25
N SER I 73 7.97 12.51 39.29
CA SER I 73 7.64 11.16 39.71
C SER I 73 6.32 11.22 40.49
N GLY I 74 5.99 10.13 41.18
CA GLY I 74 4.80 10.14 42.01
C GLY I 74 4.92 11.08 43.21
N THR I 75 6.08 11.10 43.84
CA THR I 75 6.28 11.87 45.06
C THR I 75 7.46 12.83 44.98
N ASP I 76 8.58 12.43 44.40
CA ASP I 76 9.80 13.22 44.39
C ASP I 76 9.93 13.97 43.07
N PHE I 77 10.28 15.25 43.15
CA PHE I 77 10.40 16.11 41.98
C PHE I 77 11.72 16.89 42.07
N THR I 78 12.40 17.01 40.93
CA THR I 78 13.65 17.75 40.89
C THR I 78 13.59 18.78 39.77
N LEU I 79 14.03 19.99 40.09
CA LEU I 79 14.33 21.01 39.09
C LEU I 79 15.84 21.14 38.99
N THR I 80 16.35 21.08 37.76
CA THR I 80 17.78 21.01 37.51
C THR I 80 18.19 22.10 36.53
N VAL I 81 19.32 22.74 36.82
CA VAL I 81 19.92 23.75 35.96
C VAL I 81 21.33 23.28 35.64
N SER I 82 21.59 23.00 34.36
CA SER I 82 22.91 22.51 33.96
C SER I 82 23.96 23.60 34.08
N SER I 83 23.65 24.81 33.62
CA SER I 83 24.54 25.95 33.72
C SER I 83 23.76 27.14 34.24
N LEU I 84 24.23 27.73 35.34
CA LEU I 84 23.53 28.82 36.02
C LEU I 84 24.15 30.14 35.61
N GLN I 85 23.31 31.12 35.32
CA GLN I 85 23.75 32.45 34.90
C GLN I 85 23.36 33.49 35.94
N ALA I 86 23.76 34.73 35.69
CA ALA I 86 23.42 35.84 36.58
C ALA I 86 21.93 36.17 36.53
N GLU I 87 21.24 35.78 35.47
CA GLU I 87 19.80 35.98 35.39
C GLU I 87 19.01 34.88 36.08
N ASP I 88 19.68 33.88 36.64
CA ASP I 88 19.03 32.75 37.29
C ASP I 88 18.82 32.96 38.78
N VAL I 89 19.31 34.06 39.36
CA VAL I 89 19.14 34.30 40.79
C VAL I 89 17.68 34.69 41.04
N ALA I 90 17.03 33.92 41.91
CA ALA I 90 15.58 34.00 42.09
C ALA I 90 15.21 33.24 43.36
N VAL I 91 13.92 33.07 43.57
CA VAL I 91 13.40 32.11 44.55
C VAL I 91 12.41 31.19 43.84
N TYR I 92 12.50 29.89 44.14
CA TYR I 92 11.78 28.88 43.37
C TYR I 92 10.69 28.23 44.22
N TYR I 93 9.59 27.89 43.58
CA TYR I 93 8.44 27.29 44.24
C TYR I 93 7.95 26.10 43.45
N CYS I 94 7.58 25.03 44.15
CA CYS I 94 6.90 23.89 43.58
C CYS I 94 5.47 23.85 44.11
N GLN I 95 4.50 23.87 43.20
CA GLN I 95 3.10 23.97 43.55
C GLN I 95 2.34 22.75 43.05
N GLN I 96 1.57 22.13 43.94
CA GLN I 96 0.67 21.05 43.54
C GLN I 96 -0.73 21.61 43.31
N TYR I 97 -1.40 21.04 42.31
CA TYR I 97 -2.77 21.45 41.98
C TYR I 97 -3.64 20.27 41.57
N TYR I 98 -3.41 19.09 42.15
CA TYR I 98 -4.24 17.92 41.87
C TYR I 98 -5.48 17.89 42.76
N SER I 99 -5.36 18.47 43.95
CA SER I 99 -6.52 18.57 44.87
C SER I 99 -6.95 20.05 44.93
N THR I 100 -8.20 20.32 45.31
CA THR I 100 -8.70 21.72 45.43
C THR I 100 -7.76 22.56 46.30
N PRO I 101 -7.31 22.16 47.53
CA PRO I 101 -6.31 22.93 48.29
C PRO I 101 -5.02 23.08 47.48
N LEU I 102 -4.54 24.32 47.33
CA LEU I 102 -3.31 24.59 46.54
C LEU I 102 -2.21 25.08 47.48
N THR I 103 -1.13 24.32 47.62
CA THR I 103 0.02 24.68 48.45
C THR I 103 1.25 24.88 47.58
N PHE I 104 1.80 26.09 47.62
CA PHE I 104 3.07 26.39 46.98
C PHE I 104 4.21 25.91 47.87
N GLY I 105 5.41 25.93 47.31
CA GLY I 105 6.58 25.56 48.07
C GLY I 105 6.96 26.63 49.08
N GLY I 106 7.86 26.26 49.99
CA GLY I 106 8.35 27.20 50.98
C GLY I 106 9.35 28.20 50.46
N GLY I 107 9.82 28.04 49.23
CA GLY I 107 10.76 28.97 48.65
C GLY I 107 12.19 28.48 48.70
N THR I 108 12.79 28.26 47.53
CA THR I 108 14.18 27.81 47.42
C THR I 108 14.95 28.89 46.67
N LYS I 109 15.49 29.85 47.43
CA LYS I 109 16.32 30.88 46.85
C LYS I 109 17.66 30.28 46.40
N VAL I 110 18.20 30.83 45.32
CA VAL I 110 19.53 30.46 44.83
C VAL I 110 20.45 31.66 45.01
N GLU I 111 21.68 31.38 45.43
CA GLU I 111 22.65 32.42 45.73
C GLU I 111 23.85 32.24 44.81
N ILE I 112 24.36 33.35 44.29
CA ILE I 112 25.48 33.33 43.36
C ILE I 112 26.78 33.01 44.08
N VAL J 130 12.06 29.64 -34.81
CA VAL J 130 11.79 30.98 -34.30
C VAL J 130 12.43 31.99 -35.26
N GLN J 131 11.93 33.23 -35.25
CA GLN J 131 12.27 34.21 -36.27
C GLN J 131 13.58 34.92 -35.95
N LEU J 132 14.45 35.00 -36.95
CA LEU J 132 15.81 35.48 -36.78
C LEU J 132 16.24 36.17 -38.06
N VAL J 133 16.77 37.39 -37.95
CA VAL J 133 17.17 38.17 -39.11
C VAL J 133 18.60 38.67 -38.92
N GLU J 134 19.25 38.95 -40.05
CA GLU J 134 20.64 39.40 -40.07
C GLU J 134 20.78 40.61 -40.98
N SER J 135 21.86 41.36 -40.78
CA SER J 135 22.20 42.49 -41.64
C SER J 135 23.70 42.75 -41.53
N GLY J 136 24.23 43.41 -42.55
CA GLY J 136 25.62 43.81 -42.58
C GLY J 136 26.46 43.19 -43.68
N GLY J 137 25.91 42.28 -44.47
CA GLY J 137 26.68 41.68 -45.54
C GLY J 137 26.89 42.63 -46.71
N GLY J 138 27.96 42.36 -47.47
CA GLY J 138 28.27 43.18 -48.62
C GLY J 138 29.70 42.95 -49.07
N VAL J 139 30.17 43.85 -49.93
CA VAL J 139 31.52 43.80 -50.49
C VAL J 139 32.35 44.87 -49.80
N VAL J 140 33.44 44.45 -49.17
CA VAL J 140 34.32 45.35 -48.44
C VAL J 140 35.77 45.01 -48.80
N GLN J 141 36.63 46.02 -48.76
CA GLN J 141 38.04 45.81 -49.05
C GLN J 141 38.69 44.99 -47.92
N PRO J 142 39.70 44.17 -48.25
CA PRO J 142 40.40 43.41 -47.21
C PRO J 142 41.13 44.34 -46.24
N GLY J 143 41.18 43.93 -44.98
CA GLY J 143 41.81 44.70 -43.94
C GLY J 143 41.00 45.83 -43.38
N ARG J 144 39.77 46.01 -43.83
CA ARG J 144 38.91 47.10 -43.36
C ARG J 144 38.08 46.61 -42.17
N SER J 145 37.14 47.44 -41.72
CA SER J 145 36.29 47.14 -40.59
C SER J 145 34.85 46.94 -41.05
N LEU J 146 34.18 45.95 -40.47
CA LEU J 146 32.81 45.62 -40.84
C LEU J 146 31.97 45.37 -39.60
N ARG J 147 30.67 45.56 -39.75
CA ARG J 147 29.70 45.37 -38.69
C ARG J 147 28.67 44.36 -39.14
N LEU J 148 28.39 43.36 -38.29
CA LEU J 148 27.35 42.38 -38.55
C LEU J 148 26.34 42.44 -37.41
N SER J 149 25.06 42.61 -37.75
CA SER J 149 24.00 42.74 -36.75
C SER J 149 23.03 41.59 -36.90
N CYS J 150 22.59 41.05 -35.77
CA CYS J 150 21.64 39.94 -35.75
C CYS J 150 20.54 40.27 -34.76
N ALA J 151 19.28 40.13 -35.21
CA ALA J 151 18.12 40.45 -34.38
C ALA J 151 17.17 39.25 -34.33
N ALA J 152 16.65 38.97 -33.14
CA ALA J 152 15.80 37.82 -32.91
C ALA J 152 14.41 38.27 -32.47
N SER J 153 13.42 37.41 -32.72
CA SER J 153 12.06 37.71 -32.26
C SER J 153 11.34 36.40 -32.00
N GLY J 154 10.77 36.27 -30.81
CA GLY J 154 9.97 35.10 -30.45
C GLY J 154 10.50 34.28 -29.30
N PHE J 155 11.64 34.62 -28.69
CA PHE J 155 12.14 33.87 -27.55
C PHE J 155 12.92 34.79 -26.64
N SER J 156 13.32 34.27 -25.49
CA SER J 156 14.13 35.00 -24.52
C SER J 156 15.56 35.08 -25.05
N PHE J 157 15.91 36.24 -25.62
CA PHE J 157 17.23 36.40 -26.23
C PHE J 157 18.33 36.39 -25.18
N SER J 158 18.06 36.92 -24.00
CA SER J 158 19.06 37.00 -22.94
C SER J 158 19.39 35.65 -22.33
N ASN J 159 18.63 34.61 -22.64
CA ASN J 159 18.86 33.29 -22.05
C ASN J 159 19.78 32.43 -22.91
N TYR J 160 19.43 32.22 -24.18
CA TYR J 160 20.17 31.28 -25.01
C TYR J 160 21.51 31.87 -25.44
N GLY J 161 22.52 31.01 -25.55
CA GLY J 161 23.80 31.45 -26.08
C GLY J 161 23.76 31.56 -27.59
N LEU J 162 24.62 32.43 -28.12
CA LEU J 162 24.59 32.77 -29.54
C LEU J 162 25.88 32.34 -30.22
N HIS J 163 25.75 31.90 -31.47
CA HIS J 163 26.89 31.47 -32.28
C HIS J 163 26.96 32.30 -33.56
N TRP J 164 28.19 32.62 -33.97
CA TRP J 164 28.46 33.20 -35.28
C TRP J 164 29.28 32.18 -36.06
N VAL J 165 28.76 31.75 -37.21
CA VAL J 165 29.40 30.72 -38.02
C VAL J 165 29.42 31.20 -39.47
N ARG J 166 30.28 30.56 -40.27
CA ARG J 166 30.43 30.92 -41.67
C ARG J 166 30.42 29.66 -42.53
N GLN J 167 30.13 29.87 -43.81
CA GLN J 167 30.19 28.81 -44.82
C GLN J 167 30.69 29.40 -46.12
N ALA J 168 31.85 28.93 -46.58
CA ALA J 168 32.37 29.36 -47.86
C ALA J 168 31.52 28.79 -48.99
N PRO J 169 31.38 29.52 -50.09
CA PRO J 169 30.59 29.02 -51.22
C PRO J 169 31.23 27.78 -51.84
N GLY J 170 30.49 26.67 -51.81
CA GLY J 170 30.98 25.40 -52.29
C GLY J 170 31.73 24.58 -51.28
N LYS J 171 31.98 25.12 -50.09
CA LYS J 171 32.68 24.43 -49.01
C LYS J 171 31.78 24.26 -47.81
N GLY J 172 32.28 23.55 -46.81
CA GLY J 172 31.49 23.17 -45.66
C GLY J 172 31.33 24.26 -44.62
N LEU J 173 30.59 23.93 -43.57
CA LEU J 173 30.36 24.86 -42.48
C LEU J 173 31.64 25.07 -41.67
N ASP J 174 31.77 26.26 -41.10
CA ASP J 174 32.92 26.61 -40.28
C ASP J 174 32.47 27.53 -39.15
N TRP J 175 32.74 27.12 -37.91
CA TRP J 175 32.37 27.92 -36.75
C TRP J 175 33.39 29.02 -36.51
N VAL J 176 32.91 30.20 -36.14
CA VAL J 176 33.76 31.38 -35.92
C VAL J 176 33.82 31.75 -34.44
N ALA J 177 32.67 32.06 -33.84
CA ALA J 177 32.66 32.60 -32.49
C ALA J 177 31.40 32.16 -31.75
N VAL J 178 31.45 32.26 -30.43
CA VAL J 178 30.29 31.96 -29.60
C VAL J 178 30.32 32.86 -28.38
N ILE J 179 29.13 33.30 -27.95
CA ILE J 179 28.95 34.15 -26.78
C ILE J 179 27.90 33.53 -25.88
N SER J 180 28.11 33.66 -24.57
CA SER J 180 27.25 33.06 -23.56
C SER J 180 26.01 33.93 -23.35
N TYR J 181 25.25 33.63 -22.30
CA TYR J 181 24.02 34.39 -22.03
C TYR J 181 24.33 35.78 -21.50
N ASP J 182 25.30 35.89 -20.58
CA ASP J 182 25.67 37.18 -20.02
C ASP J 182 26.78 37.86 -20.79
N GLY J 183 27.41 37.17 -21.74
CA GLY J 183 28.53 37.73 -22.47
C GLY J 183 29.85 37.69 -21.76
N THR J 184 29.90 37.12 -20.55
CA THR J 184 31.15 37.08 -19.80
C THR J 184 32.14 36.11 -20.45
N ASN J 185 31.66 34.97 -20.94
CA ASN J 185 32.51 33.96 -21.57
C ASN J 185 32.30 34.02 -23.07
N LYS J 186 33.32 34.48 -23.79
CA LYS J 186 33.33 34.54 -25.24
C LYS J 186 34.43 33.63 -25.77
N TYR J 187 34.10 32.80 -26.76
CA TYR J 187 35.09 31.90 -27.34
C TYR J 187 35.18 32.12 -28.84
N TYR J 188 36.39 31.95 -29.37
CA TYR J 188 36.69 32.24 -30.76
C TYR J 188 37.39 31.04 -31.38
N ALA J 189 37.27 30.93 -32.71
CA ALA J 189 38.00 29.91 -33.43
C ALA J 189 39.49 30.25 -33.47
N ASP J 190 40.31 29.23 -33.72
CA ASP J 190 41.76 29.43 -33.71
C ASP J 190 42.21 30.31 -34.87
N SER J 191 41.48 30.31 -35.99
CA SER J 191 41.85 31.11 -37.14
C SER J 191 41.43 32.58 -37.00
N VAL J 192 40.54 32.90 -36.06
CA VAL J 192 40.06 34.26 -35.87
C VAL J 192 40.27 34.75 -34.44
N LYS J 193 41.13 34.09 -33.68
CA LYS J 193 41.37 34.50 -32.30
C LYS J 193 42.14 35.81 -32.27
N GLY J 194 41.63 36.77 -31.49
CA GLY J 194 42.24 38.08 -31.41
C GLY J 194 42.02 38.97 -32.62
N ARG J 195 41.10 38.59 -33.51
CA ARG J 195 40.86 39.34 -34.74
C ARG J 195 39.50 40.03 -34.75
N PHE J 196 38.44 39.28 -34.52
CA PHE J 196 37.09 39.83 -34.46
C PHE J 196 36.75 40.19 -33.02
N THR J 197 35.52 40.65 -32.81
CA THR J 197 34.96 40.63 -31.46
C THR J 197 33.45 40.45 -31.57
N ILE J 198 32.85 39.92 -30.52
CA ILE J 198 31.44 39.60 -30.49
C ILE J 198 30.82 40.20 -29.23
N SER J 199 29.59 40.71 -29.35
CA SER J 199 28.93 41.31 -28.22
C SER J 199 27.42 41.16 -28.40
N ARG J 200 26.70 41.27 -27.29
CA ARG J 200 25.25 41.18 -27.30
C ARG J 200 24.66 42.27 -26.42
N ASP J 201 23.50 42.78 -26.83
CA ASP J 201 22.75 43.77 -26.05
C ASP J 201 21.34 43.24 -25.88
N ASN J 202 21.03 42.75 -24.68
CA ASN J 202 19.71 42.20 -24.40
C ASN J 202 18.66 43.29 -24.24
N SER J 203 19.06 44.51 -23.88
CA SER J 203 18.11 45.61 -23.80
C SER J 203 17.61 46.00 -25.18
N LYS J 204 18.51 46.12 -26.15
CA LYS J 204 18.13 46.38 -27.53
C LYS J 204 17.79 45.11 -28.30
N ASN J 205 18.01 43.94 -27.69
CA ASN J 205 17.70 42.63 -28.27
C ASN J 205 18.44 42.45 -29.60
N THR J 206 19.76 42.40 -29.50
CA THR J 206 20.60 42.39 -30.69
C THR J 206 21.95 41.76 -30.39
N LEU J 207 22.63 41.34 -31.47
CA LEU J 207 23.93 40.68 -31.39
C LEU J 207 24.85 41.26 -32.45
N HIS J 208 25.94 41.88 -32.03
CA HIS J 208 26.90 42.49 -32.94
C HIS J 208 28.16 41.64 -33.06
N LEU J 209 28.71 41.62 -34.27
CA LEU J 209 30.03 41.05 -34.56
C LEU J 209 30.83 42.11 -35.29
N GLN J 210 31.93 42.54 -34.67
CA GLN J 210 32.84 43.50 -35.30
C GLN J 210 33.96 42.74 -35.99
N MET J 211 34.14 43.02 -37.27
CA MET J 211 35.06 42.31 -38.15
C MET J 211 36.24 43.23 -38.41
N ASN J 212 37.42 42.83 -37.94
CA ASN J 212 38.63 43.64 -38.04
C ASN J 212 39.72 42.84 -38.73
N SER J 213 40.45 43.52 -39.63
CA SER J 213 41.58 42.96 -40.38
C SER J 213 41.17 41.72 -41.18
N LEU J 214 40.27 41.94 -42.13
CA LEU J 214 39.76 40.87 -42.97
C LEU J 214 40.79 40.46 -44.01
N ARG J 215 40.76 39.17 -44.38
CA ARG J 215 41.60 38.67 -45.47
C ARG J 215 40.78 37.91 -46.52
N ALA J 216 41.48 37.25 -47.45
CA ALA J 216 40.87 36.77 -48.67
C ALA J 216 39.88 35.63 -48.43
N GLU J 217 40.21 34.68 -47.55
CA GLU J 217 39.39 33.50 -47.36
C GLU J 217 38.15 33.74 -46.51
N ASP J 218 37.79 34.98 -46.23
CA ASP J 218 36.60 35.30 -45.46
C ASP J 218 35.37 35.50 -46.33
N THR J 219 35.47 35.30 -47.64
CA THR J 219 34.30 35.39 -48.53
C THR J 219 33.40 34.20 -48.24
N ALA J 220 32.30 34.45 -47.54
CA ALA J 220 31.45 33.38 -47.06
C ALA J 220 30.07 33.94 -46.72
N VAL J 221 29.12 33.04 -46.55
CA VAL J 221 27.83 33.40 -45.96
C VAL J 221 27.93 33.23 -44.44
N TYR J 222 27.40 34.20 -43.72
CA TYR J 222 27.49 34.24 -42.27
C TYR J 222 26.12 33.98 -41.66
N TYR J 223 26.11 33.20 -40.59
CA TYR J 223 24.90 32.86 -39.86
C TYR J 223 25.09 33.20 -38.39
N CYS J 224 24.04 33.69 -37.75
CA CYS J 224 24.06 34.06 -36.34
C CYS J 224 23.14 33.12 -35.54
N ALA J 225 23.26 31.83 -35.82
CA ALA J 225 22.40 30.82 -35.21
C ALA J 225 22.60 30.77 -33.70
N LYS J 226 21.52 30.44 -33.00
CA LYS J 226 21.52 30.37 -31.54
C LYS J 226 22.16 29.05 -31.09
N GLY J 227 22.02 28.73 -29.80
CA GLY J 227 22.33 27.42 -29.29
C GLY J 227 21.22 26.95 -28.38
N ARG J 228 20.76 25.72 -28.54
CA ARG J 228 19.57 25.28 -27.80
C ARG J 228 19.90 24.83 -26.38
N GLY J 229 20.58 25.69 -25.63
CA GLY J 229 20.72 25.53 -24.21
C GLY J 229 20.06 26.69 -23.50
N PRO J 230 19.32 26.40 -22.41
CA PRO J 230 18.57 27.46 -21.72
C PRO J 230 19.45 28.59 -21.19
N TYR J 231 20.41 28.26 -20.33
CA TYR J 231 21.46 29.22 -19.97
C TYR J 231 22.75 28.47 -19.65
N CYS J 232 23.54 28.18 -20.69
CA CYS J 232 24.79 27.38 -20.53
C CYS J 232 24.49 26.19 -19.62
N SER J 233 23.55 25.33 -20.03
CA SER J 233 23.11 24.20 -19.16
C SER J 233 24.06 23.01 -19.25
N SER J 234 23.69 21.94 -19.98
CA SER J 234 24.49 20.69 -20.14
C SER J 234 25.83 20.76 -19.40
N SER J 235 26.81 21.48 -19.95
CA SER J 235 28.13 21.68 -19.29
C SER J 235 28.86 22.72 -20.13
N ILE J 236 28.36 22.97 -21.35
CA ILE J 236 29.03 23.88 -22.30
C ILE J 236 28.09 25.04 -22.65
N CYS J 237 28.65 26.21 -22.96
CA CYS J 237 27.80 27.32 -23.49
C CYS J 237 28.00 27.32 -25.00
N TYR J 238 29.09 26.70 -25.48
CA TYR J 238 29.34 26.56 -26.94
C TYR J 238 28.46 25.43 -27.45
N HIS J 239 27.16 25.69 -27.55
CA HIS J 239 26.19 24.66 -27.94
C HIS J 239 26.13 24.52 -29.45
N GLY J 240 25.13 23.77 -29.93
CA GLY J 240 24.87 23.62 -31.34
C GLY J 240 24.04 24.77 -31.88
N MET J 241 22.97 24.47 -32.61
CA MET J 241 22.16 25.52 -33.22
C MET J 241 20.75 25.00 -33.46
N ASP J 242 19.77 25.54 -32.73
CA ASP J 242 18.38 25.14 -32.93
C ASP J 242 17.82 25.72 -34.23
N VAL J 243 17.81 27.05 -34.34
CA VAL J 243 17.36 27.73 -35.54
C VAL J 243 18.55 28.48 -36.12
N TRP J 244 18.42 28.88 -37.39
CA TRP J 244 19.48 29.58 -38.10
C TRP J 244 18.90 30.81 -38.79
N GLY J 245 19.74 31.83 -38.93
CA GLY J 245 19.38 33.00 -39.70
C GLY J 245 19.53 32.75 -41.19
N GLN J 246 19.12 33.74 -41.97
CA GLN J 246 19.17 33.61 -43.42
C GLN J 246 20.58 33.78 -43.98
N GLY J 247 21.52 34.32 -43.19
CA GLY J 247 22.90 34.44 -43.64
C GLY J 247 23.15 35.66 -44.50
N THR J 248 24.28 36.32 -44.26
CA THR J 248 24.68 37.49 -45.03
C THR J 248 25.97 37.17 -45.78
N THR J 249 26.01 37.50 -47.07
CA THR J 249 27.16 37.20 -47.90
C THR J 249 28.20 38.30 -47.77
N VAL J 250 29.45 37.92 -47.50
CA VAL J 250 30.57 38.85 -47.47
C VAL J 250 31.64 38.37 -48.44
N THR J 251 32.20 39.31 -49.20
CA THR J 251 33.21 39.01 -50.20
C THR J 251 34.19 40.16 -50.25
N VAL J 252 35.48 39.84 -50.23
CA VAL J 252 36.55 40.84 -50.30
C VAL J 252 37.13 40.83 -51.71
N SER J 253 37.34 42.01 -52.27
CA SER J 253 37.84 42.17 -53.63
C SER J 253 39.34 42.37 -53.63
N SER J 254 40.05 41.59 -54.43
CA SER J 254 41.50 41.69 -54.53
C SER J 254 41.94 41.86 -55.98
N VAL K 130 -44.35 13.40 -9.01
CA VAL K 130 -44.66 13.56 -10.43
C VAL K 130 -46.03 12.94 -10.72
N GLN K 131 -46.73 13.49 -11.70
CA GLN K 131 -48.07 13.03 -12.04
C GLN K 131 -48.37 13.36 -13.50
N LEU K 132 -49.39 12.69 -14.04
CA LEU K 132 -49.85 12.90 -15.40
C LEU K 132 -51.35 13.17 -15.38
N VAL K 133 -51.76 14.22 -16.09
CA VAL K 133 -53.18 14.56 -16.22
C VAL K 133 -53.70 14.03 -17.54
N GLU K 134 -55.00 13.70 -17.56
CA GLU K 134 -55.62 13.08 -18.72
C GLU K 134 -56.90 13.80 -19.10
N SER K 135 -57.28 13.67 -20.36
CA SER K 135 -58.52 14.24 -20.86
C SER K 135 -58.96 13.45 -22.09
N GLY K 136 -60.24 13.59 -22.43
CA GLY K 136 -60.81 12.95 -23.60
C GLY K 136 -61.76 11.82 -23.30
N GLY K 137 -61.91 11.41 -22.05
CA GLY K 137 -62.82 10.34 -21.72
C GLY K 137 -64.27 10.76 -21.85
N GLY K 138 -65.12 9.80 -22.19
CA GLY K 138 -66.53 10.06 -22.37
C GLY K 138 -67.22 8.91 -23.08
N VAL K 139 -68.50 9.11 -23.36
CA VAL K 139 -69.33 8.12 -24.02
C VAL K 139 -69.30 8.36 -25.52
N VAL K 140 -68.94 7.34 -26.28
CA VAL K 140 -68.83 7.43 -27.73
C VAL K 140 -69.46 6.17 -28.34
N GLN K 141 -70.14 6.35 -29.47
CA GLN K 141 -70.74 5.22 -30.16
C GLN K 141 -69.65 4.29 -30.70
N PRO K 142 -69.93 2.98 -30.76
CA PRO K 142 -68.93 2.05 -31.31
C PRO K 142 -68.67 2.33 -32.79
N GLY K 143 -67.41 2.13 -33.19
CA GLY K 143 -66.99 2.38 -34.55
C GLY K 143 -66.70 3.83 -34.88
N ARG K 144 -66.82 4.74 -33.92
CA ARG K 144 -66.58 6.16 -34.17
C ARG K 144 -65.13 6.51 -33.89
N SER K 145 -64.81 7.80 -33.98
CA SER K 145 -63.48 8.31 -33.75
C SER K 145 -63.45 9.17 -32.49
N LEU K 146 -62.42 8.96 -31.67
CA LEU K 146 -62.26 9.71 -30.44
C LEU K 146 -60.79 10.08 -30.28
N ARG K 147 -60.54 11.16 -29.55
CA ARG K 147 -59.19 11.64 -29.27
C ARG K 147 -58.94 11.53 -27.77
N LEU K 148 -57.83 10.88 -27.41
CA LEU K 148 -57.46 10.68 -26.01
C LEU K 148 -56.06 11.24 -25.81
N SER K 149 -55.95 12.25 -24.95
CA SER K 149 -54.69 12.95 -24.72
C SER K 149 -54.29 12.84 -23.26
N CYS K 150 -52.99 12.67 -23.03
CA CYS K 150 -52.43 12.61 -21.67
C CYS K 150 -51.28 13.59 -21.58
N ALA K 151 -51.49 14.68 -20.85
CA ALA K 151 -50.46 15.68 -20.63
C ALA K 151 -49.69 15.36 -19.36
N ALA K 152 -48.39 15.68 -19.37
CA ALA K 152 -47.51 15.34 -18.27
C ALA K 152 -46.79 16.60 -17.78
N SER K 153 -46.35 16.55 -16.52
CA SER K 153 -45.63 17.66 -15.92
C SER K 153 -44.78 17.15 -14.78
N GLY K 154 -43.80 17.97 -14.39
CA GLY K 154 -42.93 17.66 -13.27
C GLY K 154 -41.71 16.83 -13.59
N PHE K 155 -41.48 16.49 -14.86
CA PHE K 155 -40.36 15.64 -15.24
C PHE K 155 -40.06 15.85 -16.72
N SER K 156 -38.97 15.23 -17.17
CA SER K 156 -38.54 15.32 -18.56
C SER K 156 -39.38 14.35 -19.39
N PHE K 157 -40.35 14.89 -20.13
CA PHE K 157 -41.26 14.06 -20.91
C PHE K 157 -40.54 13.34 -22.04
N SER K 158 -39.60 14.01 -22.70
CA SER K 158 -38.91 13.46 -23.86
C SER K 158 -37.98 12.30 -23.50
N ASN K 159 -37.68 12.10 -22.22
CA ASN K 159 -36.76 11.05 -21.81
C ASN K 159 -37.46 9.72 -21.58
N TYR K 160 -38.39 9.66 -20.64
CA TYR K 160 -38.97 8.39 -20.22
C TYR K 160 -39.89 7.83 -21.30
N GLY K 161 -39.98 6.51 -21.36
CA GLY K 161 -40.93 5.87 -22.25
C GLY K 161 -42.33 5.90 -21.68
N LEU K 162 -43.32 5.92 -22.58
CA LEU K 162 -44.71 6.08 -22.20
C LEU K 162 -45.51 4.84 -22.58
N HIS K 163 -46.48 4.50 -21.74
CA HIS K 163 -47.33 3.33 -21.94
C HIS K 163 -48.79 3.75 -21.84
N TRP K 164 -49.62 3.10 -22.65
CA TRP K 164 -51.08 3.20 -22.55
C TRP K 164 -51.62 1.85 -22.11
N VAL K 165 -52.45 1.84 -21.07
CA VAL K 165 -53.04 0.62 -20.53
C VAL K 165 -54.51 0.89 -20.20
N ARG K 166 -55.26 -0.19 -20.02
CA ARG K 166 -56.68 -0.11 -19.70
C ARG K 166 -56.99 -1.01 -18.51
N GLN K 167 -58.07 -0.66 -17.82
CA GLN K 167 -58.58 -1.46 -16.70
C GLN K 167 -60.08 -1.61 -16.87
N ALA K 168 -60.52 -2.82 -17.19
CA ALA K 168 -61.95 -3.09 -17.30
C ALA K 168 -62.59 -3.07 -15.91
N PRO K 169 -63.85 -2.64 -15.80
CA PRO K 169 -64.50 -2.58 -14.49
C PRO K 169 -64.76 -3.96 -13.90
N GLY K 170 -64.03 -4.29 -12.83
CA GLY K 170 -64.14 -5.58 -12.18
C GLY K 170 -63.23 -6.65 -12.74
N LYS K 171 -62.56 -6.40 -13.86
CA LYS K 171 -61.64 -7.35 -14.46
C LYS K 171 -60.20 -6.91 -14.20
N GLY K 172 -59.24 -7.61 -14.81
CA GLY K 172 -57.84 -7.31 -14.61
C GLY K 172 -57.31 -6.23 -15.53
N LEU K 173 -56.08 -5.82 -15.26
CA LEU K 173 -55.41 -4.82 -16.09
C LEU K 173 -55.05 -5.41 -17.45
N ASP K 174 -55.10 -4.56 -18.48
CA ASP K 174 -54.77 -4.97 -19.83
C ASP K 174 -53.97 -3.87 -20.50
N TRP K 175 -52.81 -4.23 -21.06
CA TRP K 175 -51.95 -3.28 -21.75
C TRP K 175 -52.51 -2.94 -23.14
N VAL K 176 -52.25 -1.70 -23.58
CA VAL K 176 -52.73 -1.26 -24.89
C VAL K 176 -51.57 -0.98 -25.84
N ALA K 177 -50.70 -0.04 -25.49
CA ALA K 177 -49.68 0.39 -26.45
C ALA K 177 -48.44 0.92 -25.72
N VAL K 178 -47.33 0.94 -26.45
CA VAL K 178 -46.05 1.47 -25.98
C VAL K 178 -45.46 2.37 -27.05
N ILE K 179 -45.00 3.55 -26.64
CA ILE K 179 -44.22 4.44 -27.49
C ILE K 179 -42.86 4.66 -26.81
N SER K 180 -41.83 4.85 -27.62
CA SER K 180 -40.47 5.02 -27.12
C SER K 180 -40.23 6.49 -26.80
N TYR K 181 -38.97 6.85 -26.50
CA TYR K 181 -38.65 8.24 -26.19
C TYR K 181 -38.72 9.11 -27.44
N ASP K 182 -38.28 8.59 -28.58
CA ASP K 182 -38.33 9.33 -29.84
C ASP K 182 -39.55 8.99 -30.67
N GLY K 183 -40.33 7.98 -30.29
CA GLY K 183 -41.50 7.59 -31.04
C GLY K 183 -41.23 6.71 -32.24
N THR K 184 -39.97 6.34 -32.49
CA THR K 184 -39.65 5.52 -33.65
C THR K 184 -40.16 4.09 -33.49
N ASN K 185 -40.09 3.54 -32.28
CA ASN K 185 -40.53 2.18 -32.02
C ASN K 185 -41.89 2.22 -31.33
N LYS K 186 -42.87 1.55 -31.93
CA LYS K 186 -44.23 1.49 -31.39
C LYS K 186 -44.65 0.03 -31.29
N TYR K 187 -45.16 -0.36 -30.14
CA TYR K 187 -45.61 -1.73 -29.88
C TYR K 187 -47.05 -1.71 -29.40
N TYR K 188 -47.84 -2.66 -29.90
CA TYR K 188 -49.28 -2.68 -29.67
C TYR K 188 -49.69 -4.06 -29.18
N ALA K 189 -50.81 -4.10 -28.48
CA ALA K 189 -51.38 -5.38 -28.07
C ALA K 189 -51.95 -6.11 -29.29
N ASP K 190 -52.05 -7.43 -29.17
CA ASP K 190 -52.53 -8.24 -30.29
C ASP K 190 -54.00 -7.99 -30.59
N SER K 191 -54.78 -7.59 -29.57
CA SER K 191 -56.20 -7.32 -29.77
C SER K 191 -56.47 -5.95 -30.38
N VAL K 192 -55.49 -5.06 -30.40
CA VAL K 192 -55.68 -3.73 -30.95
C VAL K 192 -54.61 -3.42 -32.00
N LYS K 193 -53.94 -4.46 -32.47
CA LYS K 193 -52.91 -4.28 -33.50
C LYS K 193 -53.56 -3.88 -34.82
N GLY K 194 -53.04 -2.82 -35.43
CA GLY K 194 -53.58 -2.31 -36.67
C GLY K 194 -54.85 -1.50 -36.52
N ARG K 195 -55.26 -1.20 -35.29
CA ARG K 195 -56.49 -0.45 -35.04
C ARG K 195 -56.22 0.91 -34.43
N PHE K 196 -55.51 0.97 -33.31
CA PHE K 196 -55.15 2.23 -32.70
C PHE K 196 -53.78 2.68 -33.17
N THR K 197 -53.44 3.93 -32.84
CA THR K 197 -52.09 4.42 -33.01
C THR K 197 -51.77 5.34 -31.84
N ILE K 198 -50.49 5.40 -31.48
CA ILE K 198 -50.03 6.16 -30.33
C ILE K 198 -49.02 7.19 -30.80
N SER K 199 -49.17 8.42 -30.32
CA SER K 199 -48.30 9.50 -30.75
C SER K 199 -47.96 10.39 -29.55
N ARG K 200 -46.76 10.95 -29.59
CA ARG K 200 -46.30 11.87 -28.56
C ARG K 200 -45.66 13.08 -29.23
N ASP K 201 -45.71 14.22 -28.55
CA ASP K 201 -45.06 15.44 -29.02
C ASP K 201 -44.31 16.04 -27.85
N ASN K 202 -42.98 15.89 -27.84
CA ASN K 202 -42.16 16.35 -26.74
C ASN K 202 -42.16 17.87 -26.61
N SER K 203 -42.43 18.60 -27.70
CA SER K 203 -42.46 20.05 -27.62
C SER K 203 -43.67 20.54 -26.84
N LYS K 204 -44.84 19.96 -27.09
CA LYS K 204 -46.06 20.37 -26.41
C LYS K 204 -46.29 19.63 -25.09
N ASN K 205 -45.43 18.66 -24.76
CA ASN K 205 -45.52 17.89 -23.51
C ASN K 205 -46.88 17.18 -23.41
N THR K 206 -47.16 16.35 -24.40
CA THR K 206 -48.45 15.68 -24.49
C THR K 206 -48.30 14.33 -25.16
N LEU K 207 -49.24 13.44 -24.88
CA LEU K 207 -49.24 12.07 -25.41
C LEU K 207 -50.64 11.77 -25.93
N HIS K 208 -50.74 11.37 -27.19
CA HIS K 208 -52.02 11.12 -27.84
C HIS K 208 -52.21 9.64 -28.13
N LEU K 209 -53.47 9.21 -28.06
CA LEU K 209 -53.89 7.87 -28.43
C LEU K 209 -55.15 7.98 -29.27
N GLN K 210 -55.03 7.76 -30.57
CA GLN K 210 -56.13 7.92 -31.50
C GLN K 210 -57.02 6.68 -31.49
N MET K 211 -58.34 6.90 -31.50
CA MET K 211 -59.34 5.85 -31.45
C MET K 211 -59.99 5.69 -32.82
N ASN K 212 -59.98 4.47 -33.34
CA ASN K 212 -60.63 4.14 -34.60
C ASN K 212 -61.30 2.77 -34.50
N SER K 213 -62.58 2.73 -34.90
CA SER K 213 -63.38 1.51 -35.02
C SER K 213 -63.46 0.75 -33.68
N LEU K 214 -64.13 1.40 -32.74
CA LEU K 214 -64.28 0.83 -31.40
C LEU K 214 -65.33 -0.27 -31.39
N ARG K 215 -65.21 -1.18 -30.42
CA ARG K 215 -66.24 -2.18 -30.17
C ARG K 215 -66.62 -2.24 -28.69
N ALA K 216 -67.42 -3.25 -28.32
CA ALA K 216 -68.13 -3.24 -27.04
C ALA K 216 -67.19 -3.42 -25.85
N GLU K 217 -66.22 -4.33 -25.94
CA GLU K 217 -65.39 -4.64 -24.78
C GLU K 217 -64.26 -3.63 -24.56
N ASP K 218 -64.32 -2.46 -25.18
CA ASP K 218 -63.39 -1.38 -24.90
C ASP K 218 -63.86 -0.48 -23.77
N THR K 219 -64.96 -0.83 -23.10
CA THR K 219 -65.44 -0.06 -21.96
C THR K 219 -64.50 -0.28 -20.79
N ALA K 220 -63.52 0.62 -20.65
CA ALA K 220 -62.53 0.52 -19.59
C ALA K 220 -61.94 1.89 -19.35
N VAL K 221 -61.32 2.05 -18.18
CA VAL K 221 -60.63 3.28 -17.83
C VAL K 221 -59.20 3.20 -18.35
N TYR K 222 -58.74 4.27 -18.97
CA TYR K 222 -57.45 4.31 -19.65
C TYR K 222 -56.42 5.04 -18.80
N TYR K 223 -55.25 4.44 -18.65
CA TYR K 223 -54.16 5.04 -17.91
C TYR K 223 -52.96 5.24 -18.82
N CYS K 224 -52.24 6.35 -18.61
CA CYS K 224 -51.10 6.71 -19.46
C CYS K 224 -49.82 6.67 -18.66
N ALA K 225 -49.64 5.60 -17.88
CA ALA K 225 -48.48 5.47 -17.00
C ALA K 225 -47.18 5.44 -17.79
N LYS K 226 -46.20 6.21 -17.35
CA LYS K 226 -44.88 6.22 -17.96
C LYS K 226 -44.13 4.93 -17.61
N GLY K 227 -43.13 4.62 -18.43
CA GLY K 227 -42.27 3.48 -18.17
C GLY K 227 -41.09 3.85 -17.28
N ARG K 228 -40.70 2.92 -16.42
CA ARG K 228 -39.57 3.14 -15.51
C ARG K 228 -38.29 2.81 -16.27
N GLY K 229 -37.85 3.80 -17.07
CA GLY K 229 -36.63 3.70 -17.84
C GLY K 229 -36.21 5.07 -18.32
N PRO K 230 -34.93 5.41 -18.14
CA PRO K 230 -34.48 6.79 -18.35
C PRO K 230 -34.67 7.33 -19.76
N TYR K 231 -34.06 6.70 -20.75
CA TYR K 231 -34.28 7.05 -22.16
C TYR K 231 -34.39 5.79 -23.00
N CYS K 232 -35.24 4.85 -22.57
CA CYS K 232 -35.36 3.52 -23.16
C CYS K 232 -34.03 2.76 -23.06
N SER K 233 -33.66 2.47 -21.81
CA SER K 233 -32.48 1.71 -21.48
C SER K 233 -32.80 0.22 -21.52
N SER K 234 -31.87 -0.61 -21.03
CA SER K 234 -31.95 -2.07 -21.01
C SER K 234 -32.13 -2.68 -22.40
N SER K 235 -32.36 -3.98 -22.46
CA SER K 235 -32.60 -4.65 -23.74
C SER K 235 -34.04 -4.53 -24.20
N ILE K 236 -34.91 -3.98 -23.37
CA ILE K 236 -36.30 -3.76 -23.71
C ILE K 236 -36.49 -2.27 -23.95
N CYS K 237 -37.69 -1.89 -24.38
CA CYS K 237 -37.98 -0.47 -24.42
C CYS K 237 -39.32 -0.29 -23.71
N TYR K 238 -40.08 -1.38 -23.68
CA TYR K 238 -41.36 -1.51 -22.99
C TYR K 238 -41.12 -1.88 -21.53
N HIS K 239 -40.87 -0.84 -20.73
CA HIS K 239 -40.53 -1.00 -19.32
C HIS K 239 -41.78 -1.23 -18.47
N GLY K 240 -41.63 -1.10 -17.15
CA GLY K 240 -42.78 -1.22 -16.27
C GLY K 240 -43.63 0.03 -16.21
N MET K 241 -44.04 0.44 -15.02
CA MET K 241 -44.89 1.63 -14.87
C MET K 241 -44.66 2.20 -13.47
N ASP K 242 -43.87 3.27 -13.39
CA ASP K 242 -43.53 3.85 -12.09
C ASP K 242 -44.71 4.59 -11.49
N VAL K 243 -45.19 5.63 -12.16
CA VAL K 243 -46.35 6.38 -11.69
C VAL K 243 -47.42 6.32 -12.77
N TRP K 244 -48.67 6.50 -12.35
CA TRP K 244 -49.82 6.30 -13.22
C TRP K 244 -50.70 7.54 -13.22
N GLY K 245 -51.42 7.73 -14.32
CA GLY K 245 -52.40 8.79 -14.39
C GLY K 245 -53.65 8.46 -13.60
N GLN K 246 -54.50 9.48 -13.42
CA GLN K 246 -55.73 9.28 -12.66
C GLN K 246 -56.73 8.42 -13.42
N GLY K 247 -56.70 8.46 -14.74
CA GLY K 247 -57.55 7.59 -15.54
C GLY K 247 -58.84 8.22 -16.01
N THR K 248 -59.17 8.00 -17.29
CA THR K 248 -60.43 8.45 -17.86
C THR K 248 -61.20 7.25 -18.35
N THR K 249 -62.49 7.18 -17.99
CA THR K 249 -63.33 6.05 -18.32
C THR K 249 -64.13 6.33 -19.57
N VAL K 250 -64.08 5.42 -20.53
CA VAL K 250 -64.85 5.49 -21.77
C VAL K 250 -65.79 4.31 -21.82
N THR K 251 -67.03 4.55 -22.27
CA THR K 251 -68.05 3.52 -22.33
C THR K 251 -68.86 3.69 -23.60
N VAL K 252 -69.02 2.62 -24.36
CA VAL K 252 -69.81 2.64 -25.58
C VAL K 252 -71.27 2.36 -25.22
N SER K 253 -72.18 2.83 -26.08
CA SER K 253 -73.61 2.67 -25.87
C SER K 253 -74.19 1.79 -26.96
N SER K 254 -74.91 0.75 -26.55
CA SER K 254 -75.53 -0.17 -27.49
C SER K 254 -76.97 -0.48 -27.09
N VAL L 130 0.69 37.45 28.47
CA VAL L 130 -0.34 38.43 28.14
C VAL L 130 -0.44 39.44 29.29
N GLN L 131 -0.90 40.65 28.97
CA GLN L 131 -0.96 41.72 29.95
C GLN L 131 -2.10 41.49 30.95
N LEU L 132 -1.89 41.96 32.17
CA LEU L 132 -2.87 41.79 33.25
C LEU L 132 -2.64 42.89 34.28
N VAL L 133 -3.64 43.74 34.48
CA VAL L 133 -3.51 44.87 35.40
C VAL L 133 -4.33 44.60 36.65
N GLU L 134 -3.94 45.25 37.75
CA GLU L 134 -4.61 45.08 39.03
C GLU L 134 -4.85 46.44 39.67
N SER L 135 -5.83 46.49 40.56
CA SER L 135 -6.14 47.69 41.32
C SER L 135 -6.85 47.29 42.60
N GLY L 136 -6.84 48.21 43.57
CA GLY L 136 -7.52 48.02 44.84
C GLY L 136 -6.62 47.90 46.04
N GLY L 137 -5.30 47.94 45.85
CA GLY L 137 -4.41 47.85 46.99
C GLY L 137 -4.41 49.13 47.82
N GLY L 138 -4.10 48.97 49.10
CA GLY L 138 -4.07 50.11 49.99
C GLY L 138 -4.01 49.66 51.44
N VAL L 139 -4.04 50.65 52.33
CA VAL L 139 -3.98 50.41 53.78
C VAL L 139 -5.41 50.49 54.32
N VAL L 140 -5.84 49.42 54.99
CA VAL L 140 -7.18 49.32 55.54
C VAL L 140 -7.07 48.83 56.98
N GLN L 141 -7.99 49.30 57.83
CA GLN L 141 -8.01 48.86 59.21
C GLN L 141 -8.42 47.39 59.29
N PRO L 142 -7.90 46.64 60.27
CA PRO L 142 -8.31 45.24 60.44
C PRO L 142 -9.79 45.15 60.77
N GLY L 143 -10.44 44.09 60.27
CA GLY L 143 -11.85 43.89 60.47
C GLY L 143 -12.75 44.61 59.50
N ARG L 144 -12.20 45.37 58.56
CA ARG L 144 -12.97 46.15 57.62
C ARG L 144 -13.12 45.39 56.30
N SER L 145 -13.68 46.04 55.30
CA SER L 145 -13.89 45.46 53.97
C SER L 145 -13.25 46.33 52.91
N LEU L 146 -12.59 45.69 51.95
CA LEU L 146 -12.00 46.39 50.81
C LEU L 146 -12.13 45.52 49.56
N ARG L 147 -12.29 46.18 48.43
CA ARG L 147 -12.53 45.53 47.14
C ARG L 147 -11.24 45.45 46.34
N LEU L 148 -10.95 44.28 45.80
CA LEU L 148 -9.85 44.07 44.87
C LEU L 148 -10.41 43.78 43.48
N SER L 149 -9.91 44.51 42.48
CA SER L 149 -10.35 44.35 41.10
C SER L 149 -9.17 43.95 40.23
N CYS L 150 -9.44 43.11 39.23
CA CYS L 150 -8.42 42.64 38.30
C CYS L 150 -9.02 42.63 36.90
N ALA L 151 -8.45 43.43 36.01
CA ALA L 151 -8.93 43.58 34.65
C ALA L 151 -7.93 42.99 33.67
N ALA L 152 -8.43 42.31 32.65
CA ALA L 152 -7.60 41.63 31.67
C ALA L 152 -7.59 42.39 30.35
N SER L 153 -6.56 42.11 29.55
CA SER L 153 -6.43 42.75 28.23
C SER L 153 -5.54 41.87 27.36
N GLY L 154 -6.13 41.21 26.37
CA GLY L 154 -5.34 40.49 25.40
C GLY L 154 -5.69 39.03 25.19
N PHE L 155 -6.71 38.53 25.87
CA PHE L 155 -7.11 37.14 25.71
C PHE L 155 -8.60 37.01 26.01
N SER L 156 -9.11 35.80 25.79
CA SER L 156 -10.51 35.48 26.09
C SER L 156 -10.70 35.35 27.59
N PHE L 157 -11.13 36.44 28.24
CA PHE L 157 -11.26 36.46 29.69
C PHE L 157 -12.38 35.54 30.17
N SER L 158 -13.49 35.49 29.43
CA SER L 158 -14.62 34.63 29.78
C SER L 158 -14.30 33.15 29.64
N ASN L 159 -13.19 32.80 29.00
CA ASN L 159 -12.83 31.42 28.73
C ASN L 159 -11.97 30.81 29.83
N TYR L 160 -10.83 31.43 30.13
CA TYR L 160 -9.84 30.85 31.01
C TYR L 160 -10.25 30.94 32.48
N GLY L 161 -9.82 29.94 33.26
CA GLY L 161 -10.01 30.00 34.69
C GLY L 161 -9.00 30.93 35.36
N LEU L 162 -9.36 31.42 36.54
CA LEU L 162 -8.57 32.42 37.23
C LEU L 162 -8.26 32.00 38.66
N HIS L 163 -7.18 32.57 39.19
CA HIS L 163 -6.73 32.29 40.55
C HIS L 163 -6.37 33.60 41.25
N TRP L 164 -6.35 33.55 42.57
CA TRP L 164 -5.80 34.62 43.40
C TRP L 164 -4.68 34.04 44.26
N VAL L 165 -3.52 34.70 44.25
CA VAL L 165 -2.35 34.26 44.99
C VAL L 165 -1.78 35.43 45.75
N ARG L 166 -1.50 35.23 47.04
CA ARG L 166 -0.87 36.24 47.89
C ARG L 166 0.51 35.78 48.33
N GLN L 167 1.33 36.75 48.73
CA GLN L 167 2.63 36.45 49.34
C GLN L 167 2.94 37.49 50.41
N ALA L 168 3.35 37.03 51.57
CA ALA L 168 3.81 37.93 52.61
C ALA L 168 5.18 38.48 52.25
N PRO L 169 5.50 39.71 52.68
CA PRO L 169 6.83 40.28 52.38
C PRO L 169 7.92 39.49 53.08
N GLY L 170 8.81 38.90 52.28
CA GLY L 170 9.87 38.05 52.78
C GLY L 170 9.50 36.59 52.91
N LYS L 171 8.24 36.22 52.69
CA LYS L 171 7.78 34.85 52.79
C LYS L 171 7.26 34.39 51.43
N GLY L 172 6.93 33.09 51.35
CA GLY L 172 6.61 32.46 50.09
C GLY L 172 5.19 32.74 49.60
N LEU L 173 4.89 32.16 48.45
CA LEU L 173 3.57 32.29 47.84
C LEU L 173 2.52 31.58 48.67
N ASP L 174 1.30 32.11 48.62
CA ASP L 174 0.17 31.52 49.33
C ASP L 174 -1.08 31.63 48.46
N TRP L 175 -1.72 30.49 48.20
CA TRP L 175 -2.95 30.46 47.43
C TRP L 175 -4.09 31.14 48.20
N VAL L 176 -4.99 31.78 47.46
CA VAL L 176 -6.14 32.47 48.04
C VAL L 176 -7.45 31.81 47.60
N ALA L 177 -7.76 31.81 46.31
CA ALA L 177 -9.03 31.30 45.83
C ALA L 177 -8.94 30.90 44.37
N VAL L 178 -9.89 30.07 43.96
CA VAL L 178 -10.05 29.64 42.56
C VAL L 178 -11.50 29.90 42.16
N ILE L 179 -11.69 30.50 40.99
CA ILE L 179 -13.01 30.58 40.36
C ILE L 179 -12.90 29.96 38.97
N SER L 180 -13.93 29.23 38.57
CA SER L 180 -13.89 28.41 37.37
C SER L 180 -14.13 29.27 36.13
N TYR L 181 -14.31 28.62 34.98
CA TYR L 181 -14.52 29.34 33.73
C TYR L 181 -15.88 30.03 33.70
N ASP L 182 -16.90 29.39 34.26
CA ASP L 182 -18.23 29.99 34.33
C ASP L 182 -18.57 30.56 35.70
N GLY L 183 -17.70 30.37 36.70
CA GLY L 183 -17.93 30.89 38.02
C GLY L 183 -18.84 30.07 38.91
N THR L 184 -19.35 28.94 38.42
CA THR L 184 -20.23 28.12 39.24
C THR L 184 -19.48 27.42 40.36
N ASN L 185 -18.25 26.99 40.10
CA ASN L 185 -17.43 26.27 41.07
C ASN L 185 -16.37 27.23 41.62
N LYS L 186 -16.41 27.48 42.93
CA LYS L 186 -15.45 28.34 43.60
C LYS L 186 -14.78 27.55 44.72
N TYR L 187 -13.46 27.65 44.81
CA TYR L 187 -12.68 26.97 45.82
C TYR L 187 -11.87 27.98 46.61
N TYR L 188 -11.81 27.77 47.93
CA TYR L 188 -11.15 28.70 48.84
C TYR L 188 -10.12 27.96 49.67
N ALA L 189 -9.14 28.72 50.17
CA ALA L 189 -8.17 28.16 51.11
C ALA L 189 -8.79 28.03 52.49
N ASP L 190 -8.16 27.21 53.32
CA ASP L 190 -8.70 26.96 54.66
C ASP L 190 -8.58 28.20 55.55
N SER L 191 -7.57 29.04 55.33
CA SER L 191 -7.42 30.24 56.13
C SER L 191 -8.42 31.33 55.74
N VAL L 192 -9.05 31.24 54.57
CA VAL L 192 -9.99 32.23 54.09
C VAL L 192 -11.35 31.63 53.77
N LYS L 193 -11.59 30.38 54.16
CA LYS L 193 -12.88 29.74 53.90
C LYS L 193 -13.96 30.36 54.77
N GLY L 194 -15.08 30.73 54.14
CA GLY L 194 -16.15 31.42 54.83
C GLY L 194 -15.90 32.88 55.07
N ARG L 195 -14.79 33.44 54.55
CA ARG L 195 -14.42 34.82 54.75
C ARG L 195 -14.37 35.62 53.45
N PHE L 196 -13.78 35.05 52.41
CA PHE L 196 -13.57 35.76 51.16
C PHE L 196 -14.71 35.51 50.19
N THR L 197 -14.81 36.37 49.18
CA THR L 197 -15.81 36.24 48.13
C THR L 197 -15.16 36.59 46.80
N ILE L 198 -15.08 35.61 45.89
CA ILE L 198 -14.47 35.79 44.58
C ILE L 198 -15.57 35.76 43.52
N SER L 199 -15.49 36.66 42.55
CA SER L 199 -16.54 36.79 41.56
C SER L 199 -15.94 37.23 40.23
N ARG L 200 -16.69 36.99 39.16
CA ARG L 200 -16.31 37.36 37.81
C ARG L 200 -17.44 38.11 37.14
N ASP L 201 -17.07 38.93 36.16
CA ASP L 201 -18.04 39.61 35.30
C ASP L 201 -17.46 39.61 33.89
N ASN L 202 -17.88 38.63 33.08
CA ASN L 202 -17.39 38.52 31.71
C ASN L 202 -17.90 39.64 30.82
N SER L 203 -19.02 40.28 31.19
CA SER L 203 -19.50 41.42 30.41
C SER L 203 -18.59 42.63 30.59
N LYS L 204 -18.23 42.94 31.84
CA LYS L 204 -17.36 44.08 32.11
C LYS L 204 -15.88 43.74 31.98
N ASN L 205 -15.53 42.46 31.79
CA ASN L 205 -14.16 41.98 31.61
C ASN L 205 -13.31 42.36 32.83
N THR L 206 -13.67 41.77 33.96
CA THR L 206 -13.03 42.09 35.23
C THR L 206 -13.18 40.93 36.20
N LEU L 207 -12.26 40.88 37.17
CA LEU L 207 -12.26 39.85 38.20
C LEU L 207 -12.22 40.54 39.56
N HIS L 208 -13.14 40.16 40.44
CA HIS L 208 -13.29 40.79 41.74
C HIS L 208 -13.03 39.79 42.86
N LEU L 209 -12.45 40.29 43.95
CA LEU L 209 -12.25 39.53 45.17
C LEU L 209 -12.69 40.38 46.35
N GLN L 210 -13.71 39.93 47.06
CA GLN L 210 -14.20 40.65 48.23
C GLN L 210 -13.58 40.08 49.50
N MET L 211 -12.93 40.94 50.28
CA MET L 211 -12.25 40.55 51.50
C MET L 211 -12.90 41.28 52.67
N ASN L 212 -13.49 40.52 53.59
CA ASN L 212 -14.21 41.06 54.74
C ASN L 212 -13.58 40.56 56.02
N SER L 213 -13.58 41.42 57.05
CA SER L 213 -13.09 41.11 58.40
C SER L 213 -11.64 40.64 58.37
N LEU L 214 -10.77 41.53 57.91
CA LEU L 214 -9.36 41.22 57.76
C LEU L 214 -8.67 41.13 59.12
N ARG L 215 -7.58 40.36 59.16
CA ARG L 215 -6.76 40.24 60.35
C ARG L 215 -5.31 40.60 60.04
N ALA L 216 -4.43 40.38 61.03
CA ALA L 216 -3.09 40.96 61.01
C ALA L 216 -2.20 40.32 59.95
N GLU L 217 -2.18 38.99 59.86
CA GLU L 217 -1.19 38.33 59.01
C GLU L 217 -1.57 38.34 57.52
N ASP L 218 -2.64 39.03 57.14
CA ASP L 218 -3.02 39.13 55.73
C ASP L 218 -2.31 40.27 55.00
N THR L 219 -1.27 40.85 55.59
CA THR L 219 -0.47 41.86 54.91
C THR L 219 0.33 41.16 53.81
N ALA L 220 -0.15 41.26 52.57
CA ALA L 220 0.43 40.48 51.50
C ALA L 220 0.25 41.19 50.16
N VAL L 221 1.06 40.80 49.20
CA VAL L 221 0.95 41.28 47.83
C VAL L 221 0.06 40.33 47.06
N TYR L 222 -1.11 40.81 46.64
CA TYR L 222 -2.13 39.98 46.03
C TYR L 222 -1.93 39.92 44.52
N TYR L 223 -2.03 38.72 43.95
CA TYR L 223 -1.88 38.50 42.52
C TYR L 223 -3.14 37.84 41.98
N CYS L 224 -3.55 38.22 40.77
CA CYS L 224 -4.75 37.68 40.16
C CYS L 224 -4.39 36.84 38.94
N ALA L 225 -3.36 36.00 39.08
CA ALA L 225 -2.86 35.20 37.97
C ALA L 225 -3.90 34.20 37.49
N LYS L 226 -3.89 33.92 36.19
CA LYS L 226 -4.84 33.01 35.58
C LYS L 226 -4.44 31.56 35.87
N GLY L 227 -5.13 30.62 35.23
CA GLY L 227 -4.69 29.24 35.14
C GLY L 227 -4.61 28.86 33.68
N ARG L 228 -3.57 28.13 33.31
CA ARG L 228 -3.30 27.86 31.90
C ARG L 228 -4.04 26.63 31.39
N GLY L 229 -5.35 26.62 31.61
CA GLY L 229 -6.24 25.65 31.01
C GLY L 229 -7.37 26.38 30.30
N PRO L 230 -7.83 25.84 29.17
CA PRO L 230 -8.84 26.54 28.36
C PRO L 230 -10.14 26.81 29.07
N TYR L 231 -10.87 25.76 29.48
CA TYR L 231 -12.05 25.94 30.32
C TYR L 231 -12.24 24.70 31.21
N CYS L 232 -11.60 24.74 32.38
CA CYS L 232 -11.54 23.59 33.30
C CYS L 232 -11.21 22.31 32.53
N SER L 233 -10.00 22.29 31.96
CA SER L 233 -9.61 21.30 30.97
C SER L 233 -9.68 19.88 31.53
N SER L 234 -8.83 19.56 32.49
CA SER L 234 -8.82 18.24 33.08
C SER L 234 -9.97 18.12 34.07
N SER L 235 -9.95 17.08 34.91
CA SER L 235 -10.92 16.99 36.00
C SER L 235 -10.77 18.14 36.98
N ILE L 236 -9.65 18.84 36.95
CA ILE L 236 -9.39 20.02 37.76
C ILE L 236 -9.92 21.25 37.03
N CYS L 237 -10.52 22.17 37.79
CA CYS L 237 -10.85 23.50 37.31
C CYS L 237 -9.86 24.54 37.81
N TYR L 238 -8.70 24.09 38.31
CA TYR L 238 -7.76 24.91 39.07
C TYR L 238 -6.33 24.60 38.61
N HIS L 239 -5.89 25.36 37.62
CA HIS L 239 -4.64 25.08 36.94
C HIS L 239 -3.51 25.86 37.61
N GLY L 240 -2.36 25.97 36.96
CA GLY L 240 -1.25 26.73 37.50
C GLY L 240 -1.41 28.21 37.24
N MET L 241 -0.38 28.86 36.72
CA MET L 241 -0.46 30.29 36.42
C MET L 241 0.56 30.61 35.32
N ASP L 242 0.08 30.73 34.09
CA ASP L 242 0.95 31.05 32.96
C ASP L 242 1.50 32.47 33.08
N VAL L 243 0.62 33.43 33.32
CA VAL L 243 1.02 34.83 33.48
C VAL L 243 0.42 35.34 34.78
N TRP L 244 1.04 36.40 35.33
CA TRP L 244 0.64 36.96 36.61
C TRP L 244 0.44 38.46 36.45
N GLY L 245 -0.42 39.02 37.29
CA GLY L 245 -0.57 40.45 37.36
C GLY L 245 0.55 41.11 38.12
N GLN L 246 0.63 42.43 38.02
CA GLN L 246 1.72 43.18 38.63
C GLN L 246 1.67 43.14 40.16
N GLY L 247 0.49 42.96 40.73
CA GLY L 247 0.38 42.80 42.17
C GLY L 247 0.05 44.07 42.93
N THR L 248 -0.85 43.96 43.91
CA THR L 248 -1.22 45.06 44.78
C THR L 248 -0.90 44.68 46.22
N THR L 249 -0.25 45.58 46.95
CA THR L 249 0.14 45.34 48.32
C THR L 249 -0.89 45.96 49.27
N VAL L 250 -1.34 45.16 50.24
CA VAL L 250 -2.29 45.61 51.25
C VAL L 250 -1.66 45.39 52.63
N THR L 251 -1.88 46.35 53.53
CA THR L 251 -1.33 46.30 54.87
C THR L 251 -2.39 46.77 55.86
N VAL L 252 -2.49 46.05 56.98
CA VAL L 252 -3.41 46.42 58.06
C VAL L 252 -2.60 47.03 59.20
N SER L 253 -3.08 48.14 59.75
CA SER L 253 -2.38 48.86 60.80
C SER L 253 -2.93 48.45 62.16
N SER L 254 -2.05 47.97 63.03
CA SER L 254 -2.46 47.54 64.37
C SER L 254 -1.68 48.29 65.44
#